data_2YT7
#
_entry.id   2YT7
#
_entity_poly.entity_id   1
_entity_poly.type   'polypeptide(L)'
_entity_poly.pdbx_seq_one_letter_code
;GSSGSSGDNCREVHLEKRRGEGLGVALVESGWGSLLPTAVIANLLHGGPAERSGALSIGDRLTAINGTSLVGLPLAACQA
AVRETKSQTSVTLSIVHCPPV
;
_entity_poly.pdbx_strand_id   A
#
# COMPACT_ATOMS: atom_id res chain seq x y z
N GLY A 1 -20.71 -13.60 11.57
CA GLY A 1 -20.29 -13.10 12.86
C GLY A 1 -19.05 -12.22 12.77
N SER A 2 -18.47 -11.91 13.92
CA SER A 2 -17.27 -11.08 13.97
C SER A 2 -16.04 -11.85 13.48
N SER A 3 -15.72 -11.69 12.21
CA SER A 3 -14.57 -12.38 11.63
C SER A 3 -13.28 -11.96 12.32
N GLY A 4 -12.71 -12.87 13.10
CA GLY A 4 -11.47 -12.59 13.79
C GLY A 4 -10.70 -13.83 14.15
N SER A 5 -9.74 -14.20 13.31
CA SER A 5 -8.93 -15.39 13.54
C SER A 5 -7.58 -15.27 12.84
N SER A 6 -6.60 -16.04 13.31
CA SER A 6 -5.27 -16.02 12.74
C SER A 6 -5.30 -16.40 11.25
N GLY A 7 -5.29 -15.38 10.39
CA GLY A 7 -5.32 -15.63 8.96
C GLY A 7 -4.87 -14.42 8.16
N ASP A 8 -5.53 -13.29 8.39
CA ASP A 8 -5.20 -12.06 7.68
C ASP A 8 -4.45 -11.08 8.59
N ASN A 9 -3.17 -10.88 8.30
CA ASN A 9 -2.35 -9.97 9.10
C ASN A 9 -2.02 -8.71 8.30
N CYS A 10 -2.89 -7.71 8.39
CA CYS A 10 -2.70 -6.45 7.68
C CYS A 10 -3.26 -5.28 8.49
N ARG A 11 -3.16 -4.09 7.93
CA ARG A 11 -3.66 -2.89 8.60
C ARG A 11 -4.27 -1.92 7.59
N GLU A 12 -5.58 -1.67 7.73
CA GLU A 12 -6.27 -0.76 6.83
C GLU A 12 -6.03 0.69 7.21
N VAL A 13 -5.40 1.43 6.31
CA VAL A 13 -5.10 2.84 6.56
C VAL A 13 -5.75 3.73 5.51
N HIS A 14 -6.84 4.38 5.90
CA HIS A 14 -7.56 5.27 4.98
C HIS A 14 -6.97 6.69 5.04
N LEU A 15 -6.97 7.36 3.89
CA LEU A 15 -6.44 8.71 3.80
C LEU A 15 -7.42 9.63 3.07
N GLU A 16 -7.14 10.93 3.11
CA GLU A 16 -8.00 11.91 2.45
C GLU A 16 -7.16 12.88 1.61
N LYS A 17 -7.25 12.74 0.30
CA LYS A 17 -6.51 13.60 -0.62
C LYS A 17 -7.45 14.49 -1.41
N ARG A 18 -6.88 15.38 -2.22
CA ARG A 18 -7.68 16.29 -3.03
C ARG A 18 -7.81 15.77 -4.46
N ARG A 19 -9.01 15.89 -5.02
CA ARG A 19 -9.26 15.43 -6.38
C ARG A 19 -8.11 15.80 -7.30
N GLY A 20 -7.39 14.79 -7.78
CA GLY A 20 -6.26 15.03 -8.67
C GLY A 20 -5.00 15.38 -7.91
N GLU A 21 -4.86 14.85 -6.70
CA GLU A 21 -3.69 15.11 -5.88
C GLU A 21 -2.77 13.90 -5.83
N GLY A 22 -1.50 14.11 -6.18
CA GLY A 22 -0.54 13.02 -6.18
C GLY A 22 -0.52 12.28 -4.86
N LEU A 23 -0.83 10.99 -4.90
CA LEU A 23 -0.84 10.17 -3.70
C LEU A 23 0.43 10.37 -2.87
N GLY A 24 1.57 10.46 -3.58
CA GLY A 24 2.84 10.66 -2.90
C GLY A 24 3.43 9.35 -2.39
N VAL A 25 3.51 8.35 -3.26
CA VAL A 25 4.06 7.06 -2.89
C VAL A 25 4.92 6.49 -4.01
N ALA A 26 5.94 5.71 -3.64
CA ALA A 26 6.84 5.11 -4.61
C ALA A 26 7.08 3.63 -4.29
N LEU A 27 6.53 2.76 -5.12
CA LEU A 27 6.68 1.32 -4.92
C LEU A 27 7.65 0.74 -5.94
N VAL A 28 8.23 -0.41 -5.61
CA VAL A 28 9.17 -1.08 -6.50
C VAL A 28 8.95 -2.59 -6.50
N GLU A 29 9.72 -3.29 -7.32
CA GLU A 29 9.61 -4.74 -7.42
C GLU A 29 10.49 -5.43 -6.38
N SER A 30 9.89 -6.34 -5.62
CA SER A 30 10.63 -7.07 -4.59
C SER A 30 10.72 -8.55 -4.92
N GLY A 31 11.82 -9.18 -4.52
CA GLY A 31 12.01 -10.59 -4.78
C GLY A 31 11.62 -11.46 -3.61
N TRP A 32 12.06 -11.06 -2.41
CA TRP A 32 11.76 -11.80 -1.20
C TRP A 32 10.33 -12.35 -1.23
N GLY A 33 10.16 -13.58 -0.75
CA GLY A 33 8.84 -14.20 -0.74
C GLY A 33 8.91 -15.72 -0.75
N SER A 34 7.92 -16.34 -1.37
CA SER A 34 7.87 -17.80 -1.45
C SER A 34 7.55 -18.27 -2.87
N LEU A 35 6.45 -17.75 -3.42
CA LEU A 35 6.04 -18.12 -4.77
C LEU A 35 5.98 -16.88 -5.66
N LEU A 36 5.32 -15.83 -5.18
CA LEU A 36 5.19 -14.59 -5.93
C LEU A 36 5.81 -13.42 -5.17
N PRO A 37 6.22 -12.38 -5.91
CA PRO A 37 6.82 -11.18 -5.31
C PRO A 37 5.80 -10.35 -4.53
N THR A 38 6.29 -9.30 -3.87
CA THR A 38 5.42 -8.43 -3.08
C THR A 38 5.71 -6.96 -3.39
N ALA A 39 4.76 -6.10 -3.04
CA ALA A 39 4.91 -4.67 -3.28
C ALA A 39 5.55 -3.98 -2.08
N VAL A 40 6.76 -3.48 -2.27
CA VAL A 40 7.49 -2.80 -1.21
C VAL A 40 7.65 -1.32 -1.52
N ILE A 41 7.35 -0.47 -0.54
CA ILE A 41 7.46 0.97 -0.71
C ILE A 41 8.92 1.39 -0.83
N ALA A 42 9.31 1.80 -2.04
CA ALA A 42 10.67 2.24 -2.30
C ALA A 42 10.94 3.61 -1.69
N ASN A 43 10.03 4.55 -1.95
CA ASN A 43 10.17 5.90 -1.42
C ASN A 43 8.80 6.53 -1.17
N LEU A 44 8.78 7.58 -0.36
CA LEU A 44 7.53 8.28 -0.05
C LEU A 44 7.73 9.79 -0.07
N LEU A 45 6.72 10.50 -0.57
CA LEU A 45 6.79 11.95 -0.65
C LEU A 45 6.55 12.58 0.72
N HIS A 46 7.64 12.92 1.41
CA HIS A 46 7.55 13.53 2.73
C HIS A 46 6.69 14.79 2.69
N GLY A 47 5.38 14.62 2.84
CA GLY A 47 4.47 15.74 2.82
C GLY A 47 3.25 15.48 1.95
N GLY A 48 2.82 14.23 1.90
CA GLY A 48 1.66 13.88 1.10
C GLY A 48 0.52 13.32 1.92
N PRO A 49 -0.55 12.89 1.26
CA PRO A 49 -1.72 12.33 1.92
C PRO A 49 -1.45 10.96 2.53
N ALA A 50 -0.47 10.26 1.96
CA ALA A 50 -0.11 8.93 2.44
C ALA A 50 0.90 9.03 3.59
N GLU A 51 1.92 9.86 3.41
CA GLU A 51 2.94 10.05 4.42
C GLU A 51 2.37 10.74 5.65
N ARG A 52 1.62 11.81 5.45
CA ARG A 52 1.02 12.55 6.53
C ARG A 52 0.49 11.61 7.62
N SER A 53 0.15 10.39 7.21
CA SER A 53 -0.37 9.39 8.14
C SER A 53 0.63 9.11 9.25
N GLY A 54 1.90 8.93 8.86
CA GLY A 54 2.94 8.66 9.84
C GLY A 54 3.22 7.18 9.98
N ALA A 55 2.18 6.37 9.88
CA ALA A 55 2.33 4.92 10.00
C ALA A 55 3.00 4.33 8.76
N LEU A 56 2.49 4.69 7.59
CA LEU A 56 3.04 4.20 6.33
C LEU A 56 4.41 4.82 6.06
N SER A 57 5.45 4.00 6.13
CA SER A 57 6.81 4.47 5.89
C SER A 57 7.57 3.51 4.98
N ILE A 58 8.60 4.03 4.32
CA ILE A 58 9.40 3.21 3.41
C ILE A 58 9.68 1.84 4.01
N GLY A 59 9.43 0.80 3.21
CA GLY A 59 9.66 -0.56 3.68
C GLY A 59 8.39 -1.39 3.68
N ASP A 60 7.42 -0.98 4.49
CA ASP A 60 6.15 -1.70 4.59
C ASP A 60 5.74 -2.26 3.23
N ARG A 61 5.09 -3.42 3.25
CA ARG A 61 4.66 -4.07 2.02
C ARG A 61 3.16 -3.85 1.79
N LEU A 62 2.82 -3.32 0.63
CA LEU A 62 1.43 -3.04 0.29
C LEU A 62 0.73 -4.32 -0.18
N THR A 63 -0.57 -4.42 0.12
CA THR A 63 -1.35 -5.59 -0.28
C THR A 63 -2.43 -5.21 -1.28
N ALA A 64 -3.08 -4.07 -1.04
CA ALA A 64 -4.14 -3.59 -1.93
C ALA A 64 -4.36 -2.09 -1.76
N ILE A 65 -5.16 -1.52 -2.65
CA ILE A 65 -5.46 -0.10 -2.60
C ILE A 65 -6.92 0.18 -2.91
N ASN A 66 -7.63 0.76 -1.94
CA ASN A 66 -9.04 1.07 -2.10
C ASN A 66 -9.85 -0.19 -2.42
N GLY A 67 -9.33 -1.34 -1.99
CA GLY A 67 -10.00 -2.60 -2.23
C GLY A 67 -9.59 -3.24 -3.54
N THR A 68 -8.29 -3.23 -3.81
CA THR A 68 -7.76 -3.82 -5.04
C THR A 68 -6.61 -4.77 -4.74
N SER A 69 -6.95 -6.03 -4.47
CA SER A 69 -5.94 -7.04 -4.17
C SER A 69 -4.83 -7.03 -5.22
N LEU A 70 -3.72 -6.39 -4.88
CA LEU A 70 -2.57 -6.31 -5.79
C LEU A 70 -1.63 -7.49 -5.59
N VAL A 71 -1.66 -8.07 -4.39
CA VAL A 71 -0.81 -9.21 -4.06
C VAL A 71 -0.75 -10.19 -5.23
N GLY A 72 0.44 -10.34 -5.81
CA GLY A 72 0.60 -11.26 -6.92
C GLY A 72 0.89 -10.54 -8.23
N LEU A 73 0.20 -9.42 -8.44
CA LEU A 73 0.39 -8.63 -9.65
C LEU A 73 1.76 -7.99 -9.68
N PRO A 74 2.28 -7.74 -10.90
CA PRO A 74 3.59 -7.11 -11.10
C PRO A 74 3.60 -5.64 -10.67
N LEU A 75 4.78 -5.13 -10.37
CA LEU A 75 4.92 -3.73 -9.96
C LEU A 75 4.14 -2.80 -10.88
N ALA A 76 4.27 -3.03 -12.18
CA ALA A 76 3.57 -2.22 -13.18
C ALA A 76 2.11 -2.02 -12.78
N ALA A 77 1.41 -3.11 -12.53
CA ALA A 77 0.01 -3.06 -12.14
C ALA A 77 -0.20 -2.10 -10.96
N CYS A 78 0.57 -2.31 -9.90
CA CYS A 78 0.47 -1.47 -8.71
C CYS A 78 0.77 -0.02 -9.04
N GLN A 79 1.66 0.19 -10.00
CA GLN A 79 2.05 1.54 -10.42
C GLN A 79 0.92 2.20 -11.21
N ALA A 80 0.16 1.38 -11.93
CA ALA A 80 -0.94 1.89 -12.74
C ALA A 80 -2.20 2.09 -11.88
N ALA A 81 -2.35 1.25 -10.86
CA ALA A 81 -3.50 1.33 -9.98
C ALA A 81 -3.32 2.45 -8.95
N VAL A 82 -2.12 2.54 -8.39
CA VAL A 82 -1.82 3.57 -7.40
C VAL A 82 -1.99 4.97 -7.98
N ARG A 83 -1.85 5.08 -9.29
CA ARG A 83 -2.00 6.37 -9.97
C ARG A 83 -3.47 6.80 -10.00
N GLU A 84 -4.35 5.85 -10.33
CA GLU A 84 -5.78 6.14 -10.39
C GLU A 84 -6.22 6.96 -9.19
N THR A 85 -5.86 6.50 -8.00
CA THR A 85 -6.22 7.19 -6.76
C THR A 85 -6.08 8.70 -6.91
N LYS A 86 -5.04 9.12 -7.61
CA LYS A 86 -4.79 10.55 -7.83
C LYS A 86 -6.11 11.31 -7.97
N SER A 87 -6.94 10.88 -8.91
CA SER A 87 -8.23 11.51 -9.14
C SER A 87 -9.12 11.41 -7.92
N GLN A 88 -9.11 10.24 -7.29
CA GLN A 88 -9.92 10.02 -6.09
C GLN A 88 -9.45 10.88 -4.93
N THR A 89 -10.35 11.18 -4.02
CA THR A 89 -10.04 12.02 -2.86
C THR A 89 -9.76 11.16 -1.63
N SER A 90 -9.78 9.84 -1.82
CA SER A 90 -9.54 8.91 -0.72
C SER A 90 -8.54 7.83 -1.14
N VAL A 91 -7.87 7.25 -0.14
CA VAL A 91 -6.88 6.21 -0.41
C VAL A 91 -6.76 5.26 0.79
N THR A 92 -7.12 3.99 0.56
CA THR A 92 -7.05 3.00 1.62
C THR A 92 -5.88 2.04 1.39
N LEU A 93 -4.80 2.27 2.13
CA LEU A 93 -3.61 1.43 2.01
C LEU A 93 -3.61 0.32 3.06
N SER A 94 -3.36 -0.91 2.62
CA SER A 94 -3.33 -2.06 3.52
C SER A 94 -1.98 -2.76 3.47
N ILE A 95 -1.21 -2.62 4.54
CA ILE A 95 0.11 -3.23 4.63
C ILE A 95 0.12 -4.36 5.66
N VAL A 96 1.28 -4.99 5.83
CA VAL A 96 1.43 -6.08 6.78
C VAL A 96 1.82 -5.56 8.15
N HIS A 97 1.15 -6.05 9.19
CA HIS A 97 1.44 -5.64 10.55
C HIS A 97 2.02 -6.79 11.36
N CYS A 98 3.30 -7.06 11.15
CA CYS A 98 3.99 -8.14 11.86
C CYS A 98 4.44 -7.69 13.25
N PRO A 99 4.35 -8.59 14.23
CA PRO A 99 4.75 -8.31 15.61
C PRO A 99 6.26 -8.15 15.76
N PRO A 100 6.67 -7.31 16.72
CA PRO A 100 8.09 -7.04 16.98
C PRO A 100 8.80 -8.24 17.60
N VAL A 101 9.43 -9.04 16.75
CA VAL A 101 10.15 -10.23 17.21
C VAL A 101 11.09 -9.89 18.36
N GLY A 1 -22.79 -3.29 5.39
CA GLY A 1 -21.97 -3.40 6.58
C GLY A 1 -20.56 -3.87 6.26
N SER A 2 -19.85 -3.09 5.45
CA SER A 2 -18.49 -3.43 5.07
C SER A 2 -17.54 -3.27 6.25
N SER A 3 -17.15 -4.38 6.86
CA SER A 3 -16.25 -4.36 8.00
C SER A 3 -15.20 -5.46 7.89
N GLY A 4 -14.29 -5.50 8.86
CA GLY A 4 -13.25 -6.51 8.84
C GLY A 4 -13.80 -7.93 8.81
N SER A 5 -14.04 -8.49 10.00
CA SER A 5 -14.57 -9.84 10.10
C SER A 5 -13.58 -10.86 9.53
N SER A 6 -12.30 -10.61 9.75
CA SER A 6 -11.26 -11.50 9.25
C SER A 6 -10.18 -11.73 10.30
N GLY A 7 -9.65 -12.94 10.35
CA GLY A 7 -8.62 -13.28 11.32
C GLY A 7 -7.23 -13.31 10.70
N ASP A 8 -6.87 -12.25 9.99
CA ASP A 8 -5.56 -12.18 9.35
C ASP A 8 -4.74 -11.03 9.93
N ASN A 9 -3.53 -10.86 9.41
CA ASN A 9 -2.64 -9.80 9.87
C ASN A 9 -2.59 -8.66 8.87
N CYS A 10 -3.56 -7.76 8.94
CA CYS A 10 -3.62 -6.62 8.03
C CYS A 10 -4.01 -5.34 8.78
N ARG A 11 -3.62 -4.20 8.23
CA ARG A 11 -3.92 -2.92 8.85
C ARG A 11 -4.58 -1.97 7.85
N GLU A 12 -5.83 -1.60 8.12
CA GLU A 12 -6.57 -0.71 7.24
C GLU A 12 -6.23 0.75 7.53
N VAL A 13 -5.43 1.36 6.66
CA VAL A 13 -5.03 2.75 6.82
C VAL A 13 -5.69 3.63 5.76
N HIS A 14 -6.65 4.44 6.20
CA HIS A 14 -7.35 5.33 5.28
C HIS A 14 -6.62 6.67 5.17
N LEU A 15 -6.75 7.30 4.00
CA LEU A 15 -6.10 8.59 3.75
C LEU A 15 -7.04 9.54 3.04
N GLU A 16 -6.73 10.84 3.14
CA GLU A 16 -7.56 11.86 2.49
C GLU A 16 -6.72 12.71 1.54
N LYS A 17 -6.91 12.49 0.25
CA LYS A 17 -6.17 13.22 -0.77
C LYS A 17 -7.08 14.20 -1.51
N ARG A 18 -6.49 15.06 -2.33
CA ARG A 18 -7.26 16.04 -3.08
C ARG A 18 -7.36 15.64 -4.56
N ARG A 19 -8.58 15.58 -5.06
CA ARG A 19 -8.81 15.20 -6.45
C ARG A 19 -7.75 15.80 -7.35
N GLY A 20 -6.98 14.95 -8.02
CA GLY A 20 -5.93 15.41 -8.91
C GLY A 20 -4.62 15.64 -8.19
N GLU A 21 -4.44 14.95 -7.08
CA GLU A 21 -3.22 15.09 -6.29
C GLU A 21 -2.48 13.75 -6.20
N GLY A 22 -1.32 13.67 -6.85
CA GLY A 22 -0.54 12.45 -6.83
C GLY A 22 -0.51 11.80 -5.45
N LEU A 23 -1.00 10.58 -5.36
CA LEU A 23 -1.03 9.85 -4.09
C LEU A 23 0.21 10.16 -3.26
N GLY A 24 1.36 10.26 -3.94
CA GLY A 24 2.60 10.55 -3.25
C GLY A 24 3.22 9.32 -2.61
N VAL A 25 3.44 8.29 -3.43
CA VAL A 25 4.03 7.05 -2.95
C VAL A 25 4.88 6.38 -4.03
N ALA A 26 6.13 6.09 -3.69
CA ALA A 26 7.04 5.45 -4.64
C ALA A 26 7.26 3.98 -4.27
N LEU A 27 6.80 3.08 -5.14
CA LEU A 27 6.95 1.65 -4.91
C LEU A 27 7.96 1.04 -5.88
N VAL A 28 8.30 -0.22 -5.65
CA VAL A 28 9.25 -0.92 -6.51
C VAL A 28 8.85 -2.38 -6.70
N GLU A 29 9.68 -3.12 -7.42
CA GLU A 29 9.41 -4.53 -7.68
C GLU A 29 10.39 -5.42 -6.91
N SER A 30 9.87 -6.13 -5.91
CA SER A 30 10.70 -7.01 -5.10
C SER A 30 10.82 -8.39 -5.74
N GLY A 31 11.70 -9.22 -5.18
CA GLY A 31 11.89 -10.56 -5.71
C GLY A 31 12.40 -11.52 -4.66
N TRP A 32 13.23 -11.03 -3.75
CA TRP A 32 13.79 -11.86 -2.69
C TRP A 32 12.77 -12.89 -2.21
N GLY A 33 13.07 -14.17 -2.43
CA GLY A 33 12.17 -15.23 -2.00
C GLY A 33 11.89 -16.22 -3.11
N SER A 34 10.97 -17.14 -2.86
CA SER A 34 10.61 -18.16 -3.84
C SER A 34 9.25 -17.85 -4.46
N LEU A 35 8.26 -17.61 -3.61
CA LEU A 35 6.91 -17.30 -4.07
C LEU A 35 6.89 -16.00 -4.87
N LEU A 36 5.69 -15.57 -5.26
CA LEU A 36 5.53 -14.34 -6.03
C LEU A 36 6.10 -13.14 -5.27
N PRO A 37 6.40 -12.07 -5.99
CA PRO A 37 6.96 -10.85 -5.42
C PRO A 37 5.93 -10.10 -4.57
N THR A 38 6.38 -9.05 -3.89
CA THR A 38 5.50 -8.25 -3.05
C THR A 38 5.72 -6.76 -3.28
N ALA A 39 4.67 -5.97 -3.05
CA ALA A 39 4.75 -4.53 -3.24
C ALA A 39 5.39 -3.85 -2.03
N VAL A 40 6.53 -3.20 -2.26
CA VAL A 40 7.25 -2.51 -1.21
C VAL A 40 7.47 -1.04 -1.55
N ILE A 41 7.31 -0.17 -0.56
CA ILE A 41 7.50 1.26 -0.75
C ILE A 41 8.98 1.61 -0.87
N ALA A 42 9.39 2.06 -2.05
CA ALA A 42 10.78 2.44 -2.28
C ALA A 42 11.10 3.79 -1.66
N ASN A 43 10.24 4.77 -1.93
CA ASN A 43 10.42 6.12 -1.40
C ASN A 43 9.08 6.81 -1.20
N LEU A 44 9.08 7.87 -0.39
CA LEU A 44 7.86 8.62 -0.12
C LEU A 44 8.15 10.12 -0.08
N LEU A 45 7.11 10.92 -0.30
CA LEU A 45 7.26 12.38 -0.28
C LEU A 45 6.77 12.95 1.04
N HIS A 46 7.70 13.43 1.86
CA HIS A 46 7.37 14.01 3.15
C HIS A 46 6.40 15.17 2.99
N GLY A 47 5.10 14.86 2.93
CA GLY A 47 4.10 15.90 2.77
C GLY A 47 2.89 15.42 2.01
N GLY A 48 3.01 14.25 1.38
CA GLY A 48 1.91 13.71 0.61
C GLY A 48 0.75 13.29 1.49
N PRO A 49 -0.36 12.88 0.86
CA PRO A 49 -1.57 12.44 1.57
C PRO A 49 -1.38 11.12 2.29
N ALA A 50 -0.48 10.29 1.76
CA ALA A 50 -0.19 8.98 2.35
C ALA A 50 0.95 9.07 3.35
N GLU A 51 1.89 9.97 3.08
CA GLU A 51 3.04 10.16 3.96
C GLU A 51 2.65 10.92 5.22
N ARG A 52 1.71 11.86 5.06
CA ARG A 52 1.25 12.67 6.18
C ARG A 52 0.71 11.79 7.30
N SER A 53 0.23 10.61 6.94
CA SER A 53 -0.32 9.67 7.92
C SER A 53 0.67 9.43 9.06
N GLY A 54 1.95 9.24 8.69
CA GLY A 54 2.97 9.00 9.69
C GLY A 54 3.17 7.52 9.96
N ALA A 55 2.11 6.73 9.80
CA ALA A 55 2.19 5.29 10.04
C ALA A 55 2.83 4.58 8.85
N LEU A 56 2.52 5.06 7.65
CA LEU A 56 3.07 4.46 6.44
C LEU A 56 4.40 5.11 6.06
N SER A 57 5.48 4.32 6.16
CA SER A 57 6.82 4.80 5.84
C SER A 57 7.57 3.81 4.97
N ILE A 58 8.61 4.28 4.30
CA ILE A 58 9.41 3.43 3.44
C ILE A 58 9.63 2.06 4.07
N GLY A 59 9.34 1.01 3.31
CA GLY A 59 9.52 -0.34 3.81
C GLY A 59 8.22 -1.12 3.84
N ASP A 60 7.22 -0.59 4.51
CA ASP A 60 5.92 -1.25 4.62
C ASP A 60 5.51 -1.83 3.27
N ARG A 61 5.01 -3.06 3.30
CA ARG A 61 4.57 -3.74 2.09
C ARG A 61 3.08 -3.53 1.85
N LEU A 62 2.70 -3.31 0.59
CA LEU A 62 1.31 -3.09 0.23
C LEU A 62 0.67 -4.39 -0.25
N THR A 63 -0.56 -4.64 0.20
CA THR A 63 -1.29 -5.84 -0.19
C THR A 63 -2.34 -5.53 -1.24
N ALA A 64 -2.98 -4.37 -1.11
CA ALA A 64 -4.01 -3.95 -2.05
C ALA A 64 -4.31 -2.46 -1.92
N ILE A 65 -5.22 -1.97 -2.75
CA ILE A 65 -5.59 -0.56 -2.73
C ILE A 65 -7.09 -0.38 -2.93
N ASN A 66 -7.78 0.03 -1.87
CA ASN A 66 -9.22 0.25 -1.94
C ASN A 66 -9.95 -1.06 -2.26
N GLY A 67 -9.37 -2.18 -1.84
CA GLY A 67 -9.97 -3.47 -2.09
C GLY A 67 -9.55 -4.06 -3.43
N THR A 68 -8.27 -3.93 -3.75
CA THR A 68 -7.74 -4.45 -5.01
C THR A 68 -6.51 -5.32 -4.77
N SER A 69 -6.73 -6.60 -4.51
CA SER A 69 -5.63 -7.53 -4.26
C SER A 69 -4.52 -7.35 -5.29
N LEU A 70 -3.47 -6.64 -4.88
CA LEU A 70 -2.33 -6.37 -5.76
C LEU A 70 -1.26 -7.44 -5.59
N VAL A 71 -1.32 -8.16 -4.48
CA VAL A 71 -0.35 -9.22 -4.19
C VAL A 71 -0.32 -10.25 -5.31
N GLY A 72 0.81 -10.33 -6.00
CA GLY A 72 0.96 -11.28 -7.09
C GLY A 72 1.11 -10.60 -8.44
N LEU A 73 0.39 -9.50 -8.63
CA LEU A 73 0.45 -8.75 -9.88
C LEU A 73 1.81 -8.08 -10.06
N PRO A 74 2.16 -7.78 -11.31
CA PRO A 74 3.44 -7.14 -11.64
C PRO A 74 3.50 -5.69 -11.16
N LEU A 75 4.71 -5.19 -10.97
CA LEU A 75 4.90 -3.82 -10.51
C LEU A 75 4.03 -2.85 -11.31
N ALA A 76 4.05 -2.99 -12.63
CA ALA A 76 3.25 -2.14 -13.50
C ALA A 76 1.83 -1.96 -12.95
N ALA A 77 1.15 -3.07 -12.73
CA ALA A 77 -0.21 -3.04 -12.21
C ALA A 77 -0.31 -2.13 -10.99
N CYS A 78 0.65 -2.26 -10.08
CA CYS A 78 0.67 -1.45 -8.87
C CYS A 78 0.92 0.02 -9.20
N GLN A 79 1.85 0.26 -10.12
CA GLN A 79 2.18 1.62 -10.52
C GLN A 79 1.00 2.29 -11.22
N ALA A 80 0.17 1.48 -11.86
CA ALA A 80 -1.01 1.99 -12.57
C ALA A 80 -2.17 2.19 -11.61
N ALA A 81 -2.35 1.26 -10.68
CA ALA A 81 -3.43 1.34 -9.71
C ALA A 81 -3.15 2.42 -8.68
N VAL A 82 -1.89 2.58 -8.31
CA VAL A 82 -1.50 3.58 -7.32
C VAL A 82 -1.52 4.98 -7.93
N ARG A 83 -1.44 5.05 -9.26
CA ARG A 83 -1.46 6.32 -9.95
C ARG A 83 -2.88 6.75 -10.27
N GLU A 84 -3.71 5.79 -10.64
CA GLU A 84 -5.11 6.07 -10.98
C GLU A 84 -5.84 6.66 -9.77
N THR A 85 -5.32 6.39 -8.58
CA THR A 85 -5.93 6.90 -7.35
C THR A 85 -5.76 8.40 -7.23
N LYS A 86 -4.95 8.98 -8.11
CA LYS A 86 -4.71 10.42 -8.11
C LYS A 86 -6.01 11.19 -8.29
N SER A 87 -7.05 10.49 -8.74
CA SER A 87 -8.35 11.11 -8.96
C SER A 87 -9.17 11.14 -7.67
N GLN A 88 -9.41 9.95 -7.11
CA GLN A 88 -10.18 9.83 -5.88
C GLN A 88 -9.57 10.69 -4.78
N THR A 89 -10.40 11.09 -3.83
CA THR A 89 -9.95 11.92 -2.71
C THR A 89 -9.70 11.07 -1.47
N SER A 90 -9.96 9.77 -1.57
CA SER A 90 -9.77 8.85 -0.46
C SER A 90 -9.04 7.59 -0.92
N VAL A 91 -8.19 7.06 -0.04
CA VAL A 91 -7.43 5.85 -0.35
C VAL A 91 -7.14 5.04 0.91
N THR A 92 -7.41 3.75 0.85
CA THR A 92 -7.17 2.87 1.99
C THR A 92 -6.06 1.87 1.70
N LEU A 93 -4.92 2.05 2.37
CA LEU A 93 -3.77 1.17 2.17
C LEU A 93 -3.81 0.01 3.17
N SER A 94 -3.53 -1.19 2.68
CA SER A 94 -3.52 -2.37 3.53
C SER A 94 -2.14 -3.03 3.55
N ILE A 95 -1.49 -2.97 4.70
CA ILE A 95 -0.16 -3.56 4.86
C ILE A 95 -0.15 -4.59 5.97
N VAL A 96 0.90 -5.41 5.99
CA VAL A 96 1.04 -6.46 7.01
C VAL A 96 1.79 -5.95 8.23
N HIS A 97 1.06 -5.73 9.32
CA HIS A 97 1.67 -5.24 10.55
C HIS A 97 2.90 -6.07 10.92
N CYS A 98 3.67 -5.57 11.89
CA CYS A 98 4.87 -6.26 12.34
C CYS A 98 5.30 -5.78 13.72
N PRO A 99 5.86 -6.70 14.52
CA PRO A 99 6.31 -6.40 15.88
C PRO A 99 7.55 -5.50 15.88
N PRO A 100 7.66 -4.67 16.93
CA PRO A 100 8.80 -3.74 17.09
C PRO A 100 10.10 -4.46 17.38
N VAL A 101 11.09 -4.27 16.51
CA VAL A 101 12.39 -4.90 16.68
C VAL A 101 13.31 -4.06 17.56
N GLY A 1 -19.12 -18.80 0.39
CA GLY A 1 -20.29 -18.79 1.24
C GLY A 1 -19.99 -19.31 2.63
N SER A 2 -19.43 -18.45 3.48
CA SER A 2 -19.09 -18.85 4.84
C SER A 2 -19.09 -17.63 5.76
N SER A 3 -19.77 -17.75 6.89
CA SER A 3 -19.85 -16.67 7.86
C SER A 3 -18.62 -16.64 8.76
N GLY A 4 -17.54 -16.06 8.26
CA GLY A 4 -16.31 -15.99 9.03
C GLY A 4 -15.10 -16.41 8.22
N SER A 5 -14.39 -17.43 8.70
CA SER A 5 -13.20 -17.93 8.03
C SER A 5 -12.18 -16.80 7.83
N SER A 6 -12.02 -15.97 8.85
CA SER A 6 -11.08 -14.86 8.80
C SER A 6 -10.23 -14.80 10.05
N GLY A 7 -8.98 -14.36 9.90
CA GLY A 7 -8.08 -14.26 11.04
C GLY A 7 -6.64 -14.04 10.62
N ASP A 8 -6.40 -12.94 9.90
CA ASP A 8 -5.06 -12.61 9.44
C ASP A 8 -4.64 -11.22 9.93
N ASN A 9 -3.38 -11.10 10.33
CA ASN A 9 -2.87 -9.82 10.82
C ASN A 9 -2.79 -8.80 9.69
N CYS A 10 -3.92 -8.20 9.37
CA CYS A 10 -3.98 -7.19 8.31
C CYS A 10 -4.10 -5.78 8.89
N ARG A 11 -3.68 -4.79 8.11
CA ARG A 11 -3.74 -3.41 8.55
C ARG A 11 -4.60 -2.57 7.60
N GLU A 12 -5.30 -1.59 8.15
CA GLU A 12 -6.16 -0.72 7.36
C GLU A 12 -5.91 0.75 7.69
N VAL A 13 -5.20 1.44 6.80
CA VAL A 13 -4.89 2.86 7.02
C VAL A 13 -5.54 3.71 5.94
N HIS A 14 -6.53 4.50 6.32
CA HIS A 14 -7.24 5.37 5.39
C HIS A 14 -6.50 6.69 5.22
N LEU A 15 -6.60 7.28 4.04
CA LEU A 15 -5.95 8.55 3.75
C LEU A 15 -6.90 9.52 3.08
N GLU A 16 -6.54 10.80 3.08
CA GLU A 16 -7.37 11.84 2.46
C GLU A 16 -6.55 12.67 1.48
N LYS A 17 -6.81 12.48 0.19
CA LYS A 17 -6.09 13.22 -0.85
C LYS A 17 -7.04 14.19 -1.56
N ARG A 18 -6.49 14.98 -2.46
CA ARG A 18 -7.27 15.95 -3.22
C ARG A 18 -7.45 15.51 -4.67
N ARG A 19 -8.67 15.61 -5.16
CA ARG A 19 -8.98 15.21 -6.53
C ARG A 19 -7.88 15.69 -7.48
N GLY A 20 -7.23 14.73 -8.15
CA GLY A 20 -6.18 15.07 -9.08
C GLY A 20 -4.87 15.36 -8.39
N GLU A 21 -4.68 14.79 -7.20
CA GLU A 21 -3.47 14.99 -6.43
C GLU A 21 -2.66 13.70 -6.34
N GLY A 22 -1.55 13.65 -7.09
CA GLY A 22 -0.71 12.48 -7.07
C GLY A 22 -0.61 11.84 -5.70
N LEU A 23 -0.97 10.56 -5.61
CA LEU A 23 -0.92 9.84 -4.35
C LEU A 23 0.37 10.13 -3.59
N GLY A 24 1.46 10.31 -4.34
CA GLY A 24 2.74 10.60 -3.73
C GLY A 24 3.34 9.39 -3.04
N VAL A 25 3.59 8.34 -3.81
CA VAL A 25 4.17 7.12 -3.28
C VAL A 25 5.10 6.45 -4.29
N ALA A 26 6.32 6.17 -3.86
CA ALA A 26 7.31 5.53 -4.73
C ALA A 26 7.49 4.06 -4.37
N LEU A 27 7.00 3.18 -5.24
CA LEU A 27 7.11 1.75 -5.01
C LEU A 27 8.18 1.13 -5.89
N VAL A 28 8.48 -0.14 -5.67
CA VAL A 28 9.48 -0.85 -6.46
C VAL A 28 9.17 -2.34 -6.53
N GLU A 29 10.06 -3.09 -7.18
CA GLU A 29 9.87 -4.53 -7.33
C GLU A 29 10.55 -5.29 -6.19
N SER A 30 9.83 -6.25 -5.62
CA SER A 30 10.36 -7.05 -4.51
C SER A 30 10.18 -8.54 -4.79
N GLY A 31 10.54 -9.35 -3.80
CA GLY A 31 10.41 -10.80 -3.95
C GLY A 31 11.68 -11.53 -3.56
N TRP A 32 12.25 -11.16 -2.43
CA TRP A 32 13.47 -11.79 -1.94
C TRP A 32 13.41 -13.30 -2.12
N GLY A 33 12.49 -13.95 -1.42
CA GLY A 33 12.34 -15.38 -1.52
C GLY A 33 10.91 -15.81 -1.70
N SER A 34 10.22 -15.21 -2.67
CA SER A 34 8.82 -15.53 -2.94
C SER A 34 8.58 -15.64 -4.44
N LEU A 35 7.82 -16.66 -4.83
CA LEU A 35 7.50 -16.88 -6.24
C LEU A 35 6.98 -15.60 -6.88
N LEU A 36 6.07 -14.92 -6.20
CA LEU A 36 5.49 -13.69 -6.70
C LEU A 36 6.02 -12.48 -5.93
N PRO A 37 6.22 -11.36 -6.65
CA PRO A 37 6.72 -10.12 -6.04
C PRO A 37 5.71 -9.47 -5.11
N THR A 38 6.13 -8.41 -4.44
CA THR A 38 5.26 -7.70 -3.51
C THR A 38 5.39 -6.19 -3.68
N ALA A 39 4.38 -5.46 -3.23
CA ALA A 39 4.39 -4.00 -3.34
C ALA A 39 5.11 -3.38 -2.15
N VAL A 40 6.32 -2.90 -2.39
CA VAL A 40 7.12 -2.26 -1.34
C VAL A 40 7.39 -0.80 -1.66
N ILE A 41 7.29 0.05 -0.64
CA ILE A 41 7.52 1.47 -0.81
C ILE A 41 9.01 1.79 -0.81
N ALA A 42 9.53 2.19 -1.97
CA ALA A 42 10.94 2.54 -2.11
C ALA A 42 11.23 3.92 -1.54
N ASN A 43 10.34 4.87 -1.83
CA ASN A 43 10.51 6.25 -1.35
C ASN A 43 9.15 6.92 -1.18
N LEU A 44 9.11 7.95 -0.35
CA LEU A 44 7.88 8.69 -0.10
C LEU A 44 8.14 10.19 -0.08
N LEU A 45 7.19 10.96 -0.60
CA LEU A 45 7.32 12.42 -0.64
C LEU A 45 6.80 13.04 0.65
N HIS A 46 7.71 13.41 1.55
CA HIS A 46 7.35 14.02 2.81
C HIS A 46 6.36 15.17 2.60
N GLY A 47 5.08 14.87 2.81
CA GLY A 47 4.06 15.89 2.63
C GLY A 47 2.86 15.38 1.84
N GLY A 48 3.01 14.21 1.25
CA GLY A 48 1.93 13.63 0.46
C GLY A 48 0.76 13.19 1.32
N PRO A 49 -0.35 12.80 0.67
CA PRO A 49 -1.55 12.35 1.37
C PRO A 49 -1.37 11.01 2.05
N ALA A 50 -0.41 10.23 1.56
CA ALA A 50 -0.13 8.91 2.13
C ALA A 50 0.97 9.00 3.18
N GLU A 51 1.89 9.93 2.99
CA GLU A 51 3.00 10.12 3.93
C GLU A 51 2.58 10.98 5.12
N ARG A 52 1.78 12.00 4.84
CA ARG A 52 1.30 12.91 5.88
C ARG A 52 0.88 12.13 7.12
N SER A 53 0.18 11.02 6.91
CA SER A 53 -0.29 10.19 8.01
C SER A 53 0.83 9.99 9.04
N GLY A 54 2.03 9.71 8.57
CA GLY A 54 3.16 9.50 9.45
C GLY A 54 3.37 8.03 9.79
N ALA A 55 2.27 7.29 9.88
CA ALA A 55 2.33 5.86 10.19
C ALA A 55 2.89 5.07 9.02
N LEU A 56 2.62 5.54 7.80
CA LEU A 56 3.10 4.87 6.60
C LEU A 56 4.46 5.41 6.19
N SER A 57 5.48 4.55 6.26
CA SER A 57 6.84 4.95 5.89
C SER A 57 7.46 3.92 4.95
N ILE A 58 8.59 4.28 4.35
CA ILE A 58 9.29 3.39 3.44
C ILE A 58 9.44 1.99 4.03
N GLY A 59 9.13 0.98 3.23
CA GLY A 59 9.24 -0.39 3.70
C GLY A 59 7.90 -1.11 3.72
N ASP A 60 6.93 -0.50 4.38
CA ASP A 60 5.59 -1.09 4.47
C ASP A 60 5.18 -1.71 3.15
N ARG A 61 4.74 -2.96 3.20
CA ARG A 61 4.32 -3.68 2.00
C ARG A 61 2.81 -3.56 1.81
N LEU A 62 2.38 -3.24 0.59
CA LEU A 62 0.97 -3.11 0.28
C LEU A 62 0.43 -4.36 -0.40
N THR A 63 -0.80 -4.73 -0.07
CA THR A 63 -1.42 -5.91 -0.65
C THR A 63 -2.62 -5.54 -1.52
N ALA A 64 -3.39 -4.58 -1.05
CA ALA A 64 -4.57 -4.12 -1.79
C ALA A 64 -4.78 -2.62 -1.61
N ILE A 65 -5.58 -2.03 -2.50
CA ILE A 65 -5.85 -0.60 -2.44
C ILE A 65 -7.35 -0.34 -2.26
N ASN A 66 -7.74 0.00 -1.05
CA ASN A 66 -9.15 0.27 -0.75
C ASN A 66 -10.06 -0.80 -1.35
N GLY A 67 -9.50 -1.99 -1.53
CA GLY A 67 -10.27 -3.09 -2.09
C GLY A 67 -9.57 -3.76 -3.25
N THR A 68 -8.83 -2.97 -4.02
CA THR A 68 -8.11 -3.49 -5.18
C THR A 68 -6.94 -4.37 -4.73
N SER A 69 -7.17 -5.68 -4.70
CA SER A 69 -6.14 -6.62 -4.28
C SER A 69 -5.05 -6.73 -5.34
N LEU A 70 -3.87 -6.24 -5.01
CA LEU A 70 -2.74 -6.28 -5.93
C LEU A 70 -1.86 -7.52 -5.68
N VAL A 71 -1.80 -7.93 -4.42
CA VAL A 71 -1.01 -9.10 -4.04
C VAL A 71 -1.08 -10.19 -5.11
N GLY A 72 0.00 -10.34 -5.88
CA GLY A 72 0.03 -11.34 -6.92
C GLY A 72 0.09 -10.73 -8.31
N LEU A 73 0.53 -9.48 -8.38
CA LEU A 73 0.62 -8.77 -9.66
C LEU A 73 1.97 -8.06 -9.79
N PRO A 74 2.39 -7.81 -11.03
CA PRO A 74 3.66 -7.14 -11.32
C PRO A 74 3.64 -5.67 -10.93
N LEU A 75 4.80 -5.14 -10.59
CA LEU A 75 4.93 -3.74 -10.19
C LEU A 75 4.11 -2.84 -11.11
N ALA A 76 4.20 -3.10 -12.41
CA ALA A 76 3.47 -2.31 -13.40
C ALA A 76 2.01 -2.12 -12.97
N ALA A 77 1.36 -3.21 -12.58
CA ALA A 77 -0.03 -3.16 -12.15
C ALA A 77 -0.21 -2.16 -11.01
N CYS A 78 0.57 -2.34 -9.94
CA CYS A 78 0.49 -1.46 -8.79
C CYS A 78 0.83 -0.03 -9.17
N GLN A 79 1.67 0.13 -10.18
CA GLN A 79 2.08 1.45 -10.65
C GLN A 79 0.94 2.12 -11.41
N ALA A 80 0.16 1.33 -12.12
CA ALA A 80 -0.96 1.86 -12.90
C ALA A 80 -2.16 2.15 -11.99
N ALA A 81 -2.33 1.34 -10.96
CA ALA A 81 -3.44 1.50 -10.03
C ALA A 81 -3.14 2.60 -9.01
N VAL A 82 -1.91 2.60 -8.49
CA VAL A 82 -1.50 3.59 -7.51
C VAL A 82 -1.66 5.00 -8.05
N ARG A 83 -1.49 5.14 -9.36
CA ARG A 83 -1.62 6.44 -10.01
C ARG A 83 -3.09 6.82 -10.20
N GLU A 84 -3.90 5.83 -10.55
CA GLU A 84 -5.33 6.06 -10.77
C GLU A 84 -5.97 6.68 -9.53
N THR A 85 -5.55 6.23 -8.36
CA THR A 85 -6.08 6.74 -7.10
C THR A 85 -5.94 8.26 -7.02
N LYS A 86 -5.13 8.82 -7.90
CA LYS A 86 -4.91 10.26 -7.94
C LYS A 86 -6.24 11.01 -8.02
N SER A 87 -7.25 10.34 -8.55
CA SER A 87 -8.58 10.95 -8.68
C SER A 87 -9.32 10.94 -7.35
N GLN A 88 -9.63 9.75 -6.85
CA GLN A 88 -10.34 9.61 -5.59
C GLN A 88 -9.63 10.39 -4.48
N THR A 89 -10.41 11.09 -3.67
CA THR A 89 -9.86 11.88 -2.57
C THR A 89 -9.65 11.01 -1.33
N SER A 90 -9.92 9.72 -1.47
CA SER A 90 -9.75 8.78 -0.36
C SER A 90 -9.04 7.52 -0.81
N VAL A 91 -8.10 7.05 0.01
CA VAL A 91 -7.34 5.84 -0.30
C VAL A 91 -7.01 5.06 0.97
N THR A 92 -7.32 3.77 0.95
CA THR A 92 -7.05 2.91 2.10
C THR A 92 -5.97 1.89 1.77
N LEU A 93 -4.82 2.01 2.43
CA LEU A 93 -3.71 1.10 2.21
C LEU A 93 -3.83 -0.13 3.11
N SER A 94 -3.46 -1.29 2.57
CA SER A 94 -3.53 -2.54 3.32
C SER A 94 -2.16 -3.20 3.40
N ILE A 95 -1.62 -3.31 4.60
CA ILE A 95 -0.31 -3.93 4.80
C ILE A 95 -0.38 -5.02 5.86
N VAL A 96 0.73 -5.73 6.04
CA VAL A 96 0.79 -6.81 7.03
C VAL A 96 1.43 -6.32 8.33
N HIS A 97 0.59 -6.11 9.34
CA HIS A 97 1.06 -5.64 10.64
C HIS A 97 1.12 -6.80 11.64
N CYS A 98 2.33 -7.26 11.92
CA CYS A 98 2.53 -8.36 12.86
C CYS A 98 3.35 -7.91 14.06
N PRO A 99 3.11 -8.54 15.22
CA PRO A 99 3.80 -8.23 16.47
C PRO A 99 5.26 -8.65 16.44
N PRO A 100 6.12 -7.89 17.14
CA PRO A 100 7.55 -8.17 17.21
C PRO A 100 7.86 -9.43 18.01
N VAL A 101 8.73 -10.28 17.46
CA VAL A 101 9.11 -11.52 18.11
C VAL A 101 10.52 -11.43 18.68
N GLY A 1 -15.08 -12.81 23.77
CA GLY A 1 -15.00 -13.35 22.42
C GLY A 1 -13.94 -14.42 22.28
N SER A 2 -13.84 -15.01 21.10
CA SER A 2 -12.86 -16.05 20.84
C SER A 2 -11.79 -15.56 19.87
N SER A 3 -10.53 -15.55 20.33
CA SER A 3 -9.42 -15.11 19.50
C SER A 3 -9.06 -16.17 18.46
N GLY A 4 -9.77 -16.15 17.34
CA GLY A 4 -9.51 -17.12 16.28
C GLY A 4 -9.43 -16.47 14.91
N SER A 5 -8.21 -16.18 14.47
CA SER A 5 -7.99 -15.55 13.17
C SER A 5 -7.12 -16.42 12.28
N SER A 6 -7.69 -16.88 11.17
CA SER A 6 -6.96 -17.73 10.23
C SER A 6 -5.94 -16.91 9.44
N GLY A 7 -4.75 -16.76 10.01
CA GLY A 7 -3.70 -16.00 9.35
C GLY A 7 -4.20 -14.70 8.77
N ASP A 8 -4.78 -13.86 9.63
CA ASP A 8 -5.31 -12.57 9.20
C ASP A 8 -4.58 -11.43 9.88
N ASN A 9 -3.48 -11.00 9.27
CA ASN A 9 -2.68 -9.90 9.81
C ASN A 9 -2.53 -8.77 8.80
N CYS A 10 -3.43 -7.79 8.90
CA CYS A 10 -3.41 -6.65 7.99
C CYS A 10 -3.79 -5.37 8.73
N ARG A 11 -3.31 -4.23 8.22
CA ARG A 11 -3.59 -2.94 8.82
C ARG A 11 -4.34 -2.03 7.85
N GLU A 12 -5.54 -1.61 8.25
CA GLU A 12 -6.36 -0.74 7.42
C GLU A 12 -6.07 0.73 7.72
N VAL A 13 -5.37 1.39 6.80
CA VAL A 13 -5.02 2.80 6.95
C VAL A 13 -5.70 3.66 5.90
N HIS A 14 -6.70 4.43 6.33
CA HIS A 14 -7.43 5.30 5.41
C HIS A 14 -6.74 6.65 5.28
N LEU A 15 -6.58 7.11 4.04
CA LEU A 15 -5.94 8.39 3.77
C LEU A 15 -6.90 9.35 3.08
N GLU A 16 -6.55 10.64 3.09
CA GLU A 16 -7.39 11.66 2.47
C GLU A 16 -6.56 12.54 1.54
N LYS A 17 -6.76 12.35 0.23
CA LYS A 17 -6.04 13.12 -0.77
C LYS A 17 -6.97 14.10 -1.47
N ARG A 18 -6.39 14.97 -2.29
CA ARG A 18 -7.18 15.97 -3.02
C ARG A 18 -7.37 15.54 -4.47
N ARG A 19 -8.62 15.64 -4.94
CA ARG A 19 -8.94 15.26 -6.32
C ARG A 19 -7.92 15.82 -7.29
N GLY A 20 -7.23 14.92 -8.00
CA GLY A 20 -6.23 15.35 -8.97
C GLY A 20 -4.87 15.59 -8.33
N GLU A 21 -4.61 14.89 -7.22
CA GLU A 21 -3.34 15.03 -6.52
C GLU A 21 -2.59 13.71 -6.48
N GLY A 22 -1.47 13.65 -7.21
CA GLY A 22 -0.68 12.44 -7.24
C GLY A 22 -0.56 11.78 -5.88
N LEU A 23 -0.99 10.51 -5.80
CA LEU A 23 -0.92 9.77 -4.55
C LEU A 23 0.37 10.07 -3.79
N GLY A 24 1.45 10.25 -4.54
CA GLY A 24 2.74 10.55 -3.93
C GLY A 24 3.30 9.36 -3.18
N VAL A 25 3.51 8.25 -3.90
CA VAL A 25 4.05 7.04 -3.30
C VAL A 25 4.96 6.30 -4.27
N ALA A 26 6.16 5.96 -3.83
CA ALA A 26 7.11 5.24 -4.66
C ALA A 26 7.22 3.78 -4.24
N LEU A 27 6.70 2.89 -5.08
CA LEU A 27 6.74 1.46 -4.80
C LEU A 27 7.84 0.77 -5.60
N VAL A 28 8.07 -0.50 -5.30
CA VAL A 28 9.10 -1.27 -5.99
C VAL A 28 8.81 -2.77 -5.92
N GLU A 29 9.65 -3.56 -6.56
CA GLU A 29 9.49 -5.01 -6.56
C GLU A 29 10.49 -5.66 -5.61
N SER A 30 9.97 -6.43 -4.64
CA SER A 30 10.81 -7.11 -3.67
C SER A 30 10.17 -8.42 -3.23
N GLY A 31 11.00 -9.37 -2.81
CA GLY A 31 10.51 -10.65 -2.37
C GLY A 31 11.61 -11.56 -1.86
N TRP A 32 11.67 -11.75 -0.54
CA TRP A 32 12.69 -12.59 0.07
C TRP A 32 12.86 -13.88 -0.72
N GLY A 33 11.75 -14.55 -1.01
CA GLY A 33 11.80 -15.80 -1.76
C GLY A 33 11.39 -15.62 -3.21
N SER A 34 11.74 -16.60 -4.05
CA SER A 34 11.41 -16.55 -5.46
C SER A 34 10.06 -17.22 -5.73
N LEU A 35 9.10 -16.96 -4.86
CA LEU A 35 7.76 -17.54 -5.00
C LEU A 35 6.80 -16.53 -5.62
N LEU A 36 6.57 -15.42 -4.93
CA LEU A 36 5.67 -14.39 -5.41
C LEU A 36 6.18 -13.00 -5.03
N PRO A 37 6.07 -12.05 -5.97
CA PRO A 37 6.52 -10.67 -5.75
C PRO A 37 5.63 -9.92 -4.76
N THR A 38 6.20 -8.90 -4.12
CA THR A 38 5.46 -8.11 -3.14
C THR A 38 5.68 -6.62 -3.37
N ALA A 39 4.61 -5.84 -3.18
CA ALA A 39 4.68 -4.39 -3.36
C ALA A 39 5.28 -3.71 -2.13
N VAL A 40 6.54 -3.31 -2.25
CA VAL A 40 7.23 -2.64 -1.15
C VAL A 40 7.47 -1.17 -1.46
N ILE A 41 7.13 -0.30 -0.52
CA ILE A 41 7.31 1.13 -0.70
C ILE A 41 8.79 1.49 -0.75
N ALA A 42 9.26 1.91 -1.93
CA ALA A 42 10.64 2.30 -2.12
C ALA A 42 10.93 3.67 -1.50
N ASN A 43 10.02 4.60 -1.73
CA ASN A 43 10.16 5.96 -1.20
C ASN A 43 8.81 6.67 -1.13
N LEU A 44 8.69 7.61 -0.20
CA LEU A 44 7.46 8.37 -0.03
C LEU A 44 7.75 9.85 0.12
N LEU A 45 7.12 10.66 -0.73
CA LEU A 45 7.31 12.10 -0.69
C LEU A 45 6.87 12.68 0.65
N HIS A 46 7.85 12.93 1.51
CA HIS A 46 7.57 13.49 2.83
C HIS A 46 6.67 14.71 2.73
N GLY A 47 5.36 14.49 2.82
CA GLY A 47 4.41 15.59 2.73
C GLY A 47 3.18 15.23 1.93
N GLY A 48 3.17 14.02 1.38
CA GLY A 48 2.03 13.57 0.59
C GLY A 48 0.89 13.07 1.45
N PRO A 49 -0.21 12.66 0.80
CA PRO A 49 -1.40 12.15 1.49
C PRO A 49 -1.16 10.80 2.14
N ALA A 50 -0.38 9.96 1.46
CA ALA A 50 -0.07 8.62 1.97
C ALA A 50 1.06 8.68 2.99
N GLU A 51 1.83 9.77 2.97
CA GLU A 51 2.94 9.94 3.90
C GLU A 51 2.48 10.67 5.16
N ARG A 52 1.70 11.71 4.98
CA ARG A 52 1.20 12.49 6.10
C ARG A 52 0.65 11.58 7.20
N SER A 53 0.20 10.39 6.80
CA SER A 53 -0.35 9.43 7.74
C SER A 53 0.60 9.21 8.92
N GLY A 54 1.90 9.25 8.64
CA GLY A 54 2.89 9.05 9.68
C GLY A 54 3.15 7.59 9.97
N ALA A 55 2.17 6.74 9.67
CA ALA A 55 2.31 5.31 9.89
C ALA A 55 2.85 4.60 8.66
N LEU A 56 2.61 5.19 7.49
CA LEU A 56 3.08 4.62 6.23
C LEU A 56 4.36 5.30 5.77
N SER A 57 5.47 4.56 5.83
CA SER A 57 6.77 5.10 5.43
C SER A 57 7.49 4.11 4.52
N ILE A 58 8.74 4.45 4.17
CA ILE A 58 9.53 3.61 3.30
C ILE A 58 9.75 2.23 3.92
N GLY A 59 9.26 1.20 3.24
CA GLY A 59 9.41 -0.16 3.74
C GLY A 59 8.10 -0.92 3.77
N ASP A 60 7.09 -0.32 4.40
CA ASP A 60 5.77 -0.95 4.49
C ASP A 60 5.40 -1.64 3.18
N ARG A 61 4.98 -2.89 3.28
CA ARG A 61 4.60 -3.66 2.11
C ARG A 61 3.10 -3.56 1.85
N LEU A 62 2.73 -3.02 0.69
CA LEU A 62 1.33 -2.86 0.33
C LEU A 62 0.75 -4.16 -0.23
N THR A 63 -0.50 -4.44 0.09
CA THR A 63 -1.16 -5.65 -0.37
C THR A 63 -2.28 -5.32 -1.35
N ALA A 64 -2.98 -4.22 -1.09
CA ALA A 64 -4.09 -3.80 -1.95
C ALA A 64 -4.41 -2.32 -1.74
N ILE A 65 -5.27 -1.79 -2.60
CA ILE A 65 -5.65 -0.38 -2.50
C ILE A 65 -7.17 -0.23 -2.53
N ASN A 66 -7.76 0.02 -1.36
CA ASN A 66 -9.20 0.19 -1.25
C ASN A 66 -9.93 -0.96 -1.93
N GLY A 67 -9.28 -2.12 -2.01
CA GLY A 67 -9.88 -3.28 -2.62
C GLY A 67 -9.03 -3.85 -3.74
N THR A 68 -8.33 -2.97 -4.45
CA THR A 68 -7.46 -3.39 -5.56
C THR A 68 -6.34 -4.30 -5.06
N SER A 69 -6.53 -5.61 -5.23
CA SER A 69 -5.54 -6.58 -4.80
C SER A 69 -4.27 -6.47 -5.64
N LEU A 70 -3.14 -6.23 -4.98
CA LEU A 70 -1.86 -6.11 -5.66
C LEU A 70 -0.84 -7.09 -5.09
N VAL A 71 -1.33 -8.15 -4.47
CA VAL A 71 -0.47 -9.17 -3.88
C VAL A 71 -0.07 -10.21 -4.92
N GLY A 72 1.14 -10.07 -5.47
CA GLY A 72 1.62 -11.00 -6.46
C GLY A 72 1.45 -10.48 -7.88
N LEU A 73 1.51 -9.16 -8.03
CA LEU A 73 1.37 -8.54 -9.33
C LEU A 73 2.62 -7.76 -9.71
N PRO A 74 2.82 -7.56 -11.02
CA PRO A 74 3.98 -6.83 -11.54
C PRO A 74 3.94 -5.34 -11.20
N LEU A 75 5.10 -4.72 -11.05
CA LEU A 75 5.18 -3.30 -10.74
C LEU A 75 4.19 -2.50 -11.57
N ALA A 76 4.20 -2.73 -12.88
CA ALA A 76 3.30 -2.02 -13.78
C ALA A 76 1.91 -1.89 -13.18
N ALA A 77 1.32 -3.03 -12.80
CA ALA A 77 -0.01 -3.03 -12.21
C ALA A 77 -0.12 -2.00 -11.10
N CYS A 78 0.79 -2.08 -10.14
CA CYS A 78 0.78 -1.14 -9.01
C CYS A 78 1.04 0.28 -9.49
N GLN A 79 1.81 0.42 -10.56
CA GLN A 79 2.12 1.73 -11.11
C GLN A 79 0.93 2.30 -11.87
N ALA A 80 0.03 1.42 -12.29
CA ALA A 80 -1.16 1.84 -13.02
C ALA A 80 -2.31 2.16 -12.07
N ALA A 81 -2.43 1.37 -11.02
CA ALA A 81 -3.49 1.57 -10.03
C ALA A 81 -3.15 2.74 -9.10
N VAL A 82 -1.91 2.80 -8.66
CA VAL A 82 -1.47 3.87 -7.77
C VAL A 82 -1.68 5.24 -8.40
N ARG A 83 -1.68 5.27 -9.73
CA ARG A 83 -1.87 6.53 -10.46
C ARG A 83 -3.36 6.86 -10.57
N GLU A 84 -4.18 5.82 -10.68
CA GLU A 84 -5.63 6.01 -10.80
C GLU A 84 -6.19 6.74 -9.58
N THR A 85 -5.82 6.28 -8.40
CA THR A 85 -6.28 6.88 -7.15
C THR A 85 -6.11 8.39 -7.18
N LYS A 86 -5.23 8.87 -8.06
CA LYS A 86 -4.98 10.30 -8.19
C LYS A 86 -6.29 11.08 -8.24
N SER A 87 -7.36 10.42 -8.69
CA SER A 87 -8.66 11.05 -8.78
C SER A 87 -9.38 11.04 -7.43
N GLN A 88 -9.65 9.84 -6.92
CA GLN A 88 -10.32 9.68 -5.64
C GLN A 88 -9.59 10.45 -4.54
N THR A 89 -10.35 11.09 -3.67
CA THR A 89 -9.77 11.86 -2.57
C THR A 89 -9.58 10.99 -1.33
N SER A 90 -9.86 9.69 -1.48
CA SER A 90 -9.72 8.76 -0.37
C SER A 90 -9.01 7.49 -0.82
N VAL A 91 -8.02 7.05 -0.04
CA VAL A 91 -7.27 5.86 -0.36
C VAL A 91 -6.89 5.10 0.91
N THR A 92 -7.30 3.84 0.99
CA THR A 92 -7.00 2.99 2.14
C THR A 92 -5.89 1.99 1.83
N LEU A 93 -4.75 2.16 2.48
CA LEU A 93 -3.61 1.27 2.27
C LEU A 93 -3.65 0.10 3.25
N SER A 94 -3.44 -1.10 2.74
CA SER A 94 -3.46 -2.30 3.57
C SER A 94 -2.10 -2.99 3.55
N ILE A 95 -1.42 -3.00 4.70
CA ILE A 95 -0.10 -3.62 4.81
C ILE A 95 -0.06 -4.57 6.01
N VAL A 96 1.08 -5.24 6.17
CA VAL A 96 1.26 -6.17 7.27
C VAL A 96 1.93 -5.49 8.46
N HIS A 97 1.16 -5.29 9.53
CA HIS A 97 1.68 -4.64 10.74
C HIS A 97 3.11 -5.08 11.01
N CYS A 98 4.04 -4.14 10.85
CA CYS A 98 5.45 -4.43 11.08
C CYS A 98 6.05 -3.44 12.10
N PRO A 99 5.86 -3.75 13.39
CA PRO A 99 6.37 -2.91 14.48
C PRO A 99 7.88 -2.96 14.58
N PRO A 100 8.45 -2.04 15.38
CA PRO A 100 9.90 -1.95 15.59
C PRO A 100 10.44 -3.12 16.40
N VAL A 101 11.76 -3.19 16.54
CA VAL A 101 12.40 -4.26 17.29
C VAL A 101 12.75 -3.80 18.70
N GLY A 1 -11.88 -11.52 10.86
CA GLY A 1 -11.32 -11.60 12.20
C GLY A 1 -12.26 -12.27 13.17
N SER A 2 -11.72 -13.16 14.00
CA SER A 2 -12.53 -13.88 14.98
C SER A 2 -12.36 -13.27 16.37
N SER A 3 -13.40 -13.39 17.19
CA SER A 3 -13.37 -12.84 18.55
C SER A 3 -12.91 -13.90 19.54
N GLY A 4 -11.60 -13.93 19.80
CA GLY A 4 -11.05 -14.89 20.74
C GLY A 4 -9.54 -14.93 20.71
N SER A 5 -8.99 -16.08 20.32
CA SER A 5 -7.53 -16.25 20.25
C SER A 5 -7.04 -16.01 18.83
N SER A 6 -7.63 -16.71 17.87
CA SER A 6 -7.23 -16.57 16.47
C SER A 6 -7.18 -15.11 16.06
N GLY A 7 -6.62 -14.85 14.88
CA GLY A 7 -6.52 -13.49 14.39
C GLY A 7 -5.89 -13.41 13.01
N ASP A 8 -5.78 -12.20 12.49
CA ASP A 8 -5.19 -12.00 11.16
C ASP A 8 -4.19 -10.84 11.18
N ASN A 9 -3.19 -10.92 10.32
CA ASN A 9 -2.16 -9.87 10.24
C ASN A 9 -2.47 -8.91 9.10
N CYS A 10 -3.02 -7.76 9.44
CA CYS A 10 -3.36 -6.74 8.45
C CYS A 10 -3.75 -5.43 9.11
N ARG A 11 -3.64 -4.33 8.36
CA ARG A 11 -3.97 -3.02 8.89
C ARG A 11 -4.49 -2.11 7.78
N GLU A 12 -5.73 -1.66 7.91
CA GLU A 12 -6.35 -0.79 6.92
C GLU A 12 -6.14 0.68 7.30
N VAL A 13 -5.38 1.40 6.47
CA VAL A 13 -5.10 2.80 6.72
C VAL A 13 -5.71 3.68 5.61
N HIS A 14 -6.77 4.40 5.96
CA HIS A 14 -7.44 5.27 5.00
C HIS A 14 -6.88 6.68 5.07
N LEU A 15 -6.88 7.37 3.93
CA LEU A 15 -6.37 8.74 3.86
C LEU A 15 -7.34 9.65 3.11
N GLU A 16 -7.09 10.94 3.17
CA GLU A 16 -7.94 11.92 2.49
C GLU A 16 -7.11 12.89 1.66
N LYS A 17 -7.15 12.71 0.34
CA LYS A 17 -6.40 13.57 -0.58
C LYS A 17 -7.33 14.53 -1.31
N ARG A 18 -6.75 15.42 -2.10
CA ARG A 18 -7.52 16.40 -2.86
C ARG A 18 -7.70 15.93 -4.31
N ARG A 19 -8.93 15.97 -4.79
CA ARG A 19 -9.24 15.57 -6.16
C ARG A 19 -8.10 15.93 -7.10
N GLY A 20 -7.50 14.93 -7.73
CA GLY A 20 -6.39 15.17 -8.65
C GLY A 20 -5.11 15.52 -7.93
N GLU A 21 -4.88 14.90 -6.79
CA GLU A 21 -3.68 15.16 -6.01
C GLU A 21 -2.79 13.91 -5.94
N GLY A 22 -1.59 14.02 -6.52
CA GLY A 22 -0.67 12.90 -6.52
C GLY A 22 -0.63 12.18 -5.19
N LEU A 23 -0.86 10.88 -5.21
CA LEU A 23 -0.84 10.07 -3.99
C LEU A 23 0.46 10.27 -3.21
N GLY A 24 1.55 10.49 -3.95
CA GLY A 24 2.84 10.70 -3.32
C GLY A 24 3.37 9.43 -2.68
N VAL A 25 3.56 8.39 -3.48
CA VAL A 25 4.08 7.12 -2.98
C VAL A 25 4.96 6.44 -4.02
N ALA A 26 6.19 6.13 -3.63
CA ALA A 26 7.13 5.47 -4.52
C ALA A 26 7.28 4.00 -4.19
N LEU A 27 6.76 3.14 -5.06
CA LEU A 27 6.82 1.69 -4.86
C LEU A 27 7.85 1.05 -5.80
N VAL A 28 8.15 -0.22 -5.56
CA VAL A 28 9.10 -0.94 -6.38
C VAL A 28 8.78 -2.43 -6.41
N GLU A 29 9.53 -3.18 -7.23
CA GLU A 29 9.32 -4.62 -7.35
C GLU A 29 10.35 -5.39 -6.52
N SER A 30 9.88 -6.02 -5.45
CA SER A 30 10.75 -6.79 -4.58
C SER A 30 10.47 -8.29 -4.69
N GLY A 31 11.45 -9.10 -4.35
CA GLY A 31 11.29 -10.55 -4.42
C GLY A 31 12.59 -11.25 -4.75
N TRP A 32 12.75 -12.45 -4.19
CA TRP A 32 13.96 -13.24 -4.42
C TRP A 32 13.61 -14.64 -4.92
N GLY A 33 14.61 -15.36 -5.41
CA GLY A 33 14.38 -16.70 -5.91
C GLY A 33 13.17 -16.79 -6.82
N SER A 34 12.65 -18.00 -6.99
CA SER A 34 11.49 -18.22 -7.84
C SER A 34 10.20 -17.99 -7.06
N LEU A 35 9.80 -16.73 -6.95
CA LEU A 35 8.58 -16.37 -6.23
C LEU A 35 7.87 -15.22 -6.92
N LEU A 36 6.69 -14.87 -6.42
CA LEU A 36 5.90 -13.78 -6.98
C LEU A 36 6.32 -12.44 -6.38
N PRO A 37 6.29 -11.39 -7.20
CA PRO A 37 6.66 -10.04 -6.78
C PRO A 37 5.64 -9.43 -5.81
N THR A 38 6.10 -8.50 -4.98
CA THR A 38 5.23 -7.84 -4.01
C THR A 38 5.44 -6.34 -4.02
N ALA A 39 4.47 -5.61 -3.47
CA ALA A 39 4.53 -4.16 -3.41
C ALA A 39 5.27 -3.69 -2.17
N VAL A 40 6.30 -2.86 -2.38
CA VAL A 40 7.09 -2.34 -1.27
C VAL A 40 7.45 -0.87 -1.49
N ILE A 41 7.04 -0.03 -0.55
CA ILE A 41 7.32 1.40 -0.65
C ILE A 41 8.81 1.67 -0.68
N ALA A 42 9.32 2.04 -1.85
CA ALA A 42 10.74 2.34 -2.02
C ALA A 42 11.08 3.72 -1.48
N ASN A 43 10.20 4.68 -1.73
CA ASN A 43 10.41 6.05 -1.26
C ASN A 43 9.08 6.77 -1.07
N LEU A 44 9.08 7.76 -0.19
CA LEU A 44 7.87 8.54 0.09
C LEU A 44 8.16 10.03 0.07
N LEU A 45 7.14 10.82 -0.22
CA LEU A 45 7.27 12.27 -0.28
C LEU A 45 6.75 12.92 1.00
N HIS A 46 7.65 13.25 1.91
CA HIS A 46 7.28 13.88 3.17
C HIS A 46 6.37 15.07 2.93
N GLY A 47 5.06 14.81 2.87
CA GLY A 47 4.10 15.88 2.65
C GLY A 47 2.87 15.40 1.91
N GLY A 48 2.97 14.21 1.30
CA GLY A 48 1.84 13.67 0.56
C GLY A 48 0.71 13.25 1.47
N PRO A 49 -0.42 12.83 0.86
CA PRO A 49 -1.61 12.40 1.60
C PRO A 49 -1.39 11.08 2.32
N ALA A 50 -0.50 10.24 1.77
CA ALA A 50 -0.20 8.94 2.36
C ALA A 50 0.89 9.06 3.42
N GLU A 51 1.90 9.89 3.13
CA GLU A 51 3.01 10.09 4.05
C GLU A 51 2.57 10.92 5.25
N ARG A 52 1.89 12.03 4.99
CA ARG A 52 1.42 12.92 6.04
C ARG A 52 0.89 12.12 7.23
N SER A 53 0.26 10.98 6.94
CA SER A 53 -0.30 10.12 7.98
C SER A 53 0.73 9.89 9.09
N GLY A 54 1.95 9.57 8.70
CA GLY A 54 3.00 9.33 9.67
C GLY A 54 3.01 7.90 10.18
N ALA A 55 2.11 7.08 9.64
CA ALA A 55 2.01 5.68 10.03
C ALA A 55 2.62 4.77 8.99
N LEU A 56 2.56 5.20 7.73
CA LEU A 56 3.10 4.41 6.63
C LEU A 56 4.46 4.96 6.20
N SER A 57 5.49 4.12 6.31
CA SER A 57 6.84 4.51 5.94
C SER A 57 7.45 3.50 4.96
N ILE A 58 8.57 3.88 4.36
CA ILE A 58 9.26 3.01 3.41
C ILE A 58 9.52 1.63 4.01
N GLY A 59 9.21 0.59 3.24
CA GLY A 59 9.42 -0.76 3.71
C GLY A 59 8.13 -1.55 3.80
N ASP A 60 7.15 -1.02 4.51
CA ASP A 60 5.86 -1.68 4.67
C ASP A 60 5.35 -2.19 3.32
N ARG A 61 5.15 -3.49 3.23
CA ARG A 61 4.66 -4.10 1.99
C ARG A 61 3.16 -3.89 1.84
N LEU A 62 2.73 -3.57 0.63
CA LEU A 62 1.31 -3.33 0.35
C LEU A 62 0.63 -4.61 -0.12
N THR A 63 -0.66 -4.73 0.17
CA THR A 63 -1.43 -5.91 -0.22
C THR A 63 -2.52 -5.55 -1.21
N ALA A 64 -3.13 -4.38 -1.03
CA ALA A 64 -4.19 -3.92 -1.91
C ALA A 64 -4.28 -2.40 -1.92
N ILE A 65 -5.01 -1.85 -2.88
CA ILE A 65 -5.18 -0.41 -3.00
C ILE A 65 -6.64 -0.03 -3.17
N ASN A 66 -7.17 0.74 -2.22
CA ASN A 66 -8.56 1.17 -2.26
C ASN A 66 -9.49 -0.02 -2.45
N GLY A 67 -9.09 -1.17 -1.89
CA GLY A 67 -9.91 -2.37 -2.01
C GLY A 67 -9.65 -3.13 -3.29
N THR A 68 -8.37 -3.35 -3.60
CA THR A 68 -8.00 -4.06 -4.82
C THR A 68 -6.74 -4.89 -4.59
N SER A 69 -6.90 -6.21 -4.48
CA SER A 69 -5.78 -7.10 -4.26
C SER A 69 -4.72 -6.94 -5.37
N LEU A 70 -3.48 -6.72 -4.95
CA LEU A 70 -2.39 -6.55 -5.90
C LEU A 70 -1.44 -7.74 -5.86
N VAL A 71 -1.34 -8.38 -4.70
CA VAL A 71 -0.48 -9.54 -4.54
C VAL A 71 -0.59 -10.49 -5.73
N GLY A 72 0.47 -10.57 -6.52
CA GLY A 72 0.47 -11.45 -7.67
C GLY A 72 0.71 -10.70 -8.97
N LEU A 73 0.15 -9.49 -9.06
CA LEU A 73 0.30 -8.67 -10.25
C LEU A 73 1.69 -8.04 -10.31
N PRO A 74 2.17 -7.76 -11.54
CA PRO A 74 3.48 -7.16 -11.75
C PRO A 74 3.55 -5.72 -11.30
N LEU A 75 4.74 -5.28 -10.89
CA LEU A 75 4.93 -3.91 -10.43
C LEU A 75 4.09 -2.93 -11.24
N ALA A 76 4.19 -3.04 -12.56
CA ALA A 76 3.43 -2.17 -13.45
C ALA A 76 2.00 -2.00 -12.99
N ALA A 77 1.36 -3.12 -12.65
CA ALA A 77 -0.02 -3.11 -12.17
C ALA A 77 -0.19 -2.17 -10.99
N CYS A 78 0.75 -2.25 -10.04
CA CYS A 78 0.71 -1.40 -8.85
C CYS A 78 0.95 0.06 -9.21
N GLN A 79 1.86 0.28 -10.15
CA GLN A 79 2.19 1.64 -10.58
C GLN A 79 1.00 2.28 -11.29
N ALA A 80 0.23 1.46 -12.00
CA ALA A 80 -0.93 1.95 -12.73
C ALA A 80 -2.14 2.09 -11.80
N ALA A 81 -2.27 1.16 -10.86
CA ALA A 81 -3.39 1.19 -9.92
C ALA A 81 -3.23 2.33 -8.92
N VAL A 82 -2.01 2.48 -8.40
CA VAL A 82 -1.72 3.53 -7.43
C VAL A 82 -1.94 4.91 -8.03
N ARG A 83 -1.96 4.98 -9.36
CA ARG A 83 -2.17 6.24 -10.05
C ARG A 83 -3.64 6.63 -10.05
N GLU A 84 -4.52 5.64 -10.20
CA GLU A 84 -5.96 5.88 -10.22
C GLU A 84 -6.37 6.71 -9.02
N THR A 85 -5.98 6.27 -7.83
CA THR A 85 -6.32 6.99 -6.60
C THR A 85 -6.24 8.49 -6.79
N LYS A 86 -5.26 8.93 -7.58
CA LYS A 86 -5.08 10.35 -7.85
C LYS A 86 -6.42 11.08 -7.92
N SER A 87 -7.26 10.66 -8.85
CA SER A 87 -8.57 11.27 -9.02
C SER A 87 -9.40 11.14 -7.74
N GLN A 88 -9.24 10.02 -7.05
CA GLN A 88 -9.97 9.77 -5.82
C GLN A 88 -9.43 10.63 -4.68
N THR A 89 -10.32 11.05 -3.78
CA THR A 89 -9.94 11.88 -2.65
C THR A 89 -9.66 11.03 -1.41
N SER A 90 -9.71 9.72 -1.58
CA SER A 90 -9.47 8.79 -0.48
C SER A 90 -8.52 7.67 -0.90
N VAL A 91 -7.59 7.33 -0.01
CA VAL A 91 -6.63 6.28 -0.28
C VAL A 91 -6.56 5.28 0.87
N THR A 92 -6.89 4.02 0.57
CA THR A 92 -6.87 2.97 1.59
C THR A 92 -5.70 2.02 1.36
N LEU A 93 -4.64 2.21 2.14
CA LEU A 93 -3.45 1.35 2.04
C LEU A 93 -3.57 0.14 2.94
N SER A 94 -3.12 -1.01 2.45
CA SER A 94 -3.18 -2.25 3.21
C SER A 94 -1.79 -2.88 3.32
N ILE A 95 -1.43 -3.27 4.54
CA ILE A 95 -0.13 -3.89 4.78
C ILE A 95 -0.24 -5.04 5.77
N VAL A 96 0.82 -5.84 5.87
CA VAL A 96 0.83 -6.98 6.78
C VAL A 96 1.27 -6.55 8.18
N HIS A 97 0.39 -6.75 9.15
CA HIS A 97 0.69 -6.39 10.54
C HIS A 97 0.98 -7.62 11.38
N CYS A 98 2.17 -7.65 11.98
CA CYS A 98 2.57 -8.78 12.81
C CYS A 98 3.16 -8.30 14.14
N PRO A 99 2.29 -7.82 15.03
CA PRO A 99 2.70 -7.31 16.35
C PRO A 99 3.17 -8.44 17.27
N PRO A 100 4.13 -8.11 18.16
CA PRO A 100 4.68 -9.06 19.12
C PRO A 100 3.68 -9.47 20.19
N VAL A 101 3.11 -10.65 20.05
CA VAL A 101 2.14 -11.16 21.02
C VAL A 101 2.56 -12.52 21.58
N GLY A 1 -18.38 -8.10 23.62
CA GLY A 1 -17.71 -8.10 22.33
C GLY A 1 -16.20 -8.17 22.45
N SER A 2 -15.71 -9.24 23.07
CA SER A 2 -14.28 -9.43 23.27
C SER A 2 -13.67 -10.20 22.09
N SER A 3 -13.14 -9.47 21.11
CA SER A 3 -12.54 -10.08 19.95
C SER A 3 -11.05 -9.75 19.87
N GLY A 4 -10.34 -10.43 18.96
CA GLY A 4 -8.93 -10.19 18.81
C GLY A 4 -8.53 -10.00 17.35
N SER A 5 -7.39 -10.58 16.97
CA SER A 5 -6.90 -10.45 15.61
C SER A 5 -7.62 -11.43 14.68
N SER A 6 -8.67 -10.95 14.02
CA SER A 6 -9.45 -11.77 13.10
C SER A 6 -8.70 -11.99 11.80
N GLY A 7 -8.83 -13.20 11.24
CA GLY A 7 -8.16 -13.51 9.99
C GLY A 7 -6.69 -13.14 10.01
N ASP A 8 -6.06 -13.17 8.84
CA ASP A 8 -4.64 -12.83 8.73
C ASP A 8 -4.33 -11.52 9.46
N ASN A 9 -3.06 -11.15 9.48
CA ASN A 9 -2.63 -9.93 10.14
C ASN A 9 -2.47 -8.79 9.13
N CYS A 10 -3.47 -7.95 9.02
CA CYS A 10 -3.43 -6.82 8.09
C CYS A 10 -3.70 -5.50 8.82
N ARG A 11 -3.47 -4.40 8.13
CA ARG A 11 -3.68 -3.08 8.71
C ARG A 11 -4.33 -2.13 7.69
N GLU A 12 -5.54 -1.68 8.00
CA GLU A 12 -6.26 -0.77 7.11
C GLU A 12 -5.97 0.68 7.47
N VAL A 13 -5.51 1.44 6.48
CA VAL A 13 -5.19 2.85 6.68
C VAL A 13 -5.81 3.72 5.59
N HIS A 14 -6.79 4.53 5.96
CA HIS A 14 -7.46 5.41 5.01
C HIS A 14 -6.78 6.78 4.96
N LEU A 15 -6.69 7.35 3.77
CA LEU A 15 -6.07 8.66 3.60
C LEU A 15 -7.04 9.64 2.96
N GLU A 16 -6.78 10.93 3.16
CA GLU A 16 -7.64 11.97 2.61
C GLU A 16 -6.84 12.90 1.68
N LYS A 17 -7.07 12.75 0.38
CA LYS A 17 -6.38 13.56 -0.61
C LYS A 17 -7.35 14.47 -1.36
N ARG A 18 -6.82 15.31 -2.23
CA ARG A 18 -7.66 16.23 -3.01
C ARG A 18 -7.70 15.80 -4.47
N ARG A 19 -8.91 15.80 -5.04
CA ARG A 19 -9.09 15.42 -6.43
C ARG A 19 -7.90 15.84 -7.28
N GLY A 20 -7.20 14.87 -7.84
CA GLY A 20 -6.04 15.17 -8.67
C GLY A 20 -4.80 15.46 -7.85
N GLU A 21 -4.67 14.78 -6.71
CA GLU A 21 -3.52 14.97 -5.83
C GLU A 21 -2.64 13.74 -5.83
N GLY A 22 -1.36 13.93 -6.14
CA GLY A 22 -0.43 12.82 -6.16
C GLY A 22 -0.44 12.02 -4.88
N LEU A 23 -0.83 10.75 -4.96
CA LEU A 23 -0.89 9.88 -3.80
C LEU A 23 0.34 10.05 -2.93
N GLY A 24 1.47 10.36 -3.56
CA GLY A 24 2.71 10.55 -2.84
C GLY A 24 3.27 9.25 -2.30
N VAL A 25 3.59 8.32 -3.21
CA VAL A 25 4.13 7.03 -2.82
C VAL A 25 5.00 6.44 -3.93
N ALA A 26 6.17 5.96 -3.56
CA ALA A 26 7.09 5.38 -4.53
C ALA A 26 7.33 3.89 -4.24
N LEU A 27 6.83 3.03 -5.11
CA LEU A 27 6.98 1.59 -4.95
C LEU A 27 8.00 1.03 -5.94
N VAL A 28 8.33 -0.24 -5.78
CA VAL A 28 9.29 -0.90 -6.66
C VAL A 28 9.01 -2.39 -6.77
N GLU A 29 9.82 -3.09 -7.55
CA GLU A 29 9.66 -4.52 -7.74
C GLU A 29 10.46 -5.31 -6.70
N SER A 30 9.76 -6.16 -5.95
CA SER A 30 10.41 -6.96 -4.92
C SER A 30 9.87 -8.40 -4.94
N GLY A 31 10.78 -9.36 -4.81
CA GLY A 31 10.38 -10.76 -4.81
C GLY A 31 11.49 -11.67 -4.33
N TRP A 32 11.20 -12.43 -3.27
CA TRP A 32 12.18 -13.36 -2.72
C TRP A 32 11.67 -14.79 -2.75
N GLY A 33 12.57 -15.73 -2.99
CA GLY A 33 12.18 -17.14 -3.04
C GLY A 33 11.22 -17.43 -4.18
N SER A 34 10.51 -18.54 -4.08
CA SER A 34 9.56 -18.94 -5.11
C SER A 34 8.15 -18.53 -4.73
N LEU A 35 7.96 -17.24 -4.45
CA LEU A 35 6.65 -16.72 -4.07
C LEU A 35 6.32 -15.45 -4.86
N LEU A 36 5.07 -15.33 -5.27
CA LEU A 36 4.62 -14.17 -6.04
C LEU A 36 5.31 -12.90 -5.54
N PRO A 37 5.39 -11.89 -6.42
CA PRO A 37 6.02 -10.61 -6.10
C PRO A 37 5.20 -9.80 -5.10
N THR A 38 5.88 -8.95 -4.32
CA THR A 38 5.21 -8.12 -3.33
C THR A 38 5.56 -6.65 -3.52
N ALA A 39 4.63 -5.77 -3.18
CA ALA A 39 4.84 -4.34 -3.31
C ALA A 39 5.57 -3.78 -2.09
N VAL A 40 6.62 -3.01 -2.34
CA VAL A 40 7.41 -2.41 -1.26
C VAL A 40 7.65 -0.93 -1.52
N ILE A 41 7.35 -0.11 -0.52
CA ILE A 41 7.54 1.33 -0.64
C ILE A 41 9.01 1.69 -0.76
N ALA A 42 9.43 2.03 -1.97
CA ALA A 42 10.82 2.39 -2.23
C ALA A 42 11.15 3.75 -1.62
N ASN A 43 10.23 4.70 -1.77
CA ASN A 43 10.42 6.05 -1.23
C ASN A 43 9.08 6.76 -1.04
N LEU A 44 9.07 7.80 -0.22
CA LEU A 44 7.86 8.56 0.04
C LEU A 44 8.16 10.06 0.07
N LEU A 45 7.13 10.87 -0.16
CA LEU A 45 7.29 12.32 -0.15
C LEU A 45 6.70 12.91 1.13
N HIS A 46 7.60 13.36 2.02
CA HIS A 46 7.17 13.96 3.29
C HIS A 46 6.22 15.12 3.05
N GLY A 47 4.92 14.86 3.20
CA GLY A 47 3.92 15.89 3.00
C GLY A 47 2.72 15.40 2.23
N GLY A 48 2.88 14.26 1.56
CA GLY A 48 1.80 13.69 0.78
C GLY A 48 0.66 13.18 1.65
N PRO A 49 -0.44 12.77 1.01
CA PRO A 49 -1.62 12.25 1.72
C PRO A 49 -1.36 10.89 2.37
N ALA A 50 -0.44 10.14 1.78
CA ALA A 50 -0.09 8.81 2.30
C ALA A 50 0.96 8.91 3.39
N GLU A 51 1.87 9.86 3.23
CA GLU A 51 2.94 10.06 4.21
C GLU A 51 2.42 10.76 5.47
N ARG A 52 1.68 11.85 5.25
CA ARG A 52 1.12 12.60 6.37
C ARG A 52 0.63 11.68 7.47
N SER A 53 0.12 10.51 7.08
CA SER A 53 -0.39 9.54 8.04
C SER A 53 0.62 9.30 9.16
N GLY A 54 1.88 9.08 8.77
CA GLY A 54 2.92 8.84 9.76
C GLY A 54 3.19 7.37 9.99
N ALA A 55 2.13 6.56 9.88
CA ALA A 55 2.24 5.13 10.08
C ALA A 55 2.80 4.44 8.84
N LEU A 56 2.48 5.00 7.67
CA LEU A 56 2.95 4.44 6.41
C LEU A 56 4.32 5.01 6.03
N SER A 57 5.34 4.17 6.11
CA SER A 57 6.70 4.58 5.78
C SER A 57 7.37 3.56 4.86
N ILE A 58 8.55 3.92 4.35
CA ILE A 58 9.30 3.04 3.47
C ILE A 58 9.49 1.66 4.10
N GLY A 59 9.19 0.61 3.32
CA GLY A 59 9.33 -0.74 3.82
C GLY A 59 8.01 -1.48 3.88
N ASP A 60 7.04 -0.88 4.55
CA ASP A 60 5.73 -1.50 4.69
C ASP A 60 5.26 -2.11 3.37
N ARG A 61 4.96 -3.40 3.40
CA ARG A 61 4.51 -4.10 2.20
C ARG A 61 3.02 -3.85 1.95
N LEU A 62 2.67 -3.62 0.70
CA LEU A 62 1.29 -3.36 0.32
C LEU A 62 0.62 -4.64 -0.18
N THR A 63 -0.66 -4.80 0.17
CA THR A 63 -1.42 -5.98 -0.24
C THR A 63 -2.53 -5.61 -1.21
N ALA A 64 -3.18 -4.48 -0.96
CA ALA A 64 -4.26 -4.02 -1.82
C ALA A 64 -4.41 -2.49 -1.74
N ILE A 65 -5.34 -1.96 -2.52
CA ILE A 65 -5.57 -0.52 -2.53
C ILE A 65 -7.02 -0.20 -2.89
N ASN A 66 -7.76 0.33 -1.93
CA ASN A 66 -9.17 0.67 -2.14
C ASN A 66 -9.97 -0.56 -2.53
N GLY A 67 -9.56 -1.72 -2.02
CA GLY A 67 -10.26 -2.96 -2.33
C GLY A 67 -9.78 -3.60 -3.61
N THR A 68 -8.49 -3.45 -3.90
CA THR A 68 -7.89 -4.02 -5.10
C THR A 68 -6.70 -4.91 -4.77
N SER A 69 -6.94 -6.20 -4.67
CA SER A 69 -5.89 -7.16 -4.36
C SER A 69 -4.72 -7.03 -5.34
N LEU A 70 -3.62 -6.44 -4.87
CA LEU A 70 -2.45 -6.24 -5.70
C LEU A 70 -1.45 -7.38 -5.49
N VAL A 71 -1.51 -8.00 -4.32
CA VAL A 71 -0.60 -9.10 -3.99
C VAL A 71 -0.67 -10.19 -5.05
N GLY A 72 0.37 -10.27 -5.89
CA GLY A 72 0.41 -11.28 -6.93
C GLY A 72 0.32 -10.68 -8.32
N LEU A 73 0.82 -9.45 -8.46
CA LEU A 73 0.80 -8.76 -9.74
C LEU A 73 2.11 -8.02 -9.98
N PRO A 74 2.41 -7.75 -11.26
CA PRO A 74 3.64 -7.04 -11.66
C PRO A 74 3.62 -5.57 -11.25
N LEU A 75 4.78 -5.05 -10.89
CA LEU A 75 4.89 -3.65 -10.48
C LEU A 75 3.99 -2.75 -11.33
N ALA A 76 4.05 -2.94 -12.65
CA ALA A 76 3.25 -2.16 -13.56
C ALA A 76 1.82 -2.01 -13.05
N ALA A 77 1.18 -3.13 -12.75
CA ALA A 77 -0.18 -3.12 -12.24
C ALA A 77 -0.33 -2.16 -11.07
N CYS A 78 0.54 -2.32 -10.07
CA CYS A 78 0.50 -1.47 -8.89
C CYS A 78 0.75 -0.01 -9.26
N GLN A 79 1.64 0.21 -10.21
CA GLN A 79 1.97 1.56 -10.66
C GLN A 79 0.75 2.25 -11.27
N ALA A 80 -0.06 1.47 -11.98
CA ALA A 80 -1.25 1.99 -12.62
C ALA A 80 -2.40 2.11 -11.63
N ALA A 81 -2.40 1.24 -10.63
CA ALA A 81 -3.44 1.24 -9.60
C ALA A 81 -3.21 2.37 -8.60
N VAL A 82 -1.95 2.65 -8.30
CA VAL A 82 -1.60 3.70 -7.36
C VAL A 82 -1.73 5.08 -8.00
N ARG A 83 -1.69 5.11 -9.33
CA ARG A 83 -1.81 6.36 -10.07
C ARG A 83 -3.28 6.71 -10.31
N GLU A 84 -4.06 5.72 -10.69
CA GLU A 84 -5.49 5.92 -10.95
C GLU A 84 -6.18 6.56 -9.75
N THR A 85 -5.73 6.21 -8.56
CA THR A 85 -6.30 6.73 -7.33
C THR A 85 -6.18 8.25 -7.29
N LYS A 86 -5.13 8.79 -7.91
CA LYS A 86 -4.90 10.23 -7.94
C LYS A 86 -6.20 10.98 -8.18
N SER A 87 -7.02 10.46 -9.09
CA SER A 87 -8.30 11.09 -9.41
C SER A 87 -9.21 11.15 -8.18
N GLN A 88 -9.25 10.05 -7.44
CA GLN A 88 -10.07 9.99 -6.23
C GLN A 88 -9.50 10.88 -5.14
N THR A 89 -10.26 11.05 -4.06
CA THR A 89 -9.83 11.88 -2.95
C THR A 89 -9.60 11.05 -1.69
N SER A 90 -9.74 9.73 -1.83
CA SER A 90 -9.55 8.81 -0.71
C SER A 90 -8.71 7.61 -1.14
N VAL A 91 -7.81 7.19 -0.26
CA VAL A 91 -6.95 6.04 -0.55
C VAL A 91 -6.71 5.21 0.70
N THR A 92 -7.17 3.96 0.66
CA THR A 92 -7.01 3.06 1.80
C THR A 92 -5.90 2.04 1.54
N LEU A 93 -4.76 2.24 2.19
CA LEU A 93 -3.63 1.33 2.03
C LEU A 93 -3.72 0.16 3.00
N SER A 94 -3.35 -1.02 2.53
CA SER A 94 -3.40 -2.23 3.36
C SER A 94 -2.02 -2.88 3.44
N ILE A 95 -1.49 -2.98 4.65
CA ILE A 95 -0.19 -3.58 4.87
C ILE A 95 -0.20 -4.48 6.11
N VAL A 96 0.89 -5.23 6.30
CA VAL A 96 1.00 -6.13 7.44
C VAL A 96 1.52 -5.40 8.67
N HIS A 97 0.77 -5.49 9.76
CA HIS A 97 1.14 -4.83 11.01
C HIS A 97 2.52 -5.31 11.47
N CYS A 98 3.36 -4.36 11.88
CA CYS A 98 4.71 -4.68 12.35
C CYS A 98 5.15 -3.71 13.44
N PRO A 99 6.04 -4.18 14.33
CA PRO A 99 6.56 -3.37 15.42
C PRO A 99 7.49 -2.26 14.94
N PRO A 100 7.65 -1.21 15.77
CA PRO A 100 8.52 -0.07 15.44
C PRO A 100 10.00 -0.44 15.45
N VAL A 101 10.73 0.05 14.46
CA VAL A 101 12.16 -0.22 14.36
C VAL A 101 12.99 1.03 14.66
N GLY A 1 -21.32 -23.45 2.32
CA GLY A 1 -20.24 -23.55 3.28
C GLY A 1 -19.02 -22.75 2.88
N SER A 2 -18.28 -22.25 3.86
CA SER A 2 -17.09 -21.46 3.60
C SER A 2 -15.87 -22.35 3.43
N SER A 3 -15.68 -23.28 4.36
CA SER A 3 -14.55 -24.20 4.31
C SER A 3 -13.23 -23.44 4.40
N GLY A 4 -13.20 -22.43 5.26
CA GLY A 4 -11.99 -21.64 5.44
C GLY A 4 -12.11 -20.64 6.58
N SER A 5 -11.90 -21.13 7.80
CA SER A 5 -11.98 -20.26 8.98
C SER A 5 -10.66 -19.53 9.22
N SER A 6 -9.97 -19.21 8.13
CA SER A 6 -8.69 -18.52 8.23
C SER A 6 -8.78 -17.12 7.63
N GLY A 7 -8.05 -16.18 8.21
CA GLY A 7 -8.07 -14.81 7.73
C GLY A 7 -6.68 -14.20 7.67
N ASP A 8 -6.59 -12.99 7.11
CA ASP A 8 -5.31 -12.31 7.01
C ASP A 8 -5.25 -11.13 7.98
N ASN A 9 -4.14 -11.04 8.71
CA ASN A 9 -3.95 -9.96 9.67
C ASN A 9 -3.26 -8.77 9.03
N CYS A 10 -4.05 -7.88 8.43
CA CYS A 10 -3.52 -6.69 7.78
C CYS A 10 -3.98 -5.43 8.49
N ARG A 11 -3.31 -4.31 8.19
CA ARG A 11 -3.65 -3.04 8.81
C ARG A 11 -4.43 -2.15 7.84
N GLU A 12 -5.36 -1.37 8.37
CA GLU A 12 -6.17 -0.48 7.54
C GLU A 12 -5.78 0.97 7.76
N VAL A 13 -5.23 1.60 6.71
CA VAL A 13 -4.81 2.99 6.79
C VAL A 13 -5.52 3.84 5.74
N HIS A 14 -6.46 4.67 6.19
CA HIS A 14 -7.21 5.53 5.29
C HIS A 14 -6.47 6.85 5.07
N LEU A 15 -6.62 7.42 3.87
CA LEU A 15 -5.98 8.68 3.53
C LEU A 15 -6.97 9.63 2.87
N GLU A 16 -6.69 10.93 2.99
CA GLU A 16 -7.55 11.95 2.40
C GLU A 16 -6.79 12.79 1.39
N LYS A 17 -7.07 12.57 0.11
CA LYS A 17 -6.41 13.30 -0.96
C LYS A 17 -7.41 14.19 -1.70
N ARG A 18 -6.89 15.04 -2.58
CA ARG A 18 -7.74 15.94 -3.36
C ARG A 18 -7.84 15.48 -4.81
N ARG A 19 -8.99 15.71 -5.42
CA ARG A 19 -9.22 15.31 -6.80
C ARG A 19 -8.09 15.79 -7.70
N GLY A 20 -7.28 14.86 -8.18
CA GLY A 20 -6.16 15.21 -9.05
C GLY A 20 -4.89 15.43 -8.28
N GLU A 21 -4.75 14.75 -7.15
CA GLU A 21 -3.56 14.88 -6.32
C GLU A 21 -2.80 13.56 -6.23
N GLY A 22 -1.57 13.55 -6.72
CA GLY A 22 -0.76 12.35 -6.70
C GLY A 22 -0.75 11.70 -5.33
N LEU A 23 -1.07 10.41 -5.29
CA LEU A 23 -1.09 9.66 -4.04
C LEU A 23 0.18 9.91 -3.23
N GLY A 24 1.27 10.20 -3.94
CA GLY A 24 2.54 10.45 -3.27
C GLY A 24 3.11 9.21 -2.63
N VAL A 25 3.40 8.20 -3.44
CA VAL A 25 3.96 6.95 -2.94
C VAL A 25 4.79 6.25 -4.01
N ALA A 26 6.05 5.98 -3.69
CA ALA A 26 6.95 5.32 -4.62
C ALA A 26 7.11 3.84 -4.27
N LEU A 27 6.58 2.97 -5.13
CA LEU A 27 6.65 1.54 -4.91
C LEU A 27 7.60 0.89 -5.91
N VAL A 28 8.06 -0.32 -5.59
CA VAL A 28 8.97 -1.05 -6.47
C VAL A 28 8.55 -2.51 -6.60
N GLU A 29 9.15 -3.21 -7.55
CA GLU A 29 8.84 -4.63 -7.76
C GLU A 29 9.70 -5.51 -6.87
N SER A 30 9.05 -6.22 -5.95
CA SER A 30 9.75 -7.11 -5.03
C SER A 30 9.13 -8.49 -5.03
N GLY A 31 9.87 -9.47 -4.53
CA GLY A 31 9.36 -10.84 -4.48
C GLY A 31 10.05 -11.67 -3.41
N TRP A 32 9.89 -11.28 -2.16
CA TRP A 32 10.50 -11.99 -1.05
C TRP A 32 10.46 -13.50 -1.28
N GLY A 33 9.49 -13.95 -2.07
CA GLY A 33 9.36 -15.37 -2.35
C GLY A 33 9.03 -15.63 -3.81
N SER A 34 9.74 -16.57 -4.41
CA SER A 34 9.52 -16.92 -5.81
C SER A 34 8.04 -17.21 -6.08
N LEU A 35 7.31 -17.56 -5.01
CA LEU A 35 5.89 -17.85 -5.13
C LEU A 35 5.16 -16.73 -5.85
N LEU A 36 5.00 -15.60 -5.16
CA LEU A 36 4.32 -14.45 -5.73
C LEU A 36 5.03 -13.15 -5.35
N PRO A 37 5.04 -12.19 -6.29
CA PRO A 37 5.69 -10.89 -6.07
C PRO A 37 4.92 -10.03 -5.07
N THR A 38 5.67 -9.27 -4.27
CA THR A 38 5.06 -8.39 -3.27
C THR A 38 5.36 -6.93 -3.56
N ALA A 39 4.57 -6.04 -2.97
CA ALA A 39 4.75 -4.61 -3.16
C ALA A 39 5.45 -3.98 -1.97
N VAL A 40 6.49 -3.19 -2.24
CA VAL A 40 7.24 -2.52 -1.19
C VAL A 40 7.44 -1.04 -1.51
N ILE A 41 7.26 -0.20 -0.50
CA ILE A 41 7.42 1.24 -0.67
C ILE A 41 8.89 1.61 -0.84
N ALA A 42 9.27 1.93 -2.07
CA ALA A 42 10.65 2.31 -2.36
C ALA A 42 10.99 3.66 -1.76
N ASN A 43 10.02 4.57 -1.76
CA ASN A 43 10.22 5.91 -1.21
C ASN A 43 8.88 6.63 -1.07
N LEU A 44 8.85 7.63 -0.19
CA LEU A 44 7.63 8.40 0.04
C LEU A 44 7.93 9.90 -0.01
N LEU A 45 6.91 10.69 -0.31
CA LEU A 45 7.06 12.14 -0.38
C LEU A 45 6.55 12.81 0.90
N HIS A 46 7.47 13.25 1.73
CA HIS A 46 7.12 13.91 2.99
C HIS A 46 6.16 15.07 2.73
N GLY A 47 4.86 14.75 2.72
CA GLY A 47 3.85 15.77 2.50
C GLY A 47 2.66 15.25 1.74
N GLY A 48 2.80 14.07 1.15
CA GLY A 48 1.72 13.47 0.39
C GLY A 48 0.57 13.01 1.28
N PRO A 49 -0.55 12.62 0.65
CA PRO A 49 -1.73 12.17 1.37
C PRO A 49 -1.52 10.81 2.03
N ALA A 50 -0.56 10.05 1.52
CA ALA A 50 -0.25 8.73 2.08
C ALA A 50 0.85 8.82 3.12
N GLU A 51 1.82 9.71 2.89
CA GLU A 51 2.93 9.88 3.81
C GLU A 51 2.52 10.72 5.01
N ARG A 52 1.72 11.76 4.75
CA ARG A 52 1.24 12.64 5.80
C ARG A 52 0.72 11.84 6.99
N SER A 53 0.20 10.65 6.71
CA SER A 53 -0.34 9.79 7.76
C SER A 53 0.69 9.56 8.86
N GLY A 54 1.96 9.47 8.47
CA GLY A 54 3.02 9.25 9.44
C GLY A 54 3.12 7.81 9.87
N ALA A 55 2.19 6.98 9.41
CA ALA A 55 2.17 5.57 9.76
C ALA A 55 2.84 4.73 8.67
N LEU A 56 2.70 5.18 7.42
CA LEU A 56 3.28 4.47 6.29
C LEU A 56 4.66 5.04 5.95
N SER A 57 5.70 4.24 6.19
CA SER A 57 7.06 4.66 5.91
C SER A 57 7.78 3.63 5.03
N ILE A 58 8.71 4.12 4.22
CA ILE A 58 9.47 3.24 3.33
C ILE A 58 9.71 1.88 3.96
N GLY A 59 9.34 0.82 3.25
CA GLY A 59 9.53 -0.53 3.77
C GLY A 59 8.23 -1.31 3.82
N ASP A 60 7.26 -0.81 4.58
CA ASP A 60 5.97 -1.47 4.70
C ASP A 60 5.57 -2.12 3.39
N ARG A 61 5.03 -3.34 3.48
CA ARG A 61 4.60 -4.07 2.30
C ARG A 61 3.11 -3.82 2.02
N LEU A 62 2.80 -3.57 0.76
CA LEU A 62 1.41 -3.32 0.36
C LEU A 62 0.72 -4.62 -0.07
N THR A 63 -0.54 -4.77 0.32
CA THR A 63 -1.31 -5.96 -0.02
C THR A 63 -2.42 -5.63 -1.01
N ALA A 64 -2.97 -4.43 -0.89
CA ALA A 64 -4.04 -3.99 -1.79
C ALA A 64 -4.31 -2.50 -1.64
N ILE A 65 -5.17 -1.97 -2.49
CA ILE A 65 -5.51 -0.55 -2.45
C ILE A 65 -7.02 -0.34 -2.52
N ASN A 66 -7.61 0.04 -1.39
CA ASN A 66 -9.05 0.27 -1.32
C ASN A 66 -9.81 -0.90 -1.94
N GLY A 67 -9.20 -2.07 -1.94
CA GLY A 67 -9.84 -3.25 -2.49
C GLY A 67 -9.03 -3.87 -3.62
N THR A 68 -8.32 -3.03 -4.36
CA THR A 68 -7.50 -3.51 -5.47
C THR A 68 -6.40 -4.44 -4.98
N SER A 69 -6.59 -5.74 -5.18
CA SER A 69 -5.62 -6.74 -4.75
C SER A 69 -4.34 -6.63 -5.58
N LEU A 70 -3.26 -6.18 -4.93
CA LEU A 70 -1.98 -6.02 -5.62
C LEU A 70 -1.06 -7.20 -5.29
N VAL A 71 -1.47 -8.04 -4.34
CA VAL A 71 -0.68 -9.19 -3.95
C VAL A 71 -0.48 -10.14 -5.12
N GLY A 72 0.77 -10.26 -5.57
CA GLY A 72 1.08 -11.13 -6.69
C GLY A 72 1.01 -10.42 -8.02
N LEU A 73 1.61 -9.23 -8.09
CA LEU A 73 1.63 -8.44 -9.32
C LEU A 73 2.91 -7.63 -9.43
N PRO A 74 3.31 -7.33 -10.67
CA PRO A 74 4.52 -6.55 -10.95
C PRO A 74 4.38 -5.09 -10.54
N LEU A 75 5.48 -4.35 -10.58
CA LEU A 75 5.47 -2.94 -10.21
C LEU A 75 4.53 -2.15 -11.10
N ALA A 76 4.55 -2.47 -12.39
CA ALA A 76 3.69 -1.79 -13.36
C ALA A 76 2.24 -1.75 -12.88
N ALA A 77 1.71 -2.92 -12.54
CA ALA A 77 0.33 -3.02 -12.07
C ALA A 77 0.07 -2.02 -10.95
N CYS A 78 0.88 -2.09 -9.89
CA CYS A 78 0.73 -1.19 -8.76
C CYS A 78 0.95 0.26 -9.17
N GLN A 79 1.77 0.45 -10.21
CA GLN A 79 2.08 1.78 -10.70
C GLN A 79 0.86 2.40 -11.41
N ALA A 80 0.18 1.59 -12.20
CA ALA A 80 -1.00 2.05 -12.92
C ALA A 80 -2.21 2.13 -12.01
N ALA A 81 -2.23 1.29 -10.98
CA ALA A 81 -3.33 1.28 -10.02
C ALA A 81 -3.16 2.36 -8.97
N VAL A 82 -1.92 2.54 -8.51
CA VAL A 82 -1.62 3.54 -7.49
C VAL A 82 -1.80 4.95 -8.04
N ARG A 83 -1.61 5.10 -9.34
CA ARG A 83 -1.77 6.39 -9.99
C ARG A 83 -3.24 6.73 -10.23
N GLU A 84 -4.03 5.69 -10.50
CA GLU A 84 -5.46 5.88 -10.74
C GLU A 84 -6.14 6.47 -9.52
N THR A 85 -5.57 6.25 -8.35
CA THR A 85 -6.12 6.77 -7.11
C THR A 85 -5.95 8.28 -7.02
N LYS A 86 -5.12 8.83 -7.89
CA LYS A 86 -4.86 10.26 -7.91
C LYS A 86 -6.17 11.04 -8.05
N SER A 87 -7.22 10.35 -8.49
CA SER A 87 -8.52 10.98 -8.68
C SER A 87 -9.32 10.96 -7.37
N GLN A 88 -9.64 9.76 -6.90
CA GLN A 88 -10.40 9.61 -5.66
C GLN A 88 -9.80 10.47 -4.55
N THR A 89 -10.68 11.07 -3.74
CA THR A 89 -10.24 11.92 -2.64
C THR A 89 -9.91 11.09 -1.41
N SER A 90 -10.10 9.78 -1.52
CA SER A 90 -9.83 8.87 -0.40
C SER A 90 -9.05 7.65 -0.88
N VAL A 91 -8.21 7.11 -0.01
CA VAL A 91 -7.42 5.94 -0.34
C VAL A 91 -7.09 5.13 0.92
N THR A 92 -7.48 3.85 0.91
CA THR A 92 -7.23 2.98 2.05
C THR A 92 -6.17 1.93 1.71
N LEU A 93 -4.97 2.12 2.24
CA LEU A 93 -3.87 1.19 2.00
C LEU A 93 -3.88 0.05 3.00
N SER A 94 -3.36 -1.10 2.59
CA SER A 94 -3.32 -2.27 3.46
C SER A 94 -1.91 -2.86 3.50
N ILE A 95 -1.41 -3.10 4.71
CA ILE A 95 -0.08 -3.66 4.89
C ILE A 95 -0.08 -4.75 5.96
N VAL A 96 0.95 -5.59 5.93
CA VAL A 96 1.07 -6.68 6.89
C VAL A 96 1.77 -6.21 8.16
N HIS A 97 1.09 -6.34 9.30
CA HIS A 97 1.64 -5.94 10.58
C HIS A 97 2.79 -6.85 10.99
N CYS A 98 3.81 -6.26 11.60
CA CYS A 98 4.98 -7.02 12.04
C CYS A 98 5.13 -6.96 13.55
N PRO A 99 5.55 -8.09 14.15
CA PRO A 99 5.74 -8.20 15.60
C PRO A 99 6.93 -7.38 16.10
N PRO A 100 6.85 -6.89 17.34
CA PRO A 100 7.91 -6.09 17.95
C PRO A 100 9.15 -6.92 18.25
N VAL A 101 10.25 -6.23 18.58
CA VAL A 101 11.51 -6.91 18.89
C VAL A 101 11.67 -7.09 20.40
N GLY A 1 -22.65 -14.49 10.15
CA GLY A 1 -23.21 -13.24 10.61
C GLY A 1 -22.59 -12.04 9.92
N SER A 2 -23.31 -10.91 9.95
CA SER A 2 -22.82 -9.70 9.31
C SER A 2 -21.57 -9.17 10.01
N SER A 3 -20.44 -9.23 9.31
CA SER A 3 -19.18 -8.77 9.87
C SER A 3 -18.42 -7.93 8.85
N GLY A 4 -17.70 -6.91 9.34
CA GLY A 4 -16.95 -6.04 8.46
C GLY A 4 -15.81 -6.76 7.78
N SER A 5 -15.68 -6.56 6.48
CA SER A 5 -14.61 -7.20 5.70
C SER A 5 -13.32 -7.27 6.50
N SER A 6 -12.97 -8.47 6.95
CA SER A 6 -11.75 -8.67 7.73
C SER A 6 -11.42 -10.15 7.84
N GLY A 7 -10.13 -10.47 7.85
CA GLY A 7 -9.70 -11.85 7.95
C GLY A 7 -8.22 -11.98 8.24
N ASP A 8 -7.39 -11.87 7.22
CA ASP A 8 -5.95 -11.97 7.37
C ASP A 8 -5.42 -10.84 8.25
N ASN A 9 -4.18 -10.99 8.72
CA ASN A 9 -3.55 -9.99 9.58
C ASN A 9 -3.12 -8.78 8.75
N CYS A 10 -4.02 -7.81 8.62
CA CYS A 10 -3.72 -6.60 7.86
C CYS A 10 -4.18 -5.36 8.62
N ARG A 11 -3.75 -4.19 8.16
CA ARG A 11 -4.12 -2.93 8.80
C ARG A 11 -4.75 -1.97 7.79
N GLU A 12 -5.97 -1.54 8.09
CA GLU A 12 -6.68 -0.62 7.20
C GLU A 12 -6.37 0.82 7.56
N VAL A 13 -5.73 1.53 6.64
CA VAL A 13 -5.37 2.93 6.85
C VAL A 13 -5.92 3.80 5.74
N HIS A 14 -6.93 4.61 6.07
CA HIS A 14 -7.54 5.52 5.10
C HIS A 14 -6.81 6.84 5.05
N LEU A 15 -6.74 7.44 3.86
CA LEU A 15 -6.07 8.72 3.68
C LEU A 15 -7.00 9.75 3.06
N GLU A 16 -6.69 11.02 3.27
CA GLU A 16 -7.52 12.11 2.73
C GLU A 16 -6.71 12.97 1.76
N LYS A 17 -7.00 12.85 0.48
CA LYS A 17 -6.29 13.61 -0.55
C LYS A 17 -7.26 14.55 -1.28
N ARG A 18 -6.72 15.36 -2.18
CA ARG A 18 -7.53 16.30 -2.95
C ARG A 18 -7.62 15.87 -4.41
N ARG A 19 -8.82 15.93 -4.96
CA ARG A 19 -9.04 15.54 -6.37
C ARG A 19 -7.82 15.89 -7.21
N GLY A 20 -7.21 14.88 -7.81
CA GLY A 20 -6.05 15.10 -8.65
C GLY A 20 -4.79 15.34 -7.84
N GLU A 21 -4.70 14.70 -6.67
CA GLU A 21 -3.54 14.85 -5.81
C GLU A 21 -2.70 13.58 -5.79
N GLY A 22 -1.47 13.69 -6.30
CA GLY A 22 -0.58 12.54 -6.34
C GLY A 22 -0.54 11.80 -5.01
N LEU A 23 -1.01 10.56 -5.00
CA LEU A 23 -1.02 9.75 -3.79
C LEU A 23 0.25 9.97 -2.99
N GLY A 24 1.38 10.13 -3.68
CA GLY A 24 2.64 10.35 -3.01
C GLY A 24 3.23 9.07 -2.43
N VAL A 25 3.44 8.09 -3.31
CA VAL A 25 4.00 6.80 -2.88
C VAL A 25 4.84 6.17 -3.99
N ALA A 26 6.13 6.01 -3.72
CA ALA A 26 7.04 5.42 -4.70
C ALA A 26 7.31 3.95 -4.38
N LEU A 27 6.75 3.06 -5.20
CA LEU A 27 6.92 1.62 -5.00
C LEU A 27 7.92 1.06 -6.00
N VAL A 28 8.35 -0.18 -5.77
CA VAL A 28 9.31 -0.83 -6.65
C VAL A 28 9.01 -2.32 -6.76
N GLU A 29 9.86 -3.04 -7.50
CA GLU A 29 9.69 -4.47 -7.68
C GLU A 29 10.66 -5.26 -6.80
N SER A 30 10.11 -5.92 -5.79
CA SER A 30 10.92 -6.70 -4.86
C SER A 30 10.70 -8.19 -5.07
N GLY A 31 11.79 -8.95 -5.11
CA GLY A 31 11.70 -10.38 -5.31
C GLY A 31 12.35 -11.16 -4.18
N TRP A 32 13.55 -10.74 -3.78
CA TRP A 32 14.27 -11.42 -2.71
C TRP A 32 13.58 -11.20 -1.37
N GLY A 33 13.14 -12.29 -0.75
CA GLY A 33 12.47 -12.19 0.53
C GLY A 33 11.26 -13.09 0.62
N SER A 34 10.50 -13.18 -0.46
CA SER A 34 9.31 -14.02 -0.49
C SER A 34 9.18 -14.74 -1.83
N LEU A 35 8.89 -16.04 -1.77
CA LEU A 35 8.75 -16.84 -2.98
C LEU A 35 8.05 -16.04 -4.08
N LEU A 36 6.90 -15.46 -3.75
CA LEU A 36 6.14 -14.67 -4.71
C LEU A 36 6.51 -13.19 -4.62
N PRO A 37 6.25 -12.44 -5.69
CA PRO A 37 6.54 -11.01 -5.76
C PRO A 37 5.62 -10.19 -4.85
N THR A 38 6.19 -9.20 -4.18
CA THR A 38 5.43 -8.34 -3.28
C THR A 38 5.74 -6.87 -3.52
N ALA A 39 4.82 -6.00 -3.12
CA ALA A 39 5.00 -4.56 -3.29
C ALA A 39 5.75 -3.96 -2.10
N VAL A 40 6.70 -3.09 -2.39
CA VAL A 40 7.48 -2.44 -1.34
C VAL A 40 7.69 -0.96 -1.65
N ILE A 41 7.39 -0.11 -0.67
CA ILE A 41 7.55 1.33 -0.83
C ILE A 41 9.01 1.72 -0.95
N ALA A 42 9.43 2.07 -2.16
CA ALA A 42 10.81 2.47 -2.41
C ALA A 42 11.13 3.81 -1.74
N ASN A 43 10.27 4.79 -1.98
CA ASN A 43 10.47 6.12 -1.40
C ASN A 43 9.13 6.82 -1.19
N LEU A 44 9.12 7.82 -0.31
CA LEU A 44 7.91 8.57 -0.02
C LEU A 44 8.18 10.07 -0.01
N LEU A 45 7.13 10.86 -0.22
CA LEU A 45 7.26 12.31 -0.24
C LEU A 45 6.69 12.92 1.03
N HIS A 46 7.56 13.40 1.89
CA HIS A 46 7.15 14.01 3.15
C HIS A 46 6.17 15.17 2.89
N GLY A 47 4.88 14.89 3.04
CA GLY A 47 3.88 15.91 2.82
C GLY A 47 2.67 15.37 2.08
N GLY A 48 2.84 14.23 1.40
CA GLY A 48 1.74 13.64 0.66
C GLY A 48 0.61 13.19 1.56
N PRO A 49 -0.49 12.74 0.94
CA PRO A 49 -1.67 12.26 1.68
C PRO A 49 -1.41 10.94 2.39
N ALA A 50 -0.48 10.15 1.85
CA ALA A 50 -0.14 8.87 2.44
C ALA A 50 1.01 9.01 3.43
N GLU A 51 1.97 9.86 3.11
CA GLU A 51 3.12 10.08 3.98
C GLU A 51 2.73 10.88 5.22
N ARG A 52 1.73 11.75 5.06
CA ARG A 52 1.25 12.57 6.17
C ARG A 52 0.74 11.69 7.32
N SER A 53 0.25 10.51 6.98
CA SER A 53 -0.28 9.59 7.97
C SER A 53 0.74 9.34 9.08
N GLY A 54 2.00 9.14 8.69
CA GLY A 54 3.05 8.90 9.66
C GLY A 54 3.25 7.42 9.95
N ALA A 55 2.17 6.66 9.94
CA ALA A 55 2.23 5.23 10.20
C ALA A 55 2.79 4.48 8.99
N LEU A 56 2.61 5.05 7.82
CA LEU A 56 3.10 4.44 6.59
C LEU A 56 4.42 5.07 6.15
N SER A 57 5.50 4.32 6.29
CA SER A 57 6.83 4.80 5.91
C SER A 57 7.49 3.83 4.94
N ILE A 58 8.63 4.27 4.39
CA ILE A 58 9.37 3.43 3.44
C ILE A 58 9.60 2.04 3.99
N GLY A 59 9.41 1.03 3.14
CA GLY A 59 9.60 -0.34 3.56
C GLY A 59 8.29 -1.12 3.63
N ASP A 60 7.31 -0.56 4.33
CA ASP A 60 6.01 -1.20 4.48
C ASP A 60 5.59 -1.86 3.17
N ARG A 61 5.07 -3.08 3.27
CA ARG A 61 4.62 -3.81 2.08
C ARG A 61 3.12 -3.65 1.89
N LEU A 62 2.71 -3.45 0.64
CA LEU A 62 1.30 -3.28 0.31
C LEU A 62 0.69 -4.59 -0.18
N THR A 63 -0.56 -4.83 0.18
CA THR A 63 -1.26 -6.05 -0.22
C THR A 63 -2.40 -5.74 -1.17
N ALA A 64 -3.01 -4.57 -0.99
CA ALA A 64 -4.13 -4.15 -1.83
C ALA A 64 -4.37 -2.65 -1.72
N ILE A 65 -5.10 -2.10 -2.68
CA ILE A 65 -5.41 -0.67 -2.69
C ILE A 65 -6.91 -0.43 -2.75
N ASN A 66 -7.50 -0.08 -1.61
CA ASN A 66 -8.93 0.19 -1.54
C ASN A 66 -9.73 -1.06 -1.87
N GLY A 67 -9.16 -2.22 -1.56
CA GLY A 67 -9.83 -3.48 -1.83
C GLY A 67 -9.24 -4.22 -3.02
N THR A 68 -8.52 -3.48 -3.87
CA THR A 68 -7.89 -4.07 -5.05
C THR A 68 -6.65 -4.86 -4.68
N SER A 69 -6.75 -6.18 -4.70
CA SER A 69 -5.62 -7.05 -4.37
C SER A 69 -4.48 -6.86 -5.36
N LEU A 70 -3.35 -6.38 -4.88
CA LEU A 70 -2.18 -6.16 -5.71
C LEU A 70 -1.19 -7.32 -5.59
N VAL A 71 -1.35 -8.11 -4.54
CA VAL A 71 -0.47 -9.25 -4.31
C VAL A 71 -0.44 -10.19 -5.51
N GLY A 72 0.75 -10.52 -5.97
CA GLY A 72 0.89 -11.40 -7.11
C GLY A 72 0.73 -10.68 -8.43
N LEU A 73 1.19 -9.43 -8.48
CA LEU A 73 1.10 -8.63 -9.69
C LEU A 73 2.40 -7.88 -9.95
N PRO A 74 2.67 -7.59 -11.23
CA PRO A 74 3.88 -6.87 -11.64
C PRO A 74 3.86 -5.41 -11.22
N LEU A 75 5.04 -4.84 -11.00
CA LEU A 75 5.16 -3.45 -10.58
C LEU A 75 4.22 -2.56 -11.39
N ALA A 76 4.17 -2.79 -12.70
CA ALA A 76 3.31 -2.01 -13.59
C ALA A 76 1.89 -1.93 -13.03
N ALA A 77 1.38 -3.05 -12.53
CA ALA A 77 0.04 -3.10 -11.97
C ALA A 77 -0.10 -2.15 -10.79
N CYS A 78 0.78 -2.30 -9.80
CA CYS A 78 0.76 -1.46 -8.62
C CYS A 78 0.92 0.01 -8.99
N GLN A 79 1.78 0.27 -9.97
CA GLN A 79 2.03 1.63 -10.43
C GLN A 79 0.80 2.22 -11.11
N ALA A 80 0.06 1.36 -11.82
CA ALA A 80 -1.14 1.79 -12.51
C ALA A 80 -2.33 1.88 -11.56
N ALA A 81 -2.27 1.11 -10.48
CA ALA A 81 -3.35 1.09 -9.50
C ALA A 81 -3.18 2.23 -8.49
N VAL A 82 -1.93 2.60 -8.23
CA VAL A 82 -1.63 3.67 -7.29
C VAL A 82 -1.79 5.04 -7.94
N ARG A 83 -1.79 5.07 -9.27
CA ARG A 83 -1.95 6.31 -10.01
C ARG A 83 -3.42 6.61 -10.26
N GLU A 84 -4.21 5.55 -10.45
CA GLU A 84 -5.64 5.71 -10.71
C GLU A 84 -6.34 6.31 -9.51
N THR A 85 -5.71 6.20 -8.34
CA THR A 85 -6.28 6.73 -7.11
C THR A 85 -6.14 8.24 -7.04
N LYS A 86 -5.20 8.78 -7.81
CA LYS A 86 -4.97 10.21 -7.84
C LYS A 86 -6.27 10.98 -8.04
N SER A 87 -7.09 10.49 -8.97
CA SER A 87 -8.37 11.13 -9.26
C SER A 87 -9.25 11.21 -8.01
N GLN A 88 -9.32 10.09 -7.29
CA GLN A 88 -10.12 10.03 -6.06
C GLN A 88 -9.54 10.92 -4.99
N THR A 89 -10.30 11.11 -3.91
CA THR A 89 -9.85 11.95 -2.80
C THR A 89 -9.60 11.12 -1.56
N SER A 90 -9.75 9.81 -1.68
CA SER A 90 -9.55 8.90 -0.55
C SER A 90 -8.73 7.68 -0.99
N VAL A 91 -7.83 7.25 -0.11
CA VAL A 91 -7.00 6.08 -0.39
C VAL A 91 -6.79 5.23 0.85
N THR A 92 -7.22 3.97 0.77
CA THR A 92 -7.09 3.04 1.89
C THR A 92 -5.97 2.05 1.66
N LEU A 93 -4.86 2.21 2.38
CA LEU A 93 -3.72 1.33 2.24
C LEU A 93 -3.82 0.16 3.21
N SER A 94 -3.54 -1.05 2.72
CA SER A 94 -3.60 -2.24 3.55
C SER A 94 -2.28 -3.01 3.48
N ILE A 95 -1.53 -2.97 4.58
CA ILE A 95 -0.25 -3.66 4.65
C ILE A 95 -0.28 -4.78 5.71
N VAL A 96 0.85 -5.45 5.88
CA VAL A 96 0.96 -6.53 6.85
C VAL A 96 1.59 -6.04 8.14
N HIS A 97 0.76 -5.76 9.14
CA HIS A 97 1.24 -5.29 10.43
C HIS A 97 1.91 -6.41 11.21
N CYS A 98 2.58 -6.05 12.30
CA CYS A 98 3.27 -7.03 13.12
C CYS A 98 2.31 -8.11 13.61
N PRO A 99 2.87 -9.29 13.95
CA PRO A 99 2.08 -10.42 14.43
C PRO A 99 1.50 -10.18 15.82
N PRO A 100 0.52 -11.02 16.21
CA PRO A 100 -0.14 -10.91 17.51
C PRO A 100 0.79 -11.30 18.66
N VAL A 101 0.97 -10.38 19.60
CA VAL A 101 1.83 -10.62 20.76
C VAL A 101 1.01 -11.02 21.97
N GLY A 1 -0.30 -10.44 18.89
CA GLY A 1 -1.05 -11.44 19.63
C GLY A 1 -0.15 -12.49 20.24
N SER A 2 0.24 -12.28 21.50
CA SER A 2 1.11 -13.22 22.20
C SER A 2 0.34 -14.47 22.59
N SER A 3 -0.86 -14.28 23.13
CA SER A 3 -1.69 -15.40 23.54
C SER A 3 -2.68 -15.79 22.45
N GLY A 4 -2.35 -16.86 21.73
CA GLY A 4 -3.22 -17.33 20.66
C GLY A 4 -3.07 -16.50 19.40
N SER A 5 -1.98 -16.73 18.67
CA SER A 5 -1.72 -16.00 17.43
C SER A 5 -2.78 -16.32 16.38
N SER A 6 -3.73 -15.42 16.23
CA SER A 6 -4.80 -15.60 15.25
C SER A 6 -5.31 -14.26 14.73
N GLY A 7 -6.20 -14.31 13.75
CA GLY A 7 -6.75 -13.09 13.18
C GLY A 7 -5.95 -12.61 11.98
N ASP A 8 -6.66 -12.27 10.90
CA ASP A 8 -6.00 -11.80 9.68
C ASP A 8 -4.96 -10.74 10.00
N ASN A 9 -3.73 -10.98 9.57
CA ASN A 9 -2.64 -10.05 9.80
C ASN A 9 -2.61 -8.95 8.75
N CYS A 10 -3.25 -7.82 9.06
CA CYS A 10 -3.30 -6.69 8.14
C CYS A 10 -3.51 -5.39 8.90
N ARG A 11 -3.52 -4.28 8.16
CA ARG A 11 -3.71 -2.97 8.76
C ARG A 11 -4.39 -2.01 7.78
N GLU A 12 -5.59 -1.57 8.13
CA GLU A 12 -6.34 -0.64 7.28
C GLU A 12 -6.00 0.80 7.61
N VAL A 13 -5.57 1.55 6.60
CA VAL A 13 -5.22 2.95 6.79
C VAL A 13 -5.84 3.83 5.70
N HIS A 14 -6.89 4.56 6.07
CA HIS A 14 -7.58 5.43 5.13
C HIS A 14 -6.87 6.78 5.02
N LEU A 15 -6.76 7.30 3.81
CA LEU A 15 -6.10 8.58 3.57
C LEU A 15 -7.04 9.55 2.86
N GLU A 16 -6.84 10.84 3.09
CA GLU A 16 -7.66 11.86 2.47
C GLU A 16 -6.82 12.77 1.58
N LYS A 17 -7.10 12.72 0.28
CA LYS A 17 -6.38 13.54 -0.70
C LYS A 17 -7.33 14.48 -1.44
N ARG A 18 -6.77 15.31 -2.29
CA ARG A 18 -7.56 16.26 -3.07
C ARG A 18 -7.61 15.86 -4.53
N ARG A 19 -8.82 15.86 -5.10
CA ARG A 19 -9.01 15.48 -6.50
C ARG A 19 -7.83 15.95 -7.35
N GLY A 20 -7.07 15.00 -7.87
CA GLY A 20 -5.92 15.33 -8.70
C GLY A 20 -4.66 15.54 -7.88
N GLU A 21 -4.58 14.86 -6.74
CA GLU A 21 -3.41 14.98 -5.87
C GLU A 21 -2.61 13.68 -5.85
N GLY A 22 -1.37 13.75 -6.31
CA GLY A 22 -0.52 12.57 -6.34
C GLY A 22 -0.51 11.83 -5.03
N LEU A 23 -0.92 10.57 -5.06
CA LEU A 23 -0.95 9.75 -3.85
C LEU A 23 0.30 9.96 -3.01
N GLY A 24 1.41 10.25 -3.67
CA GLY A 24 2.66 10.48 -2.97
C GLY A 24 3.22 9.21 -2.36
N VAL A 25 3.53 8.23 -3.22
CA VAL A 25 4.08 6.97 -2.76
C VAL A 25 4.93 6.32 -3.84
N ALA A 26 6.18 6.02 -3.50
CA ALA A 26 7.11 5.40 -4.45
C ALA A 26 7.30 3.93 -4.13
N LEU A 27 6.74 3.06 -4.97
CA LEU A 27 6.87 1.62 -4.78
C LEU A 27 7.87 1.02 -5.75
N VAL A 28 8.23 -0.24 -5.52
CA VAL A 28 9.19 -0.93 -6.38
C VAL A 28 8.85 -2.42 -6.49
N GLU A 29 9.59 -3.12 -7.34
CA GLU A 29 9.37 -4.55 -7.54
C GLU A 29 10.34 -5.37 -6.69
N SER A 30 9.78 -6.19 -5.80
CA SER A 30 10.59 -7.03 -4.93
C SER A 30 9.93 -8.39 -4.72
N GLY A 31 10.60 -9.25 -3.95
CA GLY A 31 10.07 -10.57 -3.68
C GLY A 31 11.10 -11.51 -3.09
N TRP A 32 11.59 -11.17 -1.90
CA TRP A 32 12.59 -11.99 -1.23
C TRP A 32 11.95 -13.10 -0.42
N GLY A 33 12.29 -14.35 -0.73
CA GLY A 33 11.72 -15.48 -0.02
C GLY A 33 10.36 -15.86 -0.53
N SER A 34 9.47 -14.88 -0.64
CA SER A 34 8.11 -15.13 -1.13
C SER A 34 8.10 -15.34 -2.63
N LEU A 35 7.64 -16.51 -3.05
CA LEU A 35 7.58 -16.85 -4.47
C LEU A 35 6.89 -15.74 -5.26
N LEU A 36 5.68 -15.38 -4.82
CA LEU A 36 4.92 -14.33 -5.49
C LEU A 36 5.48 -12.95 -5.17
N PRO A 37 5.33 -12.01 -6.10
CA PRO A 37 5.82 -10.63 -5.94
C PRO A 37 5.03 -9.85 -4.90
N THR A 38 5.67 -8.86 -4.30
CA THR A 38 5.02 -8.04 -3.28
C THR A 38 5.36 -6.56 -3.48
N ALA A 39 4.39 -5.70 -3.18
CA ALA A 39 4.58 -4.26 -3.31
C ALA A 39 5.32 -3.69 -2.11
N VAL A 40 6.47 -3.06 -2.38
CA VAL A 40 7.27 -2.47 -1.31
C VAL A 40 7.51 -0.98 -1.57
N ILE A 41 7.29 -0.17 -0.56
CA ILE A 41 7.48 1.27 -0.67
C ILE A 41 8.97 1.63 -0.77
N ALA A 42 9.40 1.99 -1.97
CA ALA A 42 10.79 2.35 -2.19
C ALA A 42 11.12 3.72 -1.58
N ASN A 43 10.21 4.67 -1.77
CA ASN A 43 10.38 6.02 -1.24
C ASN A 43 9.04 6.72 -1.04
N LEU A 44 9.04 7.74 -0.20
CA LEU A 44 7.81 8.48 0.08
C LEU A 44 8.09 9.99 0.11
N LEU A 45 7.05 10.78 -0.12
CA LEU A 45 7.17 12.23 -0.12
C LEU A 45 6.61 12.83 1.16
N HIS A 46 7.50 13.25 2.05
CA HIS A 46 7.08 13.85 3.32
C HIS A 46 6.13 15.02 3.09
N GLY A 47 4.83 14.73 3.10
CA GLY A 47 3.84 15.76 2.89
C GLY A 47 2.63 15.26 2.12
N GLY A 48 2.80 14.15 1.41
CA GLY A 48 1.70 13.59 0.64
C GLY A 48 0.57 13.12 1.52
N PRO A 49 -0.54 12.71 0.88
CA PRO A 49 -1.73 12.23 1.59
C PRO A 49 -1.50 10.87 2.25
N ALA A 50 -0.60 10.08 1.67
CA ALA A 50 -0.29 8.76 2.20
C ALA A 50 0.79 8.85 3.28
N GLU A 51 1.76 9.73 3.07
CA GLU A 51 2.85 9.91 4.02
C GLU A 51 2.36 10.59 5.29
N ARG A 52 1.67 11.71 5.12
CA ARG A 52 1.14 12.47 6.26
C ARG A 52 0.58 11.52 7.32
N SER A 53 0.14 10.34 6.88
CA SER A 53 -0.43 9.36 7.79
C SER A 53 0.45 9.19 9.03
N GLY A 54 1.75 9.04 8.80
CA GLY A 54 2.68 8.88 9.90
C GLY A 54 3.01 7.41 10.17
N ALA A 55 2.07 6.54 9.87
CA ALA A 55 2.26 5.11 10.08
C ALA A 55 2.89 4.45 8.86
N LEU A 56 2.54 4.95 7.68
CA LEU A 56 3.08 4.42 6.44
C LEU A 56 4.44 5.03 6.12
N SER A 57 5.48 4.21 6.19
CA SER A 57 6.85 4.66 5.92
C SER A 57 7.54 3.72 4.94
N ILE A 58 8.81 4.01 4.68
CA ILE A 58 9.60 3.19 3.76
C ILE A 58 9.71 1.75 4.27
N GLY A 59 9.30 0.80 3.43
CA GLY A 59 9.38 -0.59 3.82
C GLY A 59 8.02 -1.27 3.82
N ASP A 60 7.04 -0.63 4.46
CA ASP A 60 5.69 -1.17 4.53
C ASP A 60 5.33 -1.90 3.25
N ARG A 61 4.92 -3.16 3.38
CA ARG A 61 4.54 -3.97 2.23
C ARG A 61 3.04 -3.88 1.97
N LEU A 62 2.67 -3.28 0.84
CA LEU A 62 1.27 -3.12 0.48
C LEU A 62 0.72 -4.43 -0.11
N THR A 63 -0.52 -4.75 0.26
CA THR A 63 -1.16 -5.97 -0.22
C THR A 63 -2.34 -5.64 -1.13
N ALA A 64 -2.89 -4.43 -0.97
CA ALA A 64 -4.03 -4.00 -1.77
C ALA A 64 -4.29 -2.51 -1.59
N ILE A 65 -5.21 -1.98 -2.37
CA ILE A 65 -5.56 -0.56 -2.30
C ILE A 65 -7.03 -0.33 -2.56
N ASN A 66 -7.73 0.25 -1.59
CA ASN A 66 -9.16 0.52 -1.72
C ASN A 66 -9.92 -0.75 -2.09
N GLY A 67 -9.38 -1.89 -1.70
CA GLY A 67 -10.03 -3.16 -2.00
C GLY A 67 -9.58 -3.73 -3.33
N THR A 68 -8.29 -3.66 -3.61
CA THR A 68 -7.73 -4.17 -4.86
C THR A 68 -6.55 -5.09 -4.60
N SER A 69 -6.83 -6.39 -4.49
CA SER A 69 -5.80 -7.38 -4.24
C SER A 69 -4.66 -7.23 -5.25
N LEU A 70 -3.64 -6.46 -4.89
CA LEU A 70 -2.50 -6.24 -5.76
C LEU A 70 -1.47 -7.35 -5.59
N VAL A 71 -1.48 -7.99 -4.42
CA VAL A 71 -0.54 -9.08 -4.14
C VAL A 71 -0.62 -10.16 -5.21
N GLY A 72 0.47 -10.33 -5.95
CA GLY A 72 0.51 -11.34 -7.00
C GLY A 72 0.39 -10.73 -8.39
N LEU A 73 0.80 -9.48 -8.52
CA LEU A 73 0.74 -8.78 -9.80
C LEU A 73 2.05 -8.06 -10.10
N PRO A 74 2.31 -7.81 -11.39
CA PRO A 74 3.53 -7.12 -11.83
C PRO A 74 3.54 -5.65 -11.44
N LEU A 75 4.72 -5.14 -11.09
CA LEU A 75 4.87 -3.75 -10.70
C LEU A 75 3.96 -2.84 -11.53
N ALA A 76 4.02 -3.01 -12.85
CA ALA A 76 3.20 -2.21 -13.75
C ALA A 76 1.79 -2.05 -13.21
N ALA A 77 1.16 -3.16 -12.84
CA ALA A 77 -0.19 -3.13 -12.30
C ALA A 77 -0.30 -2.15 -11.14
N CYS A 78 0.60 -2.27 -10.17
CA CYS A 78 0.60 -1.40 -9.01
C CYS A 78 0.84 0.06 -9.42
N GLN A 79 1.85 0.27 -10.26
CA GLN A 79 2.19 1.61 -10.72
C GLN A 79 0.99 2.27 -11.40
N ALA A 80 0.17 1.46 -12.05
CA ALA A 80 -1.02 1.96 -12.74
C ALA A 80 -2.15 2.21 -11.75
N ALA A 81 -2.29 1.32 -10.78
CA ALA A 81 -3.34 1.46 -9.77
C ALA A 81 -3.09 2.66 -8.86
N VAL A 82 -1.89 2.73 -8.30
CA VAL A 82 -1.52 3.84 -7.42
C VAL A 82 -1.71 5.18 -8.11
N ARG A 83 -1.64 5.17 -9.44
CA ARG A 83 -1.80 6.39 -10.23
C ARG A 83 -3.29 6.73 -10.40
N GLU A 84 -4.09 5.72 -10.69
CA GLU A 84 -5.53 5.92 -10.87
C GLU A 84 -6.15 6.56 -9.64
N THR A 85 -5.75 6.09 -8.46
CA THR A 85 -6.27 6.60 -7.20
C THR A 85 -6.14 8.13 -7.15
N LYS A 86 -5.16 8.66 -7.87
CA LYS A 86 -4.92 10.10 -7.90
C LYS A 86 -6.22 10.85 -8.13
N SER A 87 -7.04 10.35 -9.04
CA SER A 87 -8.32 10.97 -9.36
C SER A 87 -9.22 11.04 -8.12
N GLN A 88 -9.27 9.94 -7.38
CA GLN A 88 -10.10 9.85 -6.18
C GLN A 88 -9.51 10.74 -5.07
N THR A 89 -10.30 10.96 -4.03
CA THR A 89 -9.87 11.78 -2.90
C THR A 89 -9.66 10.94 -1.64
N SER A 90 -9.78 9.62 -1.79
CA SER A 90 -9.61 8.71 -0.68
C SER A 90 -8.74 7.52 -1.07
N VAL A 91 -7.80 7.17 -0.22
CA VAL A 91 -6.89 6.05 -0.47
C VAL A 91 -6.66 5.23 0.79
N THR A 92 -7.14 3.99 0.79
CA THR A 92 -6.97 3.12 1.94
C THR A 92 -5.86 2.08 1.69
N LEU A 93 -4.73 2.28 2.34
CA LEU A 93 -3.59 1.38 2.19
C LEU A 93 -3.69 0.22 3.17
N SER A 94 -3.38 -0.99 2.69
CA SER A 94 -3.44 -2.18 3.53
C SER A 94 -2.10 -2.91 3.52
N ILE A 95 -1.40 -2.87 4.65
CA ILE A 95 -0.10 -3.53 4.77
C ILE A 95 -0.11 -4.54 5.92
N VAL A 96 0.92 -5.38 5.97
CA VAL A 96 1.04 -6.38 7.01
C VAL A 96 1.89 -5.88 8.17
N HIS A 97 1.44 -6.12 9.39
CA HIS A 97 2.17 -5.69 10.58
C HIS A 97 3.14 -6.77 11.04
N CYS A 98 4.28 -6.35 11.59
CA CYS A 98 5.29 -7.29 12.06
C CYS A 98 5.07 -7.60 13.54
N PRO A 99 5.47 -8.82 13.95
CA PRO A 99 5.33 -9.27 15.34
C PRO A 99 6.28 -8.56 16.28
N PRO A 100 5.82 -8.31 17.52
CA PRO A 100 6.61 -7.62 18.54
C PRO A 100 7.78 -8.47 19.03
N VAL A 101 8.98 -7.89 19.02
CA VAL A 101 10.17 -8.59 19.47
C VAL A 101 10.99 -7.73 20.43
N GLY A 1 -20.49 -14.37 16.53
CA GLY A 1 -19.46 -13.39 16.82
C GLY A 1 -20.01 -12.15 17.51
N SER A 2 -20.58 -12.35 18.70
CA SER A 2 -21.15 -11.24 19.47
C SER A 2 -20.26 -10.00 19.37
N SER A 3 -18.96 -10.20 19.53
CA SER A 3 -18.00 -9.11 19.46
C SER A 3 -16.63 -9.59 19.01
N GLY A 4 -15.92 -8.75 18.27
CA GLY A 4 -14.60 -9.11 17.79
C GLY A 4 -13.91 -7.97 17.09
N SER A 5 -13.48 -8.21 15.85
CA SER A 5 -12.79 -7.19 15.07
C SER A 5 -12.59 -7.65 13.63
N SER A 6 -12.85 -6.75 12.69
CA SER A 6 -12.71 -7.06 11.27
C SER A 6 -11.31 -6.71 10.77
N GLY A 7 -10.36 -7.62 10.97
CA GLY A 7 -9.00 -7.38 10.55
C GLY A 7 -8.13 -8.63 10.65
N ASP A 8 -7.87 -9.27 9.52
CA ASP A 8 -7.05 -10.47 9.48
C ASP A 8 -5.62 -10.14 9.05
N ASN A 9 -4.73 -10.05 10.03
CA ASN A 9 -3.32 -9.74 9.74
C ASN A 9 -3.21 -8.64 8.70
N CYS A 10 -4.08 -7.63 8.79
CA CYS A 10 -4.07 -6.53 7.85
C CYS A 10 -4.43 -5.22 8.55
N ARG A 11 -3.71 -4.15 8.20
CA ARG A 11 -3.96 -2.84 8.79
C ARG A 11 -4.64 -1.91 7.80
N GLU A 12 -5.86 -1.50 8.12
CA GLU A 12 -6.61 -0.60 7.24
C GLU A 12 -6.29 0.85 7.55
N VAL A 13 -5.54 1.50 6.67
CA VAL A 13 -5.16 2.89 6.85
C VAL A 13 -5.77 3.77 5.77
N HIS A 14 -6.80 4.53 6.14
CA HIS A 14 -7.47 5.42 5.20
C HIS A 14 -6.80 6.79 5.16
N LEU A 15 -6.67 7.33 3.97
CA LEU A 15 -6.04 8.64 3.79
C LEU A 15 -7.00 9.63 3.15
N GLU A 16 -6.69 10.92 3.27
CA GLU A 16 -7.54 11.96 2.71
C GLU A 16 -6.74 12.85 1.76
N LYS A 17 -7.00 12.72 0.46
CA LYS A 17 -6.31 13.51 -0.54
C LYS A 17 -7.28 14.45 -1.26
N ARG A 18 -6.74 15.28 -2.15
CA ARG A 18 -7.57 16.22 -2.90
C ARG A 18 -7.67 15.80 -4.36
N ARG A 19 -8.89 15.79 -4.88
CA ARG A 19 -9.13 15.42 -6.27
C ARG A 19 -7.98 15.86 -7.16
N GLY A 20 -7.26 14.89 -7.72
CA GLY A 20 -6.14 15.21 -8.59
C GLY A 20 -4.87 15.50 -7.81
N GLU A 21 -4.70 14.82 -6.68
CA GLU A 21 -3.51 15.02 -5.85
C GLU A 21 -2.65 13.75 -5.82
N GLY A 22 -1.39 13.89 -6.21
CA GLY A 22 -0.49 12.76 -6.22
C GLY A 22 -0.45 12.04 -4.88
N LEU A 23 -0.88 10.78 -4.89
CA LEU A 23 -0.90 9.98 -3.67
C LEU A 23 0.37 10.20 -2.86
N GLY A 24 1.47 10.46 -3.55
CA GLY A 24 2.74 10.68 -2.87
C GLY A 24 3.35 9.40 -2.34
N VAL A 25 3.55 8.43 -3.23
CA VAL A 25 4.12 7.15 -2.84
C VAL A 25 4.94 6.55 -3.98
N ALA A 26 6.11 6.03 -3.65
CA ALA A 26 7.00 5.42 -4.64
C ALA A 26 7.28 3.96 -4.31
N LEU A 27 6.70 3.06 -5.09
CA LEU A 27 6.89 1.64 -4.88
C LEU A 27 7.93 1.07 -5.84
N VAL A 28 8.33 -0.18 -5.61
CA VAL A 28 9.33 -0.83 -6.45
C VAL A 28 9.12 -2.34 -6.47
N GLU A 29 9.99 -3.04 -7.19
CA GLU A 29 9.91 -4.49 -7.29
C GLU A 29 10.91 -5.15 -6.37
N SER A 30 10.49 -6.22 -5.70
CA SER A 30 11.36 -6.95 -4.78
C SER A 30 11.21 -8.45 -4.96
N GLY A 31 12.23 -9.20 -4.55
CA GLY A 31 12.18 -10.64 -4.68
C GLY A 31 12.37 -11.35 -3.35
N TRP A 32 13.36 -10.90 -2.58
CA TRP A 32 13.64 -11.48 -1.28
C TRP A 32 12.37 -11.60 -0.44
N GLY A 33 12.47 -12.31 0.68
CA GLY A 33 11.32 -12.48 1.55
C GLY A 33 10.50 -13.70 1.19
N SER A 34 9.46 -13.50 0.39
CA SER A 34 8.59 -14.60 -0.03
C SER A 34 8.85 -14.97 -1.49
N LEU A 35 8.64 -16.24 -1.81
CA LEU A 35 8.85 -16.74 -3.16
C LEU A 35 8.42 -15.70 -4.19
N LEU A 36 7.14 -15.33 -4.14
CA LEU A 36 6.59 -14.35 -5.07
C LEU A 36 6.97 -12.93 -4.65
N PRO A 37 6.99 -12.01 -5.62
CA PRO A 37 7.33 -10.61 -5.38
C PRO A 37 6.27 -9.88 -4.57
N THR A 38 6.66 -8.78 -3.92
CA THR A 38 5.73 -8.00 -3.12
C THR A 38 5.90 -6.51 -3.39
N ALA A 39 4.86 -5.75 -3.05
CA ALA A 39 4.89 -4.30 -3.26
C ALA A 39 5.57 -3.58 -2.10
N VAL A 40 6.81 -3.15 -2.32
CA VAL A 40 7.56 -2.46 -1.28
C VAL A 40 7.73 -0.98 -1.62
N ILE A 41 7.51 -0.13 -0.63
CA ILE A 41 7.62 1.31 -0.83
C ILE A 41 9.09 1.73 -0.95
N ALA A 42 9.49 2.12 -2.16
CA ALA A 42 10.86 2.56 -2.41
C ALA A 42 11.14 3.89 -1.74
N ASN A 43 10.30 4.87 -2.00
CA ASN A 43 10.46 6.20 -1.43
C ASN A 43 9.10 6.88 -1.21
N LEU A 44 9.10 7.91 -0.38
CA LEU A 44 7.87 8.64 -0.10
C LEU A 44 8.11 10.15 -0.10
N LEU A 45 7.05 10.92 -0.32
CA LEU A 45 7.14 12.37 -0.36
C LEU A 45 6.63 12.98 0.94
N HIS A 46 7.55 13.28 1.85
CA HIS A 46 7.19 13.87 3.13
C HIS A 46 6.21 15.02 2.95
N GLY A 47 4.93 14.75 3.16
CA GLY A 47 3.92 15.77 3.01
C GLY A 47 2.69 15.28 2.26
N GLY A 48 2.87 14.23 1.47
CA GLY A 48 1.77 13.67 0.70
C GLY A 48 0.63 13.21 1.60
N PRO A 49 -0.49 12.81 0.97
CA PRO A 49 -1.67 12.34 1.68
C PRO A 49 -1.45 10.99 2.35
N ALA A 50 -0.58 10.17 1.76
CA ALA A 50 -0.28 8.86 2.30
C ALA A 50 0.83 8.93 3.35
N GLU A 51 1.82 9.79 3.09
CA GLU A 51 2.94 9.96 4.01
C GLU A 51 2.48 10.64 5.30
N ARG A 52 1.74 11.74 5.15
CA ARG A 52 1.26 12.48 6.30
C ARG A 52 0.72 11.54 7.38
N SER A 53 0.23 10.38 6.95
CA SER A 53 -0.32 9.39 7.87
C SER A 53 0.65 9.11 9.01
N GLY A 54 1.94 9.02 8.67
CA GLY A 54 2.94 8.75 9.69
C GLY A 54 3.17 7.28 9.92
N ALA A 55 2.09 6.50 9.80
CA ALA A 55 2.18 5.06 10.00
C ALA A 55 2.81 4.37 8.80
N LEU A 56 2.52 4.88 7.61
CA LEU A 56 3.06 4.32 6.38
C LEU A 56 4.41 4.94 6.04
N SER A 57 5.47 4.13 6.16
CA SER A 57 6.82 4.61 5.87
C SER A 57 7.54 3.63 4.94
N ILE A 58 8.56 4.13 4.25
CA ILE A 58 9.33 3.32 3.34
C ILE A 58 9.56 1.92 3.90
N GLY A 59 9.35 0.90 3.06
CA GLY A 59 9.55 -0.47 3.50
C GLY A 59 8.24 -1.23 3.59
N ASP A 60 7.31 -0.71 4.38
CA ASP A 60 6.00 -1.36 4.55
C ASP A 60 5.55 -2.01 3.25
N ARG A 61 5.06 -3.25 3.37
CA ARG A 61 4.60 -3.99 2.20
C ARG A 61 3.11 -3.74 1.95
N LEU A 62 2.76 -3.49 0.69
CA LEU A 62 1.37 -3.23 0.31
C LEU A 62 0.69 -4.51 -0.17
N THR A 63 -0.56 -4.69 0.24
CA THR A 63 -1.33 -5.87 -0.17
C THR A 63 -2.46 -5.50 -1.11
N ALA A 64 -3.06 -4.34 -0.88
CA ALA A 64 -4.16 -3.86 -1.72
C ALA A 64 -4.34 -2.36 -1.58
N ILE A 65 -5.22 -1.80 -2.41
CA ILE A 65 -5.48 -0.36 -2.38
C ILE A 65 -6.96 -0.08 -2.61
N ASN A 66 -7.65 0.37 -1.56
CA ASN A 66 -9.06 0.68 -1.66
C ASN A 66 -9.87 -0.56 -2.03
N GLY A 67 -9.37 -1.73 -1.64
CA GLY A 67 -10.05 -2.97 -1.95
C GLY A 67 -9.67 -3.53 -3.30
N THR A 68 -8.37 -3.42 -3.64
CA THR A 68 -7.88 -3.91 -4.92
C THR A 68 -6.66 -4.80 -4.72
N SER A 69 -6.89 -6.10 -4.62
CA SER A 69 -5.79 -7.06 -4.43
C SER A 69 -4.64 -6.76 -5.38
N LEU A 70 -3.49 -6.43 -4.80
CA LEU A 70 -2.30 -6.12 -5.59
C LEU A 70 -1.23 -7.18 -5.40
N VAL A 71 -1.29 -7.88 -4.27
CA VAL A 71 -0.33 -8.94 -3.98
C VAL A 71 -0.34 -10.01 -5.05
N GLY A 72 0.78 -10.14 -5.77
CA GLY A 72 0.87 -11.14 -6.82
C GLY A 72 1.02 -10.52 -8.20
N LEU A 73 0.51 -9.30 -8.35
CA LEU A 73 0.59 -8.60 -9.64
C LEU A 73 1.95 -7.91 -9.79
N PRO A 74 2.37 -7.72 -11.05
CA PRO A 74 3.65 -7.07 -11.37
C PRO A 74 3.63 -5.58 -11.04
N LEU A 75 4.80 -5.03 -10.75
CA LEU A 75 4.93 -3.61 -10.43
C LEU A 75 4.06 -2.77 -11.35
N ALA A 76 4.19 -3.00 -12.65
CA ALA A 76 3.42 -2.26 -13.64
C ALA A 76 1.96 -2.09 -13.19
N ALA A 77 1.36 -3.20 -12.78
CA ALA A 77 -0.02 -3.18 -12.33
C ALA A 77 -0.21 -2.21 -11.16
N CYS A 78 0.60 -2.37 -10.12
CA CYS A 78 0.52 -1.50 -8.95
C CYS A 78 0.70 -0.04 -9.34
N GLN A 79 1.66 0.22 -10.22
CA GLN A 79 1.94 1.58 -10.68
C GLN A 79 0.72 2.17 -11.36
N ALA A 80 0.08 1.38 -12.22
CA ALA A 80 -1.11 1.84 -12.94
C ALA A 80 -2.27 2.09 -11.99
N ALA A 81 -2.40 1.21 -10.99
CA ALA A 81 -3.47 1.32 -10.01
C ALA A 81 -3.27 2.55 -9.12
N VAL A 82 -2.13 2.59 -8.44
CA VAL A 82 -1.81 3.71 -7.55
C VAL A 82 -1.94 5.04 -8.28
N ARG A 83 -1.83 5.00 -9.59
CA ARG A 83 -1.94 6.21 -10.41
C ARG A 83 -3.40 6.62 -10.59
N GLU A 84 -4.28 5.62 -10.62
CA GLU A 84 -5.70 5.88 -10.79
C GLU A 84 -6.29 6.55 -9.55
N THR A 85 -5.79 6.15 -8.38
CA THR A 85 -6.27 6.71 -7.13
C THR A 85 -6.15 8.24 -7.12
N LYS A 86 -5.12 8.75 -7.78
CA LYS A 86 -4.89 10.18 -7.84
C LYS A 86 -6.21 10.93 -8.06
N SER A 87 -7.07 10.38 -8.90
CA SER A 87 -8.36 11.00 -9.20
C SER A 87 -9.23 11.05 -7.95
N GLN A 88 -9.33 9.93 -7.24
CA GLN A 88 -10.13 9.85 -6.03
C GLN A 88 -9.57 10.78 -4.95
N THR A 89 -10.32 10.94 -3.87
CA THR A 89 -9.91 11.79 -2.78
C THR A 89 -9.62 10.98 -1.52
N SER A 90 -9.76 9.67 -1.62
CA SER A 90 -9.52 8.77 -0.49
C SER A 90 -8.69 7.57 -0.93
N VAL A 91 -7.77 7.14 -0.06
CA VAL A 91 -6.92 6.00 -0.35
C VAL A 91 -6.68 5.17 0.90
N THR A 92 -7.13 3.92 0.88
CA THR A 92 -6.96 3.02 2.02
C THR A 92 -5.86 2.01 1.75
N LEU A 93 -4.72 2.20 2.41
CA LEU A 93 -3.58 1.29 2.25
C LEU A 93 -3.67 0.13 3.23
N SER A 94 -3.29 -1.06 2.76
CA SER A 94 -3.32 -2.24 3.60
C SER A 94 -1.95 -2.92 3.65
N ILE A 95 -1.48 -3.19 4.86
CA ILE A 95 -0.18 -3.83 5.04
C ILE A 95 -0.28 -4.99 6.01
N VAL A 96 0.79 -5.80 6.06
CA VAL A 96 0.82 -6.96 6.96
C VAL A 96 1.30 -6.56 8.35
N HIS A 97 0.38 -6.49 9.30
CA HIS A 97 0.71 -6.13 10.67
C HIS A 97 0.38 -7.27 11.63
N CYS A 98 1.35 -7.63 12.46
CA CYS A 98 1.17 -8.70 13.43
C CYS A 98 0.15 -8.30 14.50
N PRO A 99 -0.63 -9.29 14.98
CA PRO A 99 -1.64 -9.07 16.01
C PRO A 99 -1.04 -8.74 17.36
N PRO A 100 -1.68 -7.82 18.09
CA PRO A 100 -1.21 -7.40 19.42
C PRO A 100 -1.41 -8.49 20.47
N VAL A 101 -0.30 -9.04 20.96
CA VAL A 101 -0.35 -10.08 21.96
C VAL A 101 -1.01 -9.59 23.25
N GLY A 1 -14.25 -14.58 -6.53
CA GLY A 1 -14.55 -15.80 -5.79
C GLY A 1 -15.51 -15.57 -4.64
N SER A 2 -15.00 -15.67 -3.42
CA SER A 2 -15.82 -15.47 -2.23
C SER A 2 -14.95 -15.40 -0.98
N SER A 3 -15.02 -14.27 -0.28
CA SER A 3 -14.24 -14.07 0.93
C SER A 3 -14.89 -14.79 2.12
N GLY A 4 -14.06 -15.25 3.05
CA GLY A 4 -14.56 -15.94 4.22
C GLY A 4 -13.76 -15.63 5.47
N SER A 5 -12.53 -16.13 5.52
CA SER A 5 -11.67 -15.90 6.67
C SER A 5 -10.45 -15.06 6.29
N SER A 6 -9.83 -14.44 7.28
CA SER A 6 -8.66 -13.60 7.05
C SER A 6 -7.38 -14.40 7.20
N GLY A 7 -6.30 -13.89 6.61
CA GLY A 7 -5.02 -14.58 6.70
C GLY A 7 -4.47 -14.59 8.10
N ASP A 8 -3.46 -13.76 8.36
CA ASP A 8 -2.85 -13.68 9.68
C ASP A 8 -3.20 -12.36 10.38
N ASN A 9 -2.82 -11.26 9.76
CA ASN A 9 -3.09 -9.93 10.31
C ASN A 9 -2.83 -8.85 9.28
N CYS A 10 -3.82 -7.99 9.07
CA CYS A 10 -3.70 -6.89 8.11
C CYS A 10 -3.77 -5.54 8.81
N ARG A 11 -3.78 -4.47 8.02
CA ARG A 11 -3.84 -3.12 8.56
C ARG A 11 -4.66 -2.21 7.65
N GLU A 12 -5.74 -1.67 8.20
CA GLU A 12 -6.62 -0.78 7.43
C GLU A 12 -6.32 0.69 7.77
N VAL A 13 -5.58 1.35 6.90
CA VAL A 13 -5.23 2.75 7.09
C VAL A 13 -5.83 3.62 5.99
N HIS A 14 -6.93 4.31 6.33
CA HIS A 14 -7.61 5.19 5.39
C HIS A 14 -6.90 6.54 5.31
N LEU A 15 -6.84 7.09 4.10
CA LEU A 15 -6.19 8.39 3.89
C LEU A 15 -7.14 9.36 3.19
N GLU A 16 -6.82 10.64 3.26
CA GLU A 16 -7.64 11.67 2.64
C GLU A 16 -6.80 12.58 1.75
N LYS A 17 -6.92 12.41 0.43
CA LYS A 17 -6.18 13.21 -0.52
C LYS A 17 -7.10 14.18 -1.25
N ARG A 18 -6.51 15.02 -2.11
CA ARG A 18 -7.28 16.00 -2.86
C ARG A 18 -7.54 15.50 -4.28
N ARG A 19 -8.78 15.64 -4.73
CA ARG A 19 -9.16 15.20 -6.07
C ARG A 19 -8.17 15.72 -7.11
N GLY A 20 -7.56 14.80 -7.84
CA GLY A 20 -6.60 15.17 -8.86
C GLY A 20 -5.23 15.48 -8.28
N GLU A 21 -4.90 14.84 -7.16
CA GLU A 21 -3.62 15.05 -6.51
C GLU A 21 -2.78 13.78 -6.53
N GLY A 22 -1.55 13.89 -7.03
CA GLY A 22 -0.67 12.73 -7.10
C GLY A 22 -0.45 12.09 -5.74
N LEU A 23 -1.00 10.89 -5.56
CA LEU A 23 -0.87 10.17 -4.30
C LEU A 23 0.49 10.45 -3.65
N GLY A 24 1.50 10.63 -4.49
CA GLY A 24 2.83 10.91 -3.97
C GLY A 24 3.45 9.72 -3.27
N VAL A 25 3.56 8.61 -3.99
CA VAL A 25 4.12 7.38 -3.43
C VAL A 25 4.99 6.66 -4.45
N ALA A 26 6.12 6.13 -3.99
CA ALA A 26 7.04 5.41 -4.86
C ALA A 26 7.18 3.96 -4.43
N LEU A 27 6.75 3.05 -5.31
CA LEU A 27 6.84 1.62 -5.03
C LEU A 27 7.79 0.92 -5.99
N VAL A 28 8.15 -0.31 -5.66
CA VAL A 28 9.06 -1.09 -6.49
C VAL A 28 8.70 -2.57 -6.47
N GLU A 29 9.50 -3.38 -7.15
CA GLU A 29 9.26 -4.82 -7.21
C GLU A 29 10.30 -5.57 -6.36
N SER A 30 9.81 -6.32 -5.38
CA SER A 30 10.68 -7.09 -4.49
C SER A 30 10.61 -8.58 -4.82
N GLY A 31 11.64 -9.31 -4.40
CA GLY A 31 11.67 -10.74 -4.65
C GLY A 31 12.85 -11.42 -3.99
N TRP A 32 13.05 -11.12 -2.70
CA TRP A 32 14.16 -11.71 -1.95
C TRP A 32 14.41 -13.14 -2.39
N GLY A 33 13.38 -13.97 -2.34
CA GLY A 33 13.51 -15.37 -2.74
C GLY A 33 12.86 -15.65 -4.07
N SER A 34 12.16 -16.78 -4.15
CA SER A 34 11.48 -17.18 -5.38
C SER A 34 9.99 -17.42 -5.13
N LEU A 35 9.39 -16.55 -4.32
CA LEU A 35 7.97 -16.67 -3.99
C LEU A 35 7.17 -15.57 -4.67
N LEU A 36 5.86 -15.62 -4.49
CA LEU A 36 4.97 -14.62 -5.10
C LEU A 36 5.50 -13.21 -4.85
N PRO A 37 5.33 -12.34 -5.85
CA PRO A 37 5.78 -10.93 -5.76
C PRO A 37 4.95 -10.12 -4.79
N THR A 38 5.55 -9.07 -4.23
CA THR A 38 4.86 -8.21 -3.27
C THR A 38 5.18 -6.74 -3.53
N ALA A 39 4.30 -5.86 -3.08
CA ALA A 39 4.49 -4.43 -3.25
C ALA A 39 5.27 -3.83 -2.09
N VAL A 40 6.29 -3.04 -2.40
CA VAL A 40 7.11 -2.41 -1.38
C VAL A 40 7.35 -0.94 -1.71
N ILE A 41 7.20 -0.08 -0.71
CA ILE A 41 7.41 1.35 -0.87
C ILE A 41 8.89 1.69 -1.00
N ALA A 42 9.29 2.11 -2.20
CA ALA A 42 10.69 2.47 -2.44
C ALA A 42 11.01 3.86 -1.90
N ASN A 43 10.06 4.78 -2.05
CA ASN A 43 10.25 6.15 -1.57
C ASN A 43 8.91 6.86 -1.42
N LEU A 44 8.88 7.87 -0.56
CA LEU A 44 7.65 8.63 -0.31
C LEU A 44 7.95 10.12 -0.21
N LEU A 45 7.12 10.93 -0.85
CA LEU A 45 7.29 12.38 -0.83
C LEU A 45 6.84 12.97 0.51
N HIS A 46 7.80 13.31 1.35
CA HIS A 46 7.50 13.88 2.66
C HIS A 46 6.53 15.05 2.54
N GLY A 47 5.25 14.78 2.74
CA GLY A 47 4.24 15.81 2.65
C GLY A 47 3.00 15.35 1.92
N GLY A 48 3.10 14.19 1.27
CA GLY A 48 1.96 13.66 0.53
C GLY A 48 0.84 13.19 1.44
N PRO A 49 -0.28 12.77 0.84
CA PRO A 49 -1.44 12.29 1.59
C PRO A 49 -1.18 10.94 2.24
N ALA A 50 -0.28 10.15 1.65
CA ALA A 50 0.06 8.84 2.18
C ALA A 50 1.22 8.93 3.17
N GLU A 51 1.98 10.03 3.08
CA GLU A 51 3.12 10.23 3.96
C GLU A 51 2.71 10.99 5.21
N ARG A 52 1.85 11.99 5.04
CA ARG A 52 1.38 12.80 6.15
C ARG A 52 0.84 11.92 7.29
N SER A 53 0.40 10.72 6.93
CA SER A 53 -0.13 9.78 7.91
C SER A 53 0.86 9.56 9.04
N GLY A 54 2.12 9.38 8.68
CA GLY A 54 3.16 9.15 9.67
C GLY A 54 3.34 7.69 9.99
N ALA A 55 2.28 6.90 9.82
CA ALA A 55 2.34 5.47 10.09
C ALA A 55 2.91 4.71 8.90
N LEU A 56 2.72 5.25 7.71
CA LEU A 56 3.23 4.63 6.50
C LEU A 56 4.60 5.19 6.11
N SER A 57 5.58 4.31 6.00
CA SER A 57 6.93 4.72 5.64
C SER A 57 7.58 3.70 4.71
N ILE A 58 8.68 4.10 4.08
CA ILE A 58 9.40 3.21 3.16
C ILE A 58 9.65 1.85 3.81
N GLY A 59 9.25 0.79 3.12
CA GLY A 59 9.45 -0.55 3.63
C GLY A 59 8.15 -1.33 3.71
N ASP A 60 7.13 -0.72 4.28
CA ASP A 60 5.83 -1.37 4.42
C ASP A 60 5.44 -2.08 3.14
N ARG A 61 4.89 -3.29 3.27
CA ARG A 61 4.46 -4.06 2.12
C ARG A 61 2.97 -3.92 1.87
N LEU A 62 2.61 -3.37 0.71
CA LEU A 62 1.21 -3.18 0.35
C LEU A 62 0.62 -4.46 -0.25
N THR A 63 -0.62 -4.76 0.14
CA THR A 63 -1.30 -5.94 -0.36
C THR A 63 -2.50 -5.57 -1.23
N ALA A 64 -3.03 -4.37 -1.00
CA ALA A 64 -4.18 -3.89 -1.75
C ALA A 64 -4.46 -2.42 -1.43
N ILE A 65 -5.20 -1.76 -2.33
CA ILE A 65 -5.54 -0.36 -2.14
C ILE A 65 -7.06 -0.17 -2.07
N ASN A 66 -7.59 -0.03 -0.87
CA ASN A 66 -9.02 0.17 -0.67
C ASN A 66 -9.82 -0.84 -1.49
N GLY A 67 -9.32 -2.07 -1.55
CA GLY A 67 -10.00 -3.11 -2.31
C GLY A 67 -9.22 -3.55 -3.53
N THR A 68 -8.43 -2.63 -4.08
CA THR A 68 -7.62 -2.94 -5.26
C THR A 68 -6.53 -3.95 -4.94
N SER A 69 -6.91 -5.23 -4.88
CA SER A 69 -5.96 -6.29 -4.58
C SER A 69 -4.73 -6.21 -5.48
N LEU A 70 -3.57 -6.00 -4.87
CA LEU A 70 -2.32 -5.89 -5.62
C LEU A 70 -1.40 -7.05 -5.28
N VAL A 71 -1.92 -8.04 -4.57
CA VAL A 71 -1.12 -9.20 -4.18
C VAL A 71 -1.00 -10.20 -5.33
N GLY A 72 0.24 -10.51 -5.71
CA GLY A 72 0.46 -11.44 -6.80
C GLY A 72 0.51 -10.76 -8.15
N LEU A 73 0.46 -9.43 -8.13
CA LEU A 73 0.50 -8.66 -9.38
C LEU A 73 1.87 -8.04 -9.58
N PRO A 74 2.24 -7.82 -10.86
CA PRO A 74 3.52 -7.23 -11.22
C PRO A 74 3.61 -5.75 -10.85
N LEU A 75 4.79 -5.31 -10.41
CA LEU A 75 4.99 -3.92 -10.03
C LEU A 75 4.25 -2.98 -10.97
N ALA A 76 4.41 -3.21 -12.27
CA ALA A 76 3.75 -2.39 -13.28
C ALA A 76 2.31 -2.09 -12.88
N ALA A 77 1.52 -3.14 -12.67
CA ALA A 77 0.12 -2.98 -12.29
C ALA A 77 -0.03 -1.96 -11.17
N CYS A 78 0.68 -2.18 -10.07
CA CYS A 78 0.63 -1.27 -8.92
C CYS A 78 1.07 0.13 -9.33
N GLN A 79 2.00 0.21 -10.27
CA GLN A 79 2.50 1.50 -10.74
C GLN A 79 1.44 2.26 -11.52
N ALA A 80 0.65 1.52 -12.29
CA ALA A 80 -0.42 2.11 -13.09
C ALA A 80 -1.69 2.31 -12.26
N ALA A 81 -1.82 1.51 -11.21
CA ALA A 81 -2.99 1.58 -10.34
C ALA A 81 -2.87 2.76 -9.37
N VAL A 82 -1.71 2.88 -8.74
CA VAL A 82 -1.47 3.96 -7.78
C VAL A 82 -1.85 5.30 -8.37
N ARG A 83 -1.58 5.47 -9.67
CA ARG A 83 -1.89 6.73 -10.35
C ARG A 83 -3.39 6.97 -10.37
N GLU A 84 -4.16 5.89 -10.40
CA GLU A 84 -5.62 5.98 -10.43
C GLU A 84 -6.14 6.73 -9.20
N THR A 85 -5.56 6.40 -8.04
CA THR A 85 -5.96 7.04 -6.80
C THR A 85 -5.93 8.56 -6.91
N LYS A 86 -5.26 9.06 -7.94
CA LYS A 86 -5.15 10.48 -8.17
C LYS A 86 -6.53 11.10 -8.42
N SER A 87 -7.52 10.24 -8.65
CA SER A 87 -8.88 10.71 -8.91
C SER A 87 -9.81 10.34 -7.75
N GLN A 88 -9.21 10.00 -6.61
CA GLN A 88 -9.99 9.63 -5.43
C GLN A 88 -9.39 10.27 -4.18
N THR A 89 -10.22 11.04 -3.47
CA THR A 89 -9.79 11.71 -2.25
C THR A 89 -9.77 10.74 -1.08
N SER A 90 -9.93 9.46 -1.36
CA SER A 90 -9.93 8.44 -0.32
C SER A 90 -9.08 7.24 -0.73
N VAL A 91 -7.98 7.02 -0.01
CA VAL A 91 -7.09 5.92 -0.30
C VAL A 91 -6.75 5.14 0.97
N THR A 92 -7.12 3.86 0.99
CA THR A 92 -6.86 3.01 2.15
C THR A 92 -5.74 2.02 1.85
N LEU A 93 -4.62 2.18 2.56
CA LEU A 93 -3.48 1.30 2.39
C LEU A 93 -3.60 0.05 3.25
N SER A 94 -3.36 -1.11 2.65
CA SER A 94 -3.45 -2.38 3.37
C SER A 94 -2.07 -3.04 3.48
N ILE A 95 -1.52 -3.03 4.69
CA ILE A 95 -0.20 -3.63 4.94
C ILE A 95 -0.24 -4.55 6.15
N VAL A 96 0.67 -5.52 6.18
CA VAL A 96 0.74 -6.46 7.29
C VAL A 96 1.58 -5.90 8.43
N HIS A 97 1.13 -6.13 9.66
CA HIS A 97 1.83 -5.64 10.84
C HIS A 97 2.77 -6.71 11.40
N CYS A 98 4.08 -6.47 11.26
CA CYS A 98 5.07 -7.41 11.75
C CYS A 98 6.14 -6.70 12.55
N PRO A 99 6.66 -7.37 13.59
CA PRO A 99 7.71 -6.82 14.46
C PRO A 99 9.05 -6.71 13.74
N PRO A 100 9.81 -5.65 14.08
CA PRO A 100 11.12 -5.39 13.49
C PRO A 100 12.17 -6.41 13.94
N VAL A 101 13.07 -6.76 13.03
CA VAL A 101 14.12 -7.72 13.33
C VAL A 101 15.31 -7.04 13.99
N GLY A 1 -11.02 -4.98 24.95
CA GLY A 1 -11.29 -4.75 23.53
C GLY A 1 -12.16 -5.83 22.93
N SER A 2 -12.92 -5.46 21.91
CA SER A 2 -13.80 -6.41 21.23
C SER A 2 -13.22 -6.85 19.89
N SER A 3 -12.99 -5.88 19.00
CA SER A 3 -12.44 -6.18 17.69
C SER A 3 -10.95 -6.49 17.79
N GLY A 4 -10.59 -7.76 17.62
CA GLY A 4 -9.20 -8.17 17.68
C GLY A 4 -8.72 -8.80 16.39
N SER A 5 -7.46 -9.24 16.39
CA SER A 5 -6.87 -9.86 15.22
C SER A 5 -6.51 -11.32 15.50
N SER A 6 -6.80 -12.19 14.54
CA SER A 6 -6.50 -13.62 14.68
C SER A 6 -6.43 -14.29 13.32
N GLY A 7 -5.25 -14.78 12.96
CA GLY A 7 -5.08 -15.45 11.69
C GLY A 7 -4.59 -14.51 10.60
N ASP A 8 -5.37 -13.47 10.33
CA ASP A 8 -5.00 -12.50 9.30
C ASP A 8 -4.36 -11.26 9.93
N ASN A 9 -3.07 -11.10 9.69
CA ASN A 9 -2.33 -9.96 10.23
C ASN A 9 -2.13 -8.89 9.17
N CYS A 10 -3.12 -8.00 9.03
CA CYS A 10 -3.04 -6.93 8.05
C CYS A 10 -3.32 -5.58 8.70
N ARG A 11 -3.25 -4.52 7.90
CA ARG A 11 -3.49 -3.16 8.41
C ARG A 11 -4.20 -2.31 7.37
N GLU A 12 -5.21 -1.56 7.80
CA GLU A 12 -5.96 -0.70 6.91
C GLU A 12 -5.72 0.78 7.22
N VAL A 13 -5.11 1.48 6.28
CA VAL A 13 -4.82 2.90 6.46
C VAL A 13 -5.58 3.75 5.45
N HIS A 14 -6.67 4.37 5.90
CA HIS A 14 -7.48 5.22 5.03
C HIS A 14 -6.95 6.65 5.01
N LEU A 15 -6.82 7.21 3.81
CA LEU A 15 -6.33 8.57 3.65
C LEU A 15 -7.34 9.44 2.91
N GLU A 16 -7.11 10.75 2.94
CA GLU A 16 -8.01 11.69 2.27
C GLU A 16 -7.22 12.73 1.49
N LYS A 17 -7.22 12.60 0.17
CA LYS A 17 -6.50 13.53 -0.70
C LYS A 17 -7.47 14.38 -1.50
N ARG A 18 -6.93 15.32 -2.27
CA ARG A 18 -7.75 16.20 -3.09
C ARG A 18 -7.86 15.67 -4.51
N ARG A 19 -8.96 16.02 -5.18
CA ARG A 19 -9.19 15.58 -6.55
C ARG A 19 -8.05 16.03 -7.47
N GLY A 20 -7.39 15.06 -8.10
CA GLY A 20 -6.29 15.38 -9.00
C GLY A 20 -5.00 15.64 -8.25
N GLU A 21 -4.87 15.04 -7.06
CA GLU A 21 -3.67 15.22 -6.25
C GLU A 21 -2.82 13.95 -6.26
N GLY A 22 -1.54 14.11 -6.57
CA GLY A 22 -0.63 12.97 -6.61
C GLY A 22 -0.52 12.28 -5.27
N LEU A 23 -0.94 11.02 -5.21
CA LEU A 23 -0.89 10.25 -3.98
C LEU A 23 0.40 10.55 -3.21
N GLY A 24 1.50 10.66 -3.93
CA GLY A 24 2.78 10.94 -3.31
C GLY A 24 3.40 9.71 -2.68
N VAL A 25 3.60 8.67 -3.49
CA VAL A 25 4.18 7.42 -3.00
C VAL A 25 5.07 6.79 -4.06
N ALA A 26 6.03 5.98 -3.61
CA ALA A 26 6.95 5.31 -4.53
C ALA A 26 7.10 3.83 -4.16
N LEU A 27 6.54 2.96 -5.01
CA LEU A 27 6.61 1.52 -4.77
C LEU A 27 7.54 0.86 -5.78
N VAL A 28 7.91 -0.39 -5.50
CA VAL A 28 8.80 -1.14 -6.38
C VAL A 28 8.53 -2.64 -6.28
N GLU A 29 9.28 -3.42 -7.05
CA GLU A 29 9.13 -4.87 -7.05
C GLU A 29 10.23 -5.53 -6.23
N SER A 30 9.87 -6.62 -5.55
CA SER A 30 10.83 -7.35 -4.72
C SER A 30 10.75 -8.85 -4.99
N GLY A 31 11.78 -9.58 -4.57
CA GLY A 31 11.81 -11.02 -4.78
C GLY A 31 13.22 -11.56 -4.86
N TRP A 32 13.70 -12.14 -3.77
CA TRP A 32 15.04 -12.69 -3.73
C TRP A 32 15.01 -14.20 -3.97
N GLY A 33 14.02 -14.88 -3.38
CA GLY A 33 13.90 -16.30 -3.54
C GLY A 33 12.80 -16.69 -4.51
N SER A 34 12.67 -17.98 -4.79
CA SER A 34 11.65 -18.48 -5.71
C SER A 34 10.26 -18.33 -5.10
N LEU A 35 9.74 -17.10 -5.12
CA LEU A 35 8.41 -16.83 -4.58
C LEU A 35 7.76 -15.65 -5.30
N LEU A 36 6.45 -15.53 -5.14
CA LEU A 36 5.70 -14.45 -5.78
C LEU A 36 6.20 -13.09 -5.30
N PRO A 37 6.22 -12.11 -6.22
CA PRO A 37 6.67 -10.75 -5.91
C PRO A 37 5.69 -10.01 -5.00
N THR A 38 6.18 -8.95 -4.35
CA THR A 38 5.34 -8.16 -3.45
C THR A 38 5.59 -6.67 -3.65
N ALA A 39 4.62 -5.86 -3.25
CA ALA A 39 4.73 -4.41 -3.38
C ALA A 39 5.42 -3.80 -2.16
N VAL A 40 6.58 -3.20 -2.40
CA VAL A 40 7.35 -2.58 -1.32
C VAL A 40 7.55 -1.09 -1.59
N ILE A 41 7.28 -0.27 -0.58
CA ILE A 41 7.44 1.17 -0.70
C ILE A 41 8.91 1.56 -0.80
N ALA A 42 9.33 1.98 -1.99
CA ALA A 42 10.70 2.39 -2.22
C ALA A 42 10.98 3.76 -1.62
N ASN A 43 9.99 4.64 -1.67
CA ASN A 43 10.12 5.99 -1.13
C ASN A 43 8.76 6.66 -1.01
N LEU A 44 8.62 7.51 0.00
CA LEU A 44 7.37 8.23 0.23
C LEU A 44 7.59 9.74 0.17
N LEU A 45 6.64 10.44 -0.45
CA LEU A 45 6.73 11.89 -0.58
C LEU A 45 6.56 12.57 0.78
N HIS A 46 7.68 12.93 1.39
CA HIS A 46 7.67 13.59 2.69
C HIS A 46 6.80 14.85 2.65
N GLY A 47 5.49 14.66 2.85
CA GLY A 47 4.57 15.78 2.83
C GLY A 47 3.35 15.52 1.96
N GLY A 48 2.95 14.26 1.89
CA GLY A 48 1.79 13.90 1.09
C GLY A 48 0.68 13.28 1.92
N PRO A 49 -0.40 12.85 1.24
CA PRO A 49 -1.55 12.22 1.90
C PRO A 49 -1.22 10.84 2.45
N ALA A 50 -0.21 10.20 1.87
CA ALA A 50 0.21 8.87 2.31
C ALA A 50 1.23 8.96 3.44
N GLU A 51 2.06 9.99 3.39
CA GLU A 51 3.08 10.19 4.41
C GLU A 51 2.49 10.86 5.65
N ARG A 52 1.64 11.85 5.42
CA ARG A 52 1.00 12.58 6.52
C ARG A 52 0.47 11.61 7.58
N SER A 53 0.06 10.43 7.14
CA SER A 53 -0.47 9.42 8.06
C SER A 53 0.50 9.18 9.21
N GLY A 54 1.78 9.09 8.89
CA GLY A 54 2.79 8.84 9.90
C GLY A 54 2.97 7.37 10.20
N ALA A 55 2.13 6.53 9.60
CA ALA A 55 2.20 5.10 9.80
C ALA A 55 2.92 4.41 8.63
N LEU A 56 2.64 4.89 7.43
CA LEU A 56 3.25 4.32 6.23
C LEU A 56 4.63 4.92 5.98
N SER A 57 5.62 4.07 5.79
CA SER A 57 6.99 4.52 5.54
C SER A 57 7.71 3.55 4.61
N ILE A 58 8.87 3.98 4.11
CA ILE A 58 9.66 3.15 3.21
C ILE A 58 9.94 1.78 3.82
N GLY A 59 9.47 0.74 3.15
CA GLY A 59 9.67 -0.62 3.63
C GLY A 59 8.39 -1.42 3.66
N ASP A 60 7.36 -0.87 4.30
CA ASP A 60 6.08 -1.55 4.40
C ASP A 60 5.72 -2.24 3.08
N ARG A 61 5.01 -3.35 3.18
CA ARG A 61 4.62 -4.10 1.99
C ARG A 61 3.12 -3.97 1.73
N LEU A 62 2.77 -3.32 0.63
CA LEU A 62 1.36 -3.13 0.27
C LEU A 62 0.77 -4.40 -0.32
N THR A 63 -0.47 -4.71 0.07
CA THR A 63 -1.14 -5.90 -0.43
C THR A 63 -2.37 -5.53 -1.25
N ALA A 64 -2.86 -4.31 -1.06
CA ALA A 64 -4.03 -3.82 -1.79
C ALA A 64 -4.20 -2.32 -1.61
N ILE A 65 -5.14 -1.75 -2.35
CA ILE A 65 -5.41 -0.31 -2.27
C ILE A 65 -6.89 -0.02 -2.52
N ASN A 66 -7.50 0.69 -1.57
CA ASN A 66 -8.92 1.05 -1.69
C ASN A 66 -9.76 -0.18 -2.00
N GLY A 67 -9.39 -1.32 -1.40
CA GLY A 67 -10.13 -2.55 -1.63
C GLY A 67 -9.79 -3.19 -2.96
N THR A 68 -8.55 -3.03 -3.40
CA THR A 68 -8.11 -3.60 -4.67
C THR A 68 -6.95 -4.56 -4.46
N SER A 69 -7.23 -5.86 -4.63
CA SER A 69 -6.22 -6.89 -4.47
C SER A 69 -5.04 -6.64 -5.39
N LEU A 70 -3.90 -6.28 -4.80
CA LEU A 70 -2.70 -6.01 -5.58
C LEU A 70 -1.57 -6.97 -5.19
N VAL A 71 -1.92 -8.02 -4.45
CA VAL A 71 -0.95 -8.99 -4.01
C VAL A 71 -0.64 -10.01 -5.12
N GLY A 72 0.62 -10.42 -5.19
CA GLY A 72 1.03 -11.38 -6.20
C GLY A 72 1.07 -10.76 -7.59
N LEU A 73 0.82 -9.46 -7.67
CA LEU A 73 0.83 -8.75 -8.95
C LEU A 73 2.15 -8.02 -9.16
N PRO A 74 2.50 -7.77 -10.42
CA PRO A 74 3.74 -7.08 -10.79
C PRO A 74 3.70 -5.60 -10.41
N LEU A 75 4.88 -4.99 -10.33
CA LEU A 75 4.98 -3.58 -9.98
C LEU A 75 4.11 -2.72 -10.90
N ALA A 76 4.07 -3.09 -12.18
CA ALA A 76 3.27 -2.36 -13.16
C ALA A 76 1.83 -2.18 -12.67
N ALA A 77 1.21 -3.28 -12.27
CA ALA A 77 -0.17 -3.25 -11.78
C ALA A 77 -0.32 -2.21 -10.67
N CYS A 78 0.49 -2.34 -9.63
CA CYS A 78 0.43 -1.41 -8.51
C CYS A 78 0.72 0.01 -8.97
N GLN A 79 1.60 0.16 -9.94
CA GLN A 79 1.96 1.47 -10.46
C GLN A 79 0.78 2.11 -11.19
N ALA A 80 0.01 1.29 -11.91
CA ALA A 80 -1.15 1.77 -12.63
C ALA A 80 -2.30 2.11 -11.70
N ALA A 81 -2.48 1.27 -10.68
CA ALA A 81 -3.55 1.46 -9.70
C ALA A 81 -3.29 2.71 -8.86
N VAL A 82 -2.11 2.78 -8.27
CA VAL A 82 -1.74 3.92 -7.43
C VAL A 82 -1.82 5.22 -8.21
N ARG A 83 -1.84 5.12 -9.54
CA ARG A 83 -1.93 6.29 -10.39
C ARG A 83 -3.37 6.79 -10.48
N GLU A 84 -4.31 5.87 -10.58
CA GLU A 84 -5.73 6.21 -10.68
C GLU A 84 -6.17 7.01 -9.46
N THR A 85 -5.78 6.54 -8.27
CA THR A 85 -6.13 7.21 -7.03
C THR A 85 -6.01 8.73 -7.15
N LYS A 86 -5.06 9.17 -7.98
CA LYS A 86 -4.83 10.59 -8.19
C LYS A 86 -6.15 11.34 -8.31
N SER A 87 -6.99 10.91 -9.25
CA SER A 87 -8.30 11.54 -9.46
C SER A 87 -9.18 11.38 -8.23
N GLN A 88 -8.98 10.29 -7.50
CA GLN A 88 -9.77 10.03 -6.29
C GLN A 88 -9.30 10.90 -5.14
N THR A 89 -10.21 11.19 -4.22
CA THR A 89 -9.90 12.03 -3.06
C THR A 89 -9.64 11.16 -1.83
N SER A 90 -9.64 9.85 -2.02
CA SER A 90 -9.41 8.93 -0.91
C SER A 90 -8.43 7.83 -1.34
N VAL A 91 -7.67 7.33 -0.37
CA VAL A 91 -6.70 6.28 -0.63
C VAL A 91 -6.49 5.40 0.59
N THR A 92 -6.88 4.14 0.48
CA THR A 92 -6.74 3.19 1.58
C THR A 92 -5.60 2.21 1.33
N LEU A 93 -4.46 2.45 1.97
CA LEU A 93 -3.30 1.59 1.81
C LEU A 93 -3.35 0.43 2.80
N SER A 94 -3.14 -0.78 2.29
CA SER A 94 -3.17 -1.98 3.12
C SER A 94 -1.78 -2.62 3.19
N ILE A 95 -1.31 -2.85 4.42
CA ILE A 95 0.00 -3.45 4.63
C ILE A 95 -0.06 -4.54 5.68
N VAL A 96 1.00 -5.34 5.77
CA VAL A 96 1.07 -6.42 6.75
C VAL A 96 1.92 -6.02 7.95
N HIS A 97 1.51 -6.47 9.13
CA HIS A 97 2.24 -6.16 10.36
C HIS A 97 2.61 -7.44 11.11
N CYS A 98 3.72 -8.04 10.72
CA CYS A 98 4.18 -9.28 11.36
C CYS A 98 5.69 -9.41 11.24
N PRO A 99 6.37 -9.50 12.41
CA PRO A 99 7.82 -9.63 12.46
C PRO A 99 8.30 -10.99 11.97
N PRO A 100 9.48 -11.00 11.34
CA PRO A 100 10.08 -12.24 10.80
C PRO A 100 10.56 -13.17 11.91
N VAL A 101 9.99 -14.38 11.94
CA VAL A 101 10.36 -15.36 12.95
C VAL A 101 11.86 -15.59 12.97
N GLY A 1 -11.23 -19.93 18.29
CA GLY A 1 -12.12 -19.59 19.38
C GLY A 1 -12.52 -18.13 19.37
N SER A 2 -11.54 -17.24 19.22
CA SER A 2 -11.81 -15.81 19.19
C SER A 2 -12.42 -15.39 17.85
N SER A 3 -13.74 -15.34 17.80
CA SER A 3 -14.46 -14.97 16.58
C SER A 3 -13.87 -15.70 15.38
N GLY A 4 -13.58 -16.98 15.55
CA GLY A 4 -13.03 -17.78 14.46
C GLY A 4 -11.52 -17.93 14.57
N SER A 5 -10.93 -18.65 13.62
CA SER A 5 -9.50 -18.87 13.62
C SER A 5 -8.78 -17.75 12.87
N SER A 6 -7.63 -17.34 13.41
CA SER A 6 -6.85 -16.27 12.80
C SER A 6 -6.77 -16.44 11.28
N GLY A 7 -7.04 -15.37 10.56
CA GLY A 7 -7.01 -15.42 9.11
C GLY A 7 -6.03 -14.42 8.52
N ASP A 8 -6.55 -13.29 8.06
CA ASP A 8 -5.72 -12.25 7.47
C ASP A 8 -5.50 -11.10 8.45
N ASN A 9 -4.25 -10.87 8.82
CA ASN A 9 -3.91 -9.80 9.76
C ASN A 9 -3.32 -8.61 9.03
N CYS A 10 -4.18 -7.78 8.45
CA CYS A 10 -3.74 -6.60 7.72
C CYS A 10 -4.22 -5.32 8.40
N ARG A 11 -3.48 -4.24 8.20
CA ARG A 11 -3.84 -2.96 8.80
C ARG A 11 -4.46 -2.03 7.77
N GLU A 12 -5.68 -1.55 8.05
CA GLU A 12 -6.37 -0.66 7.14
C GLU A 12 -6.09 0.80 7.48
N VAL A 13 -5.36 1.48 6.61
CA VAL A 13 -5.01 2.88 6.83
C VAL A 13 -5.61 3.76 5.74
N HIS A 14 -6.68 4.45 6.06
CA HIS A 14 -7.35 5.33 5.11
C HIS A 14 -6.65 6.69 5.05
N LEU A 15 -6.69 7.32 3.87
CA LEU A 15 -6.07 8.62 3.68
C LEU A 15 -7.05 9.62 3.09
N GLU A 16 -6.67 10.89 3.08
CA GLU A 16 -7.52 11.94 2.55
C GLU A 16 -6.72 12.86 1.61
N LYS A 17 -6.97 12.71 0.31
CA LYS A 17 -6.28 13.51 -0.69
C LYS A 17 -7.25 14.46 -1.40
N ARG A 18 -6.73 15.30 -2.27
CA ARG A 18 -7.54 16.25 -3.02
C ARG A 18 -7.62 15.87 -4.49
N ARG A 19 -8.83 15.89 -5.03
CA ARG A 19 -9.05 15.53 -6.43
C ARG A 19 -7.86 15.98 -7.28
N GLY A 20 -7.27 15.03 -8.01
CA GLY A 20 -6.14 15.35 -8.86
C GLY A 20 -4.84 15.46 -8.08
N GLU A 21 -4.83 14.90 -6.87
CA GLU A 21 -3.65 14.94 -6.03
C GLU A 21 -2.88 13.63 -6.10
N GLY A 22 -1.56 13.72 -6.32
CA GLY A 22 -0.74 12.53 -6.40
C GLY A 22 -0.65 11.79 -5.09
N LEU A 23 -1.18 10.58 -5.05
CA LEU A 23 -1.15 9.75 -3.84
C LEU A 23 0.14 9.96 -3.07
N GLY A 24 1.23 10.15 -3.81
CA GLY A 24 2.52 10.36 -3.18
C GLY A 24 3.07 9.09 -2.54
N VAL A 25 3.25 8.05 -3.36
CA VAL A 25 3.77 6.78 -2.87
C VAL A 25 4.61 6.09 -3.94
N ALA A 26 5.90 5.92 -3.65
CA ALA A 26 6.82 5.28 -4.58
C ALA A 26 7.04 3.81 -4.21
N LEU A 27 6.52 2.91 -5.03
CA LEU A 27 6.66 1.48 -4.77
C LEU A 27 7.68 0.86 -5.73
N VAL A 28 8.04 -0.39 -5.48
CA VAL A 28 9.01 -1.10 -6.30
C VAL A 28 8.73 -2.60 -6.31
N GLU A 29 9.46 -3.32 -7.17
CA GLU A 29 9.28 -4.77 -7.27
C GLU A 29 10.34 -5.50 -6.46
N SER A 30 9.93 -6.06 -5.33
CA SER A 30 10.85 -6.79 -4.46
C SER A 30 10.40 -8.24 -4.30
N GLY A 31 11.13 -8.98 -3.45
CA GLY A 31 10.79 -10.37 -3.23
C GLY A 31 11.46 -11.30 -4.22
N TRP A 32 12.04 -12.39 -3.73
CA TRP A 32 12.70 -13.36 -4.59
C TRP A 32 11.75 -13.92 -5.63
N GLY A 33 12.23 -14.85 -6.44
CA GLY A 33 11.40 -15.46 -7.47
C GLY A 33 11.06 -16.90 -7.15
N SER A 34 9.96 -17.09 -6.42
CA SER A 34 9.52 -18.43 -6.05
C SER A 34 8.09 -18.68 -6.49
N LEU A 35 7.14 -18.02 -5.83
CA LEU A 35 5.73 -18.17 -6.15
C LEU A 35 5.17 -16.87 -6.73
N LEU A 36 5.13 -15.83 -5.90
CA LEU A 36 4.63 -14.53 -6.32
C LEU A 36 5.40 -13.40 -5.66
N PRO A 37 5.62 -12.31 -6.41
CA PRO A 37 6.34 -11.13 -5.91
C PRO A 37 5.55 -10.37 -4.85
N THR A 38 6.16 -9.33 -4.30
CA THR A 38 5.51 -8.51 -3.29
C THR A 38 5.74 -7.02 -3.55
N ALA A 39 4.83 -6.19 -3.04
CA ALA A 39 4.93 -4.75 -3.22
C ALA A 39 5.57 -4.10 -2.00
N VAL A 40 6.49 -3.17 -2.26
CA VAL A 40 7.19 -2.47 -1.18
C VAL A 40 7.34 -0.98 -1.50
N ILE A 41 7.23 -0.15 -0.48
CA ILE A 41 7.37 1.29 -0.66
C ILE A 41 8.83 1.69 -0.83
N ALA A 42 9.21 1.97 -2.07
CA ALA A 42 10.58 2.38 -2.37
C ALA A 42 10.93 3.70 -1.70
N ASN A 43 9.97 4.62 -1.70
CA ASN A 43 10.17 5.93 -1.09
C ASN A 43 8.86 6.71 -1.03
N LEU A 44 8.79 7.66 -0.10
CA LEU A 44 7.59 8.48 0.06
C LEU A 44 7.94 9.96 0.06
N LEU A 45 6.97 10.79 -0.31
CA LEU A 45 7.18 12.23 -0.36
C LEU A 45 6.70 12.89 0.93
N HIS A 46 7.64 13.30 1.76
CA HIS A 46 7.31 13.95 3.04
C HIS A 46 6.34 15.10 2.81
N GLY A 47 5.04 14.80 2.85
CA GLY A 47 4.03 15.83 2.65
C GLY A 47 2.84 15.32 1.86
N GLY A 48 2.94 14.10 1.35
CA GLY A 48 1.86 13.52 0.58
C GLY A 48 0.71 13.06 1.46
N PRO A 49 -0.40 12.67 0.82
CA PRO A 49 -1.60 12.20 1.53
C PRO A 49 -1.39 10.85 2.19
N ALA A 50 -0.42 10.10 1.67
CA ALA A 50 -0.11 8.78 2.21
C ALA A 50 0.99 8.85 3.26
N GLU A 51 2.01 9.64 2.99
CA GLU A 51 3.13 9.81 3.93
C GLU A 51 2.69 10.58 5.17
N ARG A 52 1.89 11.62 4.97
CA ARG A 52 1.40 12.43 6.06
C ARG A 52 0.93 11.56 7.23
N SER A 53 0.37 10.40 6.90
CA SER A 53 -0.13 9.48 7.92
C SER A 53 0.91 9.28 9.02
N GLY A 54 2.16 9.07 8.60
CA GLY A 54 3.24 8.86 9.56
C GLY A 54 3.50 7.39 9.83
N ALA A 55 2.47 6.58 9.69
CA ALA A 55 2.59 5.14 9.92
C ALA A 55 3.08 4.43 8.66
N LEU A 56 3.04 5.13 7.54
CA LEU A 56 3.49 4.56 6.27
C LEU A 56 4.86 5.10 5.87
N SER A 57 5.85 4.23 5.86
CA SER A 57 7.21 4.63 5.52
C SER A 57 7.83 3.61 4.55
N ILE A 58 9.10 3.85 4.20
CA ILE A 58 9.81 2.96 3.29
C ILE A 58 10.04 1.59 3.93
N GLY A 59 9.50 0.54 3.30
CA GLY A 59 9.66 -0.80 3.82
C GLY A 59 8.35 -1.55 3.90
N ASP A 60 7.34 -0.90 4.46
CA ASP A 60 6.02 -1.51 4.62
C ASP A 60 5.56 -2.11 3.29
N ARG A 61 5.12 -3.37 3.33
CA ARG A 61 4.65 -4.06 2.14
C ARG A 61 3.18 -3.75 1.88
N LEU A 62 2.82 -3.61 0.61
CA LEU A 62 1.45 -3.32 0.22
C LEU A 62 0.74 -4.56 -0.29
N THR A 63 -0.48 -4.78 0.19
CA THR A 63 -1.26 -5.94 -0.21
C THR A 63 -2.34 -5.56 -1.21
N ALA A 64 -2.93 -4.39 -1.00
CA ALA A 64 -3.98 -3.90 -1.89
C ALA A 64 -4.23 -2.41 -1.68
N ILE A 65 -5.05 -1.82 -2.54
CA ILE A 65 -5.37 -0.40 -2.45
C ILE A 65 -6.85 -0.15 -2.73
N ASN A 66 -7.57 0.31 -1.70
CA ASN A 66 -8.99 0.59 -1.84
C ASN A 66 -9.74 -0.64 -2.33
N GLY A 67 -9.42 -1.80 -1.75
CA GLY A 67 -10.08 -3.04 -2.15
C GLY A 67 -9.55 -3.58 -3.46
N THR A 68 -8.27 -3.30 -3.76
CA THR A 68 -7.65 -3.75 -4.99
C THR A 68 -6.49 -4.70 -4.71
N SER A 69 -6.69 -5.98 -4.98
CA SER A 69 -5.66 -6.98 -4.74
C SER A 69 -4.39 -6.63 -5.52
N LEU A 70 -3.29 -6.44 -4.78
CA LEU A 70 -2.02 -6.11 -5.39
C LEU A 70 -0.90 -7.01 -4.87
N VAL A 71 -1.26 -7.88 -3.93
CA VAL A 71 -0.30 -8.81 -3.35
C VAL A 71 0.01 -9.96 -4.30
N GLY A 72 0.82 -9.68 -5.32
CA GLY A 72 1.17 -10.70 -6.28
C GLY A 72 1.12 -10.19 -7.71
N LEU A 73 1.41 -8.90 -7.89
CA LEU A 73 1.39 -8.30 -9.22
C LEU A 73 2.69 -7.53 -9.48
N PRO A 74 3.00 -7.33 -10.77
CA PRO A 74 4.21 -6.62 -11.18
C PRO A 74 4.14 -5.13 -10.88
N LEU A 75 5.29 -4.52 -10.62
CA LEU A 75 5.34 -3.09 -10.31
C LEU A 75 4.38 -2.30 -11.19
N ALA A 76 4.40 -2.57 -12.49
CA ALA A 76 3.52 -1.89 -13.43
C ALA A 76 2.10 -1.81 -12.89
N ALA A 77 1.55 -2.95 -12.51
CA ALA A 77 0.19 -3.00 -11.97
C ALA A 77 0.01 -1.98 -10.85
N CYS A 78 0.87 -2.05 -9.84
CA CYS A 78 0.79 -1.13 -8.72
C CYS A 78 0.94 0.32 -9.18
N GLN A 79 1.79 0.53 -10.18
CA GLN A 79 2.02 1.87 -10.71
C GLN A 79 0.79 2.37 -11.47
N ALA A 80 0.06 1.44 -12.08
CA ALA A 80 -1.13 1.79 -12.84
C ALA A 80 -2.29 2.12 -11.90
N ALA A 81 -2.48 1.29 -10.88
CA ALA A 81 -3.54 1.49 -9.91
C ALA A 81 -3.32 2.76 -9.10
N VAL A 82 -2.14 2.86 -8.49
CA VAL A 82 -1.80 4.02 -7.68
C VAL A 82 -2.04 5.32 -8.44
N ARG A 83 -2.04 5.23 -9.77
CA ARG A 83 -2.26 6.39 -10.62
C ARG A 83 -3.75 6.64 -10.82
N GLU A 84 -4.54 5.58 -10.71
CA GLU A 84 -5.99 5.69 -10.88
C GLU A 84 -6.64 6.34 -9.66
N THR A 85 -6.03 6.14 -8.50
CA THR A 85 -6.54 6.71 -7.26
C THR A 85 -6.48 8.23 -7.27
N LYS A 86 -5.43 8.76 -7.88
CA LYS A 86 -5.24 10.20 -7.96
C LYS A 86 -6.58 10.91 -8.15
N SER A 87 -7.35 10.47 -9.13
CA SER A 87 -8.66 11.07 -9.41
C SER A 87 -9.50 11.13 -8.13
N GLN A 88 -9.47 10.04 -7.36
CA GLN A 88 -10.24 9.97 -6.12
C GLN A 88 -9.63 10.87 -5.05
N THR A 89 -10.35 11.05 -3.96
CA THR A 89 -9.89 11.89 -2.86
C THR A 89 -9.61 11.06 -1.61
N SER A 90 -9.78 9.74 -1.73
CA SER A 90 -9.56 8.83 -0.61
C SER A 90 -8.76 7.62 -1.06
N VAL A 91 -7.83 7.19 -0.20
CA VAL A 91 -7.00 6.03 -0.50
C VAL A 91 -6.73 5.20 0.75
N THR A 92 -7.03 3.92 0.69
CA THR A 92 -6.82 3.03 1.82
C THR A 92 -5.69 2.04 1.54
N LEU A 93 -4.65 2.10 2.36
CA LEU A 93 -3.51 1.21 2.20
C LEU A 93 -3.57 0.06 3.20
N SER A 94 -3.27 -1.15 2.71
CA SER A 94 -3.30 -2.33 3.56
C SER A 94 -1.93 -3.01 3.59
N ILE A 95 -1.28 -2.98 4.75
CA ILE A 95 0.03 -3.59 4.91
C ILE A 95 0.03 -4.59 6.06
N VAL A 96 1.19 -5.19 6.32
CA VAL A 96 1.33 -6.16 7.39
C VAL A 96 1.77 -5.50 8.68
N HIS A 97 0.92 -5.56 9.70
CA HIS A 97 1.22 -4.96 10.99
C HIS A 97 1.46 -6.03 12.04
N CYS A 98 2.49 -6.83 11.84
CA CYS A 98 2.83 -7.90 12.77
C CYS A 98 4.34 -8.16 12.78
N PRO A 99 4.95 -8.16 13.97
CA PRO A 99 6.38 -8.39 14.15
C PRO A 99 6.77 -9.84 13.84
N PRO A 100 8.08 -10.08 13.69
CA PRO A 100 8.60 -11.42 13.40
C PRO A 100 8.47 -12.36 14.59
N VAL A 101 7.82 -13.49 14.36
CA VAL A 101 7.62 -14.49 15.41
C VAL A 101 8.12 -15.86 14.97
N GLY A 1 -24.92 -17.54 8.74
CA GLY A 1 -24.22 -16.33 9.09
C GLY A 1 -23.04 -16.05 8.19
N SER A 2 -23.03 -14.88 7.58
CA SER A 2 -21.95 -14.49 6.67
C SER A 2 -20.62 -14.47 7.40
N SER A 3 -19.56 -14.89 6.71
CA SER A 3 -18.23 -14.92 7.29
C SER A 3 -17.53 -13.58 7.13
N GLY A 4 -17.70 -12.69 8.11
CA GLY A 4 -17.09 -11.38 8.05
C GLY A 4 -16.02 -11.20 9.11
N SER A 5 -14.76 -11.36 8.72
CA SER A 5 -13.65 -11.22 9.64
C SER A 5 -13.23 -9.75 9.77
N SER A 6 -12.95 -9.33 11.00
CA SER A 6 -12.55 -7.95 11.26
C SER A 6 -11.23 -7.63 10.55
N GLY A 7 -10.20 -8.42 10.84
CA GLY A 7 -8.90 -8.20 10.22
C GLY A 7 -7.91 -7.57 11.16
N ASP A 8 -7.01 -8.38 11.72
CA ASP A 8 -6.01 -7.89 12.65
C ASP A 8 -4.62 -7.95 12.03
N ASN A 9 -4.26 -9.12 11.51
CA ASN A 9 -2.95 -9.31 10.90
C ASN A 9 -2.56 -8.08 10.07
N CYS A 10 -3.41 -7.72 9.12
CA CYS A 10 -3.15 -6.57 8.26
C CYS A 10 -3.62 -5.27 8.93
N ARG A 11 -3.19 -4.15 8.38
CA ARG A 11 -3.57 -2.85 8.92
C ARG A 11 -4.13 -1.94 7.84
N GLU A 12 -5.40 -1.58 7.97
CA GLU A 12 -6.06 -0.71 6.99
C GLU A 12 -5.82 0.77 7.33
N VAL A 13 -5.18 1.48 6.41
CA VAL A 13 -4.90 2.90 6.61
C VAL A 13 -5.68 3.75 5.62
N HIS A 14 -6.77 4.36 6.09
CA HIS A 14 -7.61 5.21 5.25
C HIS A 14 -7.10 6.64 5.27
N LEU A 15 -6.98 7.24 4.08
CA LEU A 15 -6.50 8.61 3.95
C LEU A 15 -7.47 9.45 3.11
N GLU A 16 -7.30 10.76 3.16
CA GLU A 16 -8.15 11.67 2.40
C GLU A 16 -7.31 12.67 1.62
N LYS A 17 -7.23 12.48 0.31
CA LYS A 17 -6.46 13.37 -0.55
C LYS A 17 -7.39 14.24 -1.38
N ARG A 18 -6.79 15.15 -2.16
CA ARG A 18 -7.58 16.05 -3.01
C ARG A 18 -7.68 15.49 -4.43
N ARG A 19 -8.81 15.75 -5.08
CA ARG A 19 -9.03 15.28 -6.44
C ARG A 19 -7.83 15.59 -7.33
N GLY A 20 -7.30 14.57 -7.98
CA GLY A 20 -6.16 14.75 -8.86
C GLY A 20 -4.91 15.15 -8.10
N GLU A 21 -4.76 14.61 -6.90
CA GLU A 21 -3.59 14.91 -6.07
C GLU A 21 -2.62 13.73 -6.05
N GLY A 22 -1.46 13.92 -6.67
CA GLY A 22 -0.46 12.87 -6.71
C GLY A 22 -0.30 12.16 -5.37
N LEU A 23 -0.82 10.95 -5.29
CA LEU A 23 -0.74 10.17 -4.05
C LEU A 23 0.58 10.43 -3.33
N GLY A 24 1.65 10.61 -4.10
CA GLY A 24 2.95 10.87 -3.53
C GLY A 24 3.56 9.64 -2.90
N VAL A 25 3.73 8.58 -3.69
CA VAL A 25 4.31 7.34 -3.19
C VAL A 25 5.17 6.67 -4.27
N ALA A 26 6.28 6.08 -3.84
CA ALA A 26 7.18 5.40 -4.76
C ALA A 26 7.37 3.94 -4.37
N LEU A 27 6.85 3.04 -5.18
CA LEU A 27 6.96 1.61 -4.92
C LEU A 27 7.97 0.96 -5.86
N VAL A 28 8.42 -0.24 -5.49
CA VAL A 28 9.40 -0.96 -6.30
C VAL A 28 9.17 -2.47 -6.22
N GLU A 29 10.00 -3.23 -6.92
CA GLU A 29 9.88 -4.68 -6.93
C GLU A 29 10.80 -5.31 -5.89
N SER A 30 10.31 -6.35 -5.22
CA SER A 30 11.09 -7.03 -4.19
C SER A 30 10.71 -8.50 -4.11
N GLY A 31 11.62 -9.38 -4.53
CA GLY A 31 11.37 -10.80 -4.50
C GLY A 31 12.62 -11.61 -4.27
N TRP A 32 12.46 -12.83 -3.75
CA TRP A 32 13.59 -13.71 -3.49
C TRP A 32 13.82 -14.66 -4.64
N GLY A 33 13.61 -14.16 -5.86
CA GLY A 33 13.80 -14.99 -7.04
C GLY A 33 12.62 -15.92 -7.30
N SER A 34 12.62 -17.07 -6.64
CA SER A 34 11.55 -18.04 -6.81
C SER A 34 10.25 -17.53 -6.20
N LEU A 35 10.33 -17.04 -4.97
CA LEU A 35 9.16 -16.52 -4.28
C LEU A 35 8.49 -15.41 -5.09
N LEU A 36 7.17 -15.33 -5.00
CA LEU A 36 6.41 -14.32 -5.72
C LEU A 36 6.80 -12.92 -5.26
N PRO A 37 6.84 -11.98 -6.21
CA PRO A 37 7.19 -10.58 -5.94
C PRO A 37 6.12 -9.86 -5.12
N THR A 38 6.53 -8.84 -4.38
CA THR A 38 5.62 -8.06 -3.56
C THR A 38 5.81 -6.57 -3.76
N ALA A 39 4.79 -5.79 -3.40
CA ALA A 39 4.85 -4.34 -3.55
C ALA A 39 5.47 -3.69 -2.31
N VAL A 40 6.59 -3.01 -2.50
CA VAL A 40 7.28 -2.34 -1.41
C VAL A 40 7.49 -0.86 -1.71
N ILE A 41 7.31 -0.02 -0.70
CA ILE A 41 7.48 1.41 -0.86
C ILE A 41 8.96 1.79 -0.91
N ALA A 42 9.44 2.10 -2.11
CA ALA A 42 10.84 2.47 -2.31
C ALA A 42 11.14 3.80 -1.63
N ASN A 43 10.25 4.77 -1.81
CA ASN A 43 10.43 6.09 -1.21
C ASN A 43 9.09 6.84 -1.14
N LEU A 44 9.03 7.84 -0.28
CA LEU A 44 7.81 8.63 -0.11
C LEU A 44 8.14 10.12 -0.01
N LEU A 45 7.18 10.96 -0.36
CA LEU A 45 7.36 12.40 -0.31
C LEU A 45 6.83 12.97 1.00
N HIS A 46 7.74 13.34 1.90
CA HIS A 46 7.35 13.89 3.19
C HIS A 46 6.34 15.03 3.02
N GLY A 47 5.08 14.74 3.36
CA GLY A 47 4.04 15.74 3.23
C GLY A 47 2.82 15.22 2.51
N GLY A 48 3.03 14.24 1.62
CA GLY A 48 1.92 13.67 0.88
C GLY A 48 0.85 13.11 1.78
N PRO A 49 -0.26 12.66 1.18
CA PRO A 49 -1.40 12.10 1.93
C PRO A 49 -1.06 10.75 2.55
N ALA A 50 -0.25 9.96 1.86
CA ALA A 50 0.14 8.64 2.34
C ALA A 50 1.27 8.75 3.36
N GLU A 51 2.13 9.75 3.19
CA GLU A 51 3.25 9.97 4.09
C GLU A 51 2.80 10.72 5.34
N ARG A 52 2.04 11.80 5.14
CA ARG A 52 1.54 12.61 6.24
C ARG A 52 1.06 11.72 7.39
N SER A 53 0.44 10.60 7.05
CA SER A 53 -0.07 9.68 8.04
C SER A 53 0.99 9.37 9.10
N GLY A 54 2.19 9.05 8.65
CA GLY A 54 3.28 8.74 9.56
C GLY A 54 3.49 7.25 9.72
N ALA A 55 2.40 6.48 9.67
CA ALA A 55 2.48 5.03 9.81
C ALA A 55 3.04 4.39 8.54
N LEU A 56 2.64 4.93 7.39
CA LEU A 56 3.09 4.40 6.11
C LEU A 56 4.43 5.02 5.71
N SER A 57 5.48 4.20 5.75
CA SER A 57 6.82 4.67 5.40
C SER A 57 7.51 3.66 4.47
N ILE A 58 8.76 3.96 4.13
CA ILE A 58 9.54 3.09 3.25
C ILE A 58 9.76 1.72 3.90
N GLY A 59 9.25 0.68 3.25
CA GLY A 59 9.40 -0.67 3.77
C GLY A 59 8.09 -1.43 3.78
N ASP A 60 7.07 -0.86 4.39
CA ASP A 60 5.76 -1.51 4.46
C ASP A 60 5.42 -2.20 3.15
N ARG A 61 4.71 -3.32 3.24
CA ARG A 61 4.33 -4.08 2.06
C ARG A 61 2.83 -3.94 1.78
N LEU A 62 2.50 -3.29 0.67
CA LEU A 62 1.11 -3.09 0.30
C LEU A 62 0.54 -4.32 -0.41
N THR A 63 -0.72 -4.62 -0.14
CA THR A 63 -1.38 -5.77 -0.74
C THR A 63 -2.52 -5.34 -1.65
N ALA A 64 -3.32 -4.39 -1.17
CA ALA A 64 -4.46 -3.89 -1.94
C ALA A 64 -4.54 -2.37 -1.87
N ILE A 65 -5.48 -1.80 -2.61
CA ILE A 65 -5.65 -0.35 -2.64
C ILE A 65 -7.11 0.02 -2.94
N ASN A 66 -7.82 0.46 -1.91
CA ASN A 66 -9.22 0.84 -2.07
C ASN A 66 -10.07 -0.34 -2.52
N GLY A 67 -9.69 -1.53 -2.06
CA GLY A 67 -10.42 -2.73 -2.42
C GLY A 67 -9.75 -3.52 -3.52
N THR A 68 -8.95 -2.83 -4.33
CA THR A 68 -8.24 -3.48 -5.44
C THR A 68 -7.14 -4.39 -4.92
N SER A 69 -6.91 -5.49 -5.63
CA SER A 69 -5.87 -6.44 -5.24
C SER A 69 -4.58 -6.20 -6.00
N LEU A 70 -3.47 -6.09 -5.27
CA LEU A 70 -2.17 -5.85 -5.89
C LEU A 70 -1.12 -6.78 -5.29
N VAL A 71 -1.56 -7.91 -4.75
CA VAL A 71 -0.65 -8.88 -4.16
C VAL A 71 -0.14 -9.87 -5.21
N GLY A 72 1.11 -10.28 -5.05
CA GLY A 72 1.70 -11.23 -5.99
C GLY A 72 1.62 -10.75 -7.42
N LEU A 73 1.41 -9.45 -7.60
CA LEU A 73 1.31 -8.86 -8.93
C LEU A 73 2.57 -8.07 -9.28
N PRO A 74 2.80 -7.87 -10.58
CA PRO A 74 3.97 -7.13 -11.07
C PRO A 74 3.87 -5.64 -10.75
N LEU A 75 5.01 -5.04 -10.41
CA LEU A 75 5.06 -3.62 -10.09
C LEU A 75 4.16 -2.81 -11.02
N ALA A 76 4.31 -3.05 -12.32
CA ALA A 76 3.51 -2.35 -13.32
C ALA A 76 2.07 -2.18 -12.85
N ALA A 77 1.45 -3.29 -12.46
CA ALA A 77 0.07 -3.28 -11.98
C ALA A 77 -0.11 -2.25 -10.88
N CYS A 78 0.71 -2.33 -9.84
CA CYS A 78 0.64 -1.41 -8.72
C CYS A 78 0.80 0.04 -9.20
N GLN A 79 1.74 0.26 -10.10
CA GLN A 79 1.98 1.60 -10.64
C GLN A 79 0.74 2.15 -11.32
N ALA A 80 0.05 1.29 -12.07
CA ALA A 80 -1.16 1.70 -12.78
C ALA A 80 -2.29 2.01 -11.80
N ALA A 81 -2.42 1.19 -10.77
CA ALA A 81 -3.45 1.38 -9.76
C ALA A 81 -3.18 2.64 -8.93
N VAL A 82 -2.01 2.68 -8.29
CA VAL A 82 -1.64 3.82 -7.46
C VAL A 82 -1.90 5.13 -8.20
N ARG A 83 -1.89 5.07 -9.52
CA ARG A 83 -2.12 6.26 -10.34
C ARG A 83 -3.60 6.64 -10.34
N GLU A 84 -4.47 5.64 -10.40
CA GLU A 84 -5.91 5.87 -10.41
C GLU A 84 -6.33 6.73 -9.22
N THR A 85 -5.93 6.32 -8.03
CA THR A 85 -6.26 7.04 -6.81
C THR A 85 -6.09 8.54 -7.00
N LYS A 86 -5.08 8.92 -7.78
CA LYS A 86 -4.80 10.33 -8.05
C LYS A 86 -6.10 11.13 -8.11
N SER A 87 -7.11 10.55 -8.73
CA SER A 87 -8.41 11.22 -8.86
C SER A 87 -9.20 11.12 -7.56
N GLN A 88 -9.28 9.90 -7.02
CA GLN A 88 -10.01 9.67 -5.78
C GLN A 88 -9.44 10.52 -4.64
N THR A 89 -10.33 11.14 -3.88
CA THR A 89 -9.93 11.99 -2.76
C THR A 89 -9.67 11.15 -1.51
N SER A 90 -9.70 9.84 -1.66
CA SER A 90 -9.47 8.93 -0.55
C SER A 90 -8.50 7.82 -0.93
N VAL A 91 -7.68 7.39 0.03
CA VAL A 91 -6.70 6.34 -0.21
C VAL A 91 -6.67 5.35 0.94
N THR A 92 -7.18 4.15 0.71
CA THR A 92 -7.20 3.11 1.73
C THR A 92 -6.18 2.02 1.44
N LEU A 93 -5.05 2.08 2.14
CA LEU A 93 -4.00 1.09 1.96
C LEU A 93 -4.12 -0.03 2.97
N SER A 94 -3.56 -1.19 2.63
CA SER A 94 -3.61 -2.36 3.51
C SER A 94 -2.29 -3.13 3.47
N ILE A 95 -1.64 -3.22 4.62
CA ILE A 95 -0.38 -3.93 4.73
C ILE A 95 -0.42 -4.99 5.83
N VAL A 96 0.62 -5.81 5.89
CA VAL A 96 0.70 -6.87 6.89
C VAL A 96 1.52 -6.42 8.09
N HIS A 97 0.84 -6.19 9.22
CA HIS A 97 1.50 -5.75 10.44
C HIS A 97 2.83 -6.47 10.62
N CYS A 98 3.90 -5.70 10.75
CA CYS A 98 5.24 -6.27 10.92
C CYS A 98 6.07 -5.41 11.88
N PRO A 99 7.09 -6.03 12.50
CA PRO A 99 7.97 -5.34 13.45
C PRO A 99 8.89 -4.34 12.75
N PRO A 100 9.53 -3.47 13.55
CA PRO A 100 10.44 -2.45 13.04
C PRO A 100 11.73 -3.05 12.48
N VAL A 101 12.10 -2.64 11.27
CA VAL A 101 13.30 -3.14 10.63
C VAL A 101 14.51 -2.30 11.02
N GLY A 1 -20.33 -14.62 22.68
CA GLY A 1 -19.60 -14.26 21.48
C GLY A 1 -18.74 -13.03 21.67
N SER A 2 -17.74 -13.14 22.54
CA SER A 2 -16.85 -12.03 22.82
C SER A 2 -16.55 -11.23 21.55
N SER A 3 -17.21 -10.09 21.42
CA SER A 3 -17.02 -9.24 20.25
C SER A 3 -15.54 -8.93 20.03
N GLY A 4 -15.15 -8.79 18.76
CA GLY A 4 -13.77 -8.50 18.44
C GLY A 4 -13.39 -8.96 17.05
N SER A 5 -12.24 -9.62 16.94
CA SER A 5 -11.76 -10.11 15.65
C SER A 5 -11.10 -11.48 15.80
N SER A 6 -11.38 -12.37 14.86
CA SER A 6 -10.81 -13.71 14.89
C SER A 6 -9.30 -13.67 15.11
N GLY A 7 -8.61 -12.89 14.29
CA GLY A 7 -7.17 -12.77 14.41
C GLY A 7 -6.49 -12.54 13.06
N ASP A 8 -6.81 -11.42 12.43
CA ASP A 8 -6.23 -11.09 11.13
C ASP A 8 -5.10 -10.08 11.29
N ASN A 9 -3.91 -10.45 10.83
CA ASN A 9 -2.75 -9.57 10.92
C ASN A 9 -2.74 -8.57 9.77
N CYS A 10 -3.90 -8.02 9.46
CA CYS A 10 -4.03 -7.04 8.38
C CYS A 10 -4.14 -5.62 8.94
N ARG A 11 -3.62 -4.66 8.18
CA ARG A 11 -3.66 -3.27 8.61
C ARG A 11 -4.39 -2.41 7.57
N GLU A 12 -5.39 -1.66 8.03
CA GLU A 12 -6.16 -0.80 7.15
C GLU A 12 -5.91 0.67 7.47
N VAL A 13 -5.26 1.37 6.55
CA VAL A 13 -4.96 2.79 6.73
C VAL A 13 -5.64 3.63 5.66
N HIS A 14 -6.69 4.35 6.06
CA HIS A 14 -7.43 5.20 5.13
C HIS A 14 -6.82 6.60 5.07
N LEU A 15 -6.83 7.20 3.89
CA LEU A 15 -6.28 8.54 3.71
C LEU A 15 -7.25 9.42 2.91
N GLU A 16 -7.08 10.73 3.04
CA GLU A 16 -7.94 11.68 2.34
C GLU A 16 -7.10 12.65 1.50
N LYS A 17 -7.14 12.45 0.19
CA LYS A 17 -6.38 13.30 -0.74
C LYS A 17 -7.32 14.23 -1.50
N ARG A 18 -6.73 15.11 -2.30
CA ARG A 18 -7.51 16.06 -3.09
C ARG A 18 -7.67 15.58 -4.53
N ARG A 19 -8.89 15.65 -5.04
CA ARG A 19 -9.17 15.21 -6.41
C ARG A 19 -8.02 15.59 -7.34
N GLY A 20 -7.41 14.58 -7.95
CA GLY A 20 -6.30 14.83 -8.85
C GLY A 20 -5.04 15.27 -8.14
N GLU A 21 -4.80 14.69 -6.97
CA GLU A 21 -3.62 15.04 -6.18
C GLU A 21 -2.65 13.87 -6.11
N GLY A 22 -1.49 14.03 -6.75
CA GLY A 22 -0.49 12.97 -6.74
C GLY A 22 -0.41 12.25 -5.41
N LEU A 23 -0.85 11.00 -5.39
CA LEU A 23 -0.82 10.21 -4.16
C LEU A 23 0.46 10.46 -3.38
N GLY A 24 1.55 10.71 -4.10
CA GLY A 24 2.84 10.96 -3.46
C GLY A 24 3.41 9.72 -2.81
N VAL A 25 3.66 8.69 -3.61
CA VAL A 25 4.21 7.45 -3.09
C VAL A 25 5.02 6.73 -4.17
N ALA A 26 6.22 6.27 -3.79
CA ALA A 26 7.09 5.57 -4.72
C ALA A 26 7.25 4.11 -4.33
N LEU A 27 6.70 3.21 -5.14
CA LEU A 27 6.77 1.78 -4.88
C LEU A 27 7.74 1.10 -5.84
N VAL A 28 8.09 -0.15 -5.54
CA VAL A 28 9.01 -0.91 -6.37
C VAL A 28 8.70 -2.41 -6.30
N GLU A 29 9.50 -3.20 -7.01
CA GLU A 29 9.31 -4.64 -7.03
C GLU A 29 10.32 -5.34 -6.13
N SER A 30 9.85 -6.31 -5.36
CA SER A 30 10.72 -7.06 -4.45
C SER A 30 10.28 -8.51 -4.34
N GLY A 31 10.99 -9.28 -3.52
CA GLY A 31 10.65 -10.68 -3.34
C GLY A 31 11.84 -11.59 -3.56
N TRP A 32 11.61 -12.90 -3.48
CA TRP A 32 12.67 -13.87 -3.67
C TRP A 32 13.00 -14.04 -5.16
N GLY A 33 11.98 -14.38 -5.94
CA GLY A 33 12.19 -14.56 -7.37
C GLY A 33 11.20 -15.54 -7.98
N SER A 34 11.02 -16.68 -7.32
CA SER A 34 10.10 -17.71 -7.79
C SER A 34 8.69 -17.48 -7.25
N LEU A 35 8.61 -17.27 -5.94
CA LEU A 35 7.32 -17.05 -5.29
C LEU A 35 6.72 -15.71 -5.72
N LEU A 36 5.39 -15.62 -5.66
CA LEU A 36 4.70 -14.40 -6.05
C LEU A 36 5.39 -13.17 -5.46
N PRO A 37 5.53 -12.12 -6.28
CA PRO A 37 6.16 -10.86 -5.85
C PRO A 37 5.33 -10.10 -4.84
N THR A 38 5.91 -9.05 -4.27
CA THR A 38 5.21 -8.23 -3.28
C THR A 38 5.48 -6.75 -3.51
N ALA A 39 4.53 -5.91 -3.10
CA ALA A 39 4.66 -4.47 -3.25
C ALA A 39 5.39 -3.85 -2.07
N VAL A 40 6.51 -3.20 -2.34
CA VAL A 40 7.31 -2.56 -1.30
C VAL A 40 7.60 -1.11 -1.64
N ILE A 41 7.43 -0.23 -0.66
CA ILE A 41 7.69 1.20 -0.85
C ILE A 41 9.17 1.48 -0.97
N ALA A 42 9.56 2.16 -2.05
CA ALA A 42 10.95 2.49 -2.28
C ALA A 42 11.27 3.91 -1.80
N ASN A 43 10.33 4.83 -2.01
CA ASN A 43 10.51 6.22 -1.59
C ASN A 43 9.15 6.89 -1.34
N LEU A 44 9.13 7.84 -0.43
CA LEU A 44 7.90 8.56 -0.10
C LEU A 44 8.17 10.05 0.06
N LEU A 45 7.19 10.88 -0.26
CA LEU A 45 7.31 12.32 -0.15
C LEU A 45 6.80 12.81 1.21
N HIS A 46 7.70 13.40 1.99
CA HIS A 46 7.34 13.91 3.31
C HIS A 46 6.33 15.06 3.18
N GLY A 47 5.05 14.72 3.12
CA GLY A 47 4.02 15.74 3.02
C GLY A 47 2.80 15.23 2.27
N GLY A 48 2.99 14.20 1.45
CA GLY A 48 1.88 13.65 0.69
C GLY A 48 0.74 13.20 1.57
N PRO A 49 -0.39 12.84 0.94
CA PRO A 49 -1.58 12.39 1.66
C PRO A 49 -1.39 11.03 2.32
N ALA A 50 -0.48 10.23 1.76
CA ALA A 50 -0.20 8.90 2.28
C ALA A 50 0.95 8.95 3.29
N GLU A 51 1.92 9.83 3.04
CA GLU A 51 3.07 9.96 3.93
C GLU A 51 2.71 10.77 5.17
N ARG A 52 1.82 11.74 4.99
CA ARG A 52 1.39 12.59 6.10
C ARG A 52 0.92 11.74 7.29
N SER A 53 0.31 10.61 6.99
CA SER A 53 -0.20 9.72 8.03
C SER A 53 0.87 9.47 9.09
N GLY A 54 2.09 9.18 8.64
CA GLY A 54 3.18 8.93 9.57
C GLY A 54 3.41 7.45 9.79
N ALA A 55 2.33 6.68 9.80
CA ALA A 55 2.42 5.24 10.02
C ALA A 55 3.04 4.54 8.81
N LEU A 56 2.77 5.07 7.62
CA LEU A 56 3.30 4.50 6.39
C LEU A 56 4.68 5.09 6.06
N SER A 57 5.69 4.24 6.04
CA SER A 57 7.05 4.67 5.74
C SER A 57 7.72 3.73 4.75
N ILE A 58 9.00 3.99 4.46
CA ILE A 58 9.75 3.16 3.53
C ILE A 58 9.90 1.74 4.05
N GLY A 59 9.23 0.80 3.40
CA GLY A 59 9.31 -0.59 3.81
C GLY A 59 7.95 -1.27 3.78
N ASP A 60 6.96 -0.65 4.41
CA ASP A 60 5.61 -1.22 4.45
C ASP A 60 5.29 -1.94 3.16
N ARG A 61 4.79 -3.17 3.28
CA ARG A 61 4.44 -3.98 2.12
C ARG A 61 2.94 -3.87 1.81
N LEU A 62 2.63 -3.29 0.66
CA LEU A 62 1.23 -3.12 0.24
C LEU A 62 0.66 -4.44 -0.27
N THR A 63 -0.59 -4.71 0.07
CA THR A 63 -1.26 -5.93 -0.36
C THR A 63 -2.39 -5.61 -1.33
N ALA A 64 -3.05 -4.48 -1.13
CA ALA A 64 -4.15 -4.07 -1.99
C ALA A 64 -4.43 -2.57 -1.84
N ILE A 65 -5.24 -2.03 -2.75
CA ILE A 65 -5.58 -0.62 -2.72
C ILE A 65 -7.08 -0.42 -2.91
N ASN A 66 -7.74 0.03 -1.85
CA ASN A 66 -9.19 0.27 -1.89
C ASN A 66 -9.92 -0.97 -2.39
N GLY A 67 -9.33 -2.14 -2.17
CA GLY A 67 -9.94 -3.38 -2.61
C GLY A 67 -9.14 -4.08 -3.68
N THR A 68 -8.43 -3.31 -4.49
CA THR A 68 -7.61 -3.86 -5.56
C THR A 68 -6.47 -4.72 -5.00
N SER A 69 -6.69 -6.02 -4.95
CA SER A 69 -5.69 -6.95 -4.43
C SER A 69 -4.49 -7.02 -5.37
N LEU A 70 -3.47 -6.23 -5.05
CA LEU A 70 -2.26 -6.20 -5.87
C LEU A 70 -1.37 -7.40 -5.56
N VAL A 71 -1.44 -7.89 -4.33
CA VAL A 71 -0.64 -9.03 -3.91
C VAL A 71 -0.65 -10.12 -4.99
N GLY A 72 0.51 -10.33 -5.61
CA GLY A 72 0.62 -11.34 -6.65
C GLY A 72 0.52 -10.75 -8.04
N LEU A 73 0.87 -9.48 -8.18
CA LEU A 73 0.81 -8.79 -9.47
C LEU A 73 2.11 -8.07 -9.76
N PRO A 74 2.39 -7.83 -11.05
CA PRO A 74 3.59 -7.14 -11.50
C PRO A 74 3.59 -5.66 -11.13
N LEU A 75 4.74 -5.14 -10.71
CA LEU A 75 4.86 -3.74 -10.33
C LEU A 75 3.97 -2.86 -11.20
N ALA A 76 4.06 -3.05 -12.51
CA ALA A 76 3.26 -2.27 -13.45
C ALA A 76 1.84 -2.09 -12.94
N ALA A 77 1.22 -3.19 -12.50
CA ALA A 77 -0.14 -3.15 -11.98
C ALA A 77 -0.26 -2.13 -10.85
N CYS A 78 0.61 -2.27 -9.84
CA CYS A 78 0.58 -1.37 -8.70
C CYS A 78 0.84 0.08 -9.13
N GLN A 79 1.82 0.26 -10.02
CA GLN A 79 2.14 1.58 -10.52
C GLN A 79 0.94 2.25 -11.16
N ALA A 80 0.15 1.46 -11.90
CA ALA A 80 -1.04 1.98 -12.57
C ALA A 80 -2.15 2.26 -11.56
N ALA A 81 -2.27 1.39 -10.56
CA ALA A 81 -3.29 1.56 -9.54
C ALA A 81 -3.02 2.78 -8.66
N VAL A 82 -1.82 2.84 -8.10
CA VAL A 82 -1.44 3.96 -7.25
C VAL A 82 -1.64 5.30 -7.96
N ARG A 83 -1.70 5.24 -9.29
CA ARG A 83 -1.90 6.44 -10.10
C ARG A 83 -3.38 6.78 -10.22
N GLU A 84 -4.21 5.75 -10.35
CA GLU A 84 -5.65 5.95 -10.47
C GLU A 84 -6.19 6.79 -9.32
N THR A 85 -5.85 6.40 -8.10
CA THR A 85 -6.29 7.11 -6.91
C THR A 85 -6.12 8.62 -7.08
N LYS A 86 -5.09 9.00 -7.82
CA LYS A 86 -4.81 10.41 -8.06
C LYS A 86 -6.11 11.22 -8.16
N SER A 87 -7.08 10.68 -8.88
CA SER A 87 -8.37 11.35 -9.05
C SER A 87 -9.21 11.22 -7.78
N GLN A 88 -9.25 10.03 -7.22
CA GLN A 88 -10.03 9.77 -6.00
C GLN A 88 -9.48 10.60 -4.83
N THR A 89 -10.39 11.08 -3.99
CA THR A 89 -10.00 11.88 -2.83
C THR A 89 -9.76 10.99 -1.61
N SER A 90 -9.80 9.68 -1.81
CA SER A 90 -9.59 8.73 -0.73
C SER A 90 -8.64 7.63 -1.15
N VAL A 91 -7.90 7.09 -0.18
CA VAL A 91 -6.94 6.02 -0.46
C VAL A 91 -6.75 5.14 0.77
N THR A 92 -7.12 3.87 0.64
CA THR A 92 -6.99 2.92 1.75
C THR A 92 -5.83 1.95 1.50
N LEU A 93 -4.71 2.21 2.17
CA LEU A 93 -3.53 1.35 2.02
C LEU A 93 -3.59 0.18 2.99
N SER A 94 -3.45 -1.04 2.44
CA SER A 94 -3.48 -2.24 3.26
C SER A 94 -2.10 -2.89 3.33
N ILE A 95 -1.56 -2.98 4.55
CA ILE A 95 -0.25 -3.58 4.76
C ILE A 95 -0.28 -4.55 5.93
N VAL A 96 0.82 -5.29 6.08
CA VAL A 96 0.92 -6.27 7.17
C VAL A 96 1.72 -5.71 8.33
N HIS A 97 1.22 -5.90 9.55
CA HIS A 97 1.89 -5.41 10.75
C HIS A 97 2.20 -6.56 11.70
N CYS A 98 3.44 -7.03 11.68
CA CYS A 98 3.86 -8.13 12.55
C CYS A 98 3.42 -7.89 13.98
N PRO A 99 3.19 -8.98 14.72
CA PRO A 99 2.76 -8.92 16.12
C PRO A 99 3.86 -8.40 17.05
N PRO A 100 3.44 -7.68 18.10
CA PRO A 100 4.37 -7.11 19.08
C PRO A 100 5.04 -8.18 19.94
N VAL A 101 6.30 -7.96 20.30
CA VAL A 101 7.04 -8.90 21.13
C VAL A 101 6.47 -8.96 22.54
N GLY A 1 -3.97 -32.39 9.35
CA GLY A 1 -4.24 -30.98 9.48
C GLY A 1 -3.13 -30.12 8.93
N SER A 2 -3.43 -28.85 8.65
CA SER A 2 -2.44 -27.92 8.12
C SER A 2 -2.49 -26.59 8.85
N SER A 3 -1.46 -25.77 8.66
CA SER A 3 -1.38 -24.47 9.31
C SER A 3 -2.61 -23.64 8.98
N GLY A 4 -2.84 -22.61 9.80
CA GLY A 4 -4.00 -21.75 9.58
C GLY A 4 -4.01 -21.13 8.19
N SER A 5 -5.09 -21.36 7.46
CA SER A 5 -5.23 -20.83 6.11
C SER A 5 -5.78 -19.41 6.14
N SER A 6 -6.82 -19.20 6.94
CA SER A 6 -7.44 -17.88 7.05
C SER A 6 -6.88 -17.12 8.25
N GLY A 7 -6.65 -15.83 8.05
CA GLY A 7 -6.11 -15.01 9.13
C GLY A 7 -6.50 -13.54 8.98
N ASP A 8 -7.20 -13.01 9.97
CA ASP A 8 -7.64 -11.62 9.95
C ASP A 8 -6.52 -10.71 10.44
N ASN A 9 -5.30 -10.94 9.95
CA ASN A 9 -4.16 -10.14 10.34
C ASN A 9 -3.79 -9.14 9.23
N CYS A 10 -4.55 -8.05 9.15
CA CYS A 10 -4.31 -7.03 8.14
C CYS A 10 -4.37 -5.64 8.77
N ARG A 11 -3.90 -4.64 8.02
CA ARG A 11 -3.89 -3.26 8.50
C ARG A 11 -4.63 -2.35 7.52
N GLU A 12 -5.60 -1.60 8.04
CA GLU A 12 -6.38 -0.68 7.21
C GLU A 12 -6.02 0.76 7.54
N VAL A 13 -5.34 1.42 6.60
CA VAL A 13 -4.94 2.81 6.79
C VAL A 13 -5.57 3.72 5.72
N HIS A 14 -6.61 4.44 6.10
CA HIS A 14 -7.30 5.34 5.19
C HIS A 14 -6.66 6.72 5.20
N LEU A 15 -6.65 7.37 4.04
CA LEU A 15 -6.06 8.70 3.90
C LEU A 15 -7.00 9.63 3.15
N GLU A 16 -6.70 10.93 3.19
CA GLU A 16 -7.51 11.93 2.52
C GLU A 16 -6.66 12.78 1.58
N LYS A 17 -6.98 12.74 0.29
CA LYS A 17 -6.26 13.51 -0.70
C LYS A 17 -7.19 14.46 -1.46
N ARG A 18 -6.61 15.28 -2.33
CA ARG A 18 -7.39 16.24 -3.11
C ARG A 18 -7.58 15.73 -4.54
N ARG A 19 -8.84 15.65 -4.97
CA ARG A 19 -9.16 15.18 -6.31
C ARG A 19 -8.09 15.63 -7.31
N GLY A 20 -7.33 14.68 -7.84
CA GLY A 20 -6.29 15.01 -8.79
C GLY A 20 -4.98 15.39 -8.12
N GLU A 21 -4.71 14.80 -6.96
CA GLU A 21 -3.50 15.08 -6.22
C GLU A 21 -2.60 13.85 -6.13
N GLY A 22 -1.47 13.89 -6.84
CA GLY A 22 -0.55 12.77 -6.83
C GLY A 22 -0.43 12.13 -5.46
N LEU A 23 -0.86 10.88 -5.35
CA LEU A 23 -0.79 10.16 -4.08
C LEU A 23 0.52 10.45 -3.36
N GLY A 24 1.59 10.62 -4.13
CA GLY A 24 2.88 10.91 -3.54
C GLY A 24 3.50 9.69 -2.87
N VAL A 25 3.54 8.57 -3.60
CA VAL A 25 4.11 7.34 -3.07
C VAL A 25 5.02 6.67 -4.10
N ALA A 26 6.17 6.18 -3.63
CA ALA A 26 7.11 5.51 -4.52
C ALA A 26 7.26 4.04 -4.15
N LEU A 27 6.76 3.17 -5.01
CA LEU A 27 6.84 1.73 -4.79
C LEU A 27 7.82 1.07 -5.75
N VAL A 28 8.16 -0.19 -5.48
CA VAL A 28 9.09 -0.94 -6.32
C VAL A 28 8.79 -2.43 -6.28
N GLU A 29 9.54 -3.20 -7.05
CA GLU A 29 9.36 -4.64 -7.10
C GLU A 29 10.28 -5.35 -6.11
N SER A 30 9.75 -6.35 -5.43
CA SER A 30 10.53 -7.10 -4.45
C SER A 30 10.29 -8.60 -4.60
N GLY A 31 11.28 -9.40 -4.19
CA GLY A 31 11.15 -10.84 -4.29
C GLY A 31 11.86 -11.39 -5.51
N TRP A 32 13.09 -11.84 -5.34
CA TRP A 32 13.88 -12.39 -6.43
C TRP A 32 13.93 -13.91 -6.35
N GLY A 33 13.04 -14.58 -7.08
CA GLY A 33 13.00 -16.03 -7.07
C GLY A 33 11.90 -16.58 -7.94
N SER A 34 11.02 -17.39 -7.34
CA SER A 34 9.92 -17.99 -8.07
C SER A 34 8.59 -17.40 -7.61
N LEU A 35 8.41 -17.30 -6.30
CA LEU A 35 7.18 -16.76 -5.73
C LEU A 35 6.92 -15.35 -6.24
N LEU A 36 5.66 -15.04 -6.50
CA LEU A 36 5.28 -13.71 -6.99
C LEU A 36 5.88 -12.62 -6.12
N PRO A 37 6.27 -11.50 -6.74
CA PRO A 37 6.86 -10.36 -6.04
C PRO A 37 5.84 -9.62 -5.17
N THR A 38 6.32 -8.64 -4.41
CA THR A 38 5.45 -7.87 -3.53
C THR A 38 5.70 -6.37 -3.69
N ALA A 39 4.73 -5.56 -3.29
CA ALA A 39 4.86 -4.12 -3.38
C ALA A 39 5.48 -3.54 -2.12
N VAL A 40 6.59 -2.83 -2.29
CA VAL A 40 7.29 -2.23 -1.16
C VAL A 40 7.55 -0.75 -1.40
N ILE A 41 7.16 0.09 -0.44
CA ILE A 41 7.35 1.53 -0.55
C ILE A 41 8.84 1.87 -0.65
N ALA A 42 9.29 2.20 -1.86
CA ALA A 42 10.68 2.55 -2.09
C ALA A 42 11.01 3.91 -1.47
N ASN A 43 10.09 4.87 -1.63
CA ASN A 43 10.28 6.20 -1.08
C ASN A 43 8.96 6.96 -1.03
N LEU A 44 8.90 7.96 -0.16
CA LEU A 44 7.69 8.76 0.00
C LEU A 44 8.03 10.25 0.07
N LEU A 45 7.06 11.09 -0.26
CA LEU A 45 7.26 12.53 -0.23
C LEU A 45 6.63 13.14 1.02
N HIS A 46 7.48 13.55 1.96
CA HIS A 46 7.00 14.16 3.21
C HIS A 46 6.02 15.29 2.92
N GLY A 47 4.75 15.04 3.22
CA GLY A 47 3.73 16.05 3.00
C GLY A 47 2.54 15.51 2.23
N GLY A 48 2.77 14.44 1.47
CA GLY A 48 1.70 13.84 0.68
C GLY A 48 0.56 13.35 1.55
N PRO A 49 -0.53 12.91 0.90
CA PRO A 49 -1.72 12.42 1.60
C PRO A 49 -1.46 11.07 2.28
N ALA A 50 -0.49 10.32 1.76
CA ALA A 50 -0.15 9.03 2.31
C ALA A 50 0.97 9.15 3.35
N GLU A 51 1.98 9.95 3.03
CA GLU A 51 3.11 10.15 3.93
C GLU A 51 2.69 10.92 5.17
N ARG A 52 1.91 11.98 4.96
CA ARG A 52 1.43 12.81 6.06
C ARG A 52 0.98 11.95 7.24
N SER A 53 0.29 10.86 6.93
CA SER A 53 -0.20 9.94 7.96
C SER A 53 0.87 9.68 9.01
N GLY A 54 2.10 9.47 8.56
CA GLY A 54 3.20 9.20 9.46
C GLY A 54 3.42 7.72 9.70
N ALA A 55 2.33 6.96 9.74
CA ALA A 55 2.40 5.53 9.96
C ALA A 55 2.97 4.82 8.73
N LEU A 56 2.66 5.33 7.55
CA LEU A 56 3.15 4.75 6.31
C LEU A 56 4.50 5.34 5.92
N SER A 57 5.55 4.53 6.02
CA SER A 57 6.89 4.98 5.68
C SER A 57 7.55 4.00 4.71
N ILE A 58 8.82 4.25 4.40
CA ILE A 58 9.56 3.40 3.48
C ILE A 58 9.81 2.03 4.09
N GLY A 59 9.27 0.99 3.44
CA GLY A 59 9.43 -0.36 3.93
C GLY A 59 8.15 -1.17 3.86
N ASP A 60 7.09 -0.65 4.47
CA ASP A 60 5.80 -1.32 4.48
C ASP A 60 5.55 -2.02 3.15
N ARG A 61 4.78 -3.10 3.19
CA ARG A 61 4.46 -3.86 1.99
C ARG A 61 2.97 -3.79 1.68
N LEU A 62 2.62 -3.12 0.59
CA LEU A 62 1.23 -2.98 0.19
C LEU A 62 0.72 -4.27 -0.45
N THR A 63 -0.53 -4.62 -0.16
CA THR A 63 -1.14 -5.82 -0.71
C THR A 63 -2.32 -5.48 -1.63
N ALA A 64 -3.08 -4.46 -1.23
CA ALA A 64 -4.23 -4.04 -2.01
C ALA A 64 -4.44 -2.53 -1.92
N ILE A 65 -5.29 -1.99 -2.78
CA ILE A 65 -5.57 -0.56 -2.79
C ILE A 65 -7.05 -0.29 -3.00
N ASN A 66 -7.71 0.23 -1.97
CA ASN A 66 -9.14 0.53 -2.03
C ASN A 66 -9.95 -0.72 -2.34
N GLY A 67 -9.39 -1.88 -1.97
CA GLY A 67 -10.08 -3.14 -2.21
C GLY A 67 -9.44 -3.94 -3.32
N THR A 68 -8.72 -3.26 -4.21
CA THR A 68 -8.06 -3.92 -5.32
C THR A 68 -6.90 -4.77 -4.85
N SER A 69 -7.09 -6.09 -4.89
CA SER A 69 -6.05 -7.03 -4.45
C SER A 69 -4.88 -7.02 -5.42
N LEU A 70 -3.84 -6.27 -5.08
CA LEU A 70 -2.65 -6.18 -5.93
C LEU A 70 -1.68 -7.32 -5.62
N VAL A 71 -1.81 -7.88 -4.42
CA VAL A 71 -0.94 -8.98 -4.00
C VAL A 71 -0.88 -10.07 -5.07
N GLY A 72 0.29 -10.25 -5.66
CA GLY A 72 0.46 -11.27 -6.69
C GLY A 72 0.68 -10.67 -8.07
N LEU A 73 0.13 -9.48 -8.30
CA LEU A 73 0.28 -8.81 -9.58
C LEU A 73 1.66 -8.16 -9.70
N PRO A 74 2.12 -7.97 -10.94
CA PRO A 74 3.42 -7.37 -11.23
C PRO A 74 3.45 -5.89 -10.88
N LEU A 75 4.64 -5.40 -10.49
CA LEU A 75 4.80 -4.00 -10.14
C LEU A 75 3.99 -3.10 -11.07
N ALA A 76 4.13 -3.33 -12.37
CA ALA A 76 3.40 -2.54 -13.35
C ALA A 76 1.95 -2.32 -12.93
N ALA A 77 1.30 -3.41 -12.51
CA ALA A 77 -0.09 -3.34 -12.07
C ALA A 77 -0.26 -2.31 -10.95
N CYS A 78 0.58 -2.42 -9.92
CA CYS A 78 0.52 -1.51 -8.79
C CYS A 78 0.80 -0.07 -9.22
N GLN A 79 1.79 0.09 -10.10
CA GLN A 79 2.17 1.40 -10.59
C GLN A 79 1.00 2.07 -11.32
N ALA A 80 0.27 1.27 -12.10
CA ALA A 80 -0.88 1.79 -12.84
C ALA A 80 -2.06 2.07 -11.91
N ALA A 81 -2.22 1.23 -10.89
CA ALA A 81 -3.31 1.39 -9.94
C ALA A 81 -3.10 2.63 -9.08
N VAL A 82 -1.95 2.69 -8.40
CA VAL A 82 -1.63 3.82 -7.54
C VAL A 82 -1.95 5.14 -8.23
N ARG A 83 -1.96 5.13 -9.56
CA ARG A 83 -2.25 6.33 -10.33
C ARG A 83 -3.75 6.64 -10.31
N GLU A 84 -4.56 5.59 -10.35
CA GLU A 84 -6.01 5.76 -10.34
C GLU A 84 -6.45 6.57 -9.13
N THR A 85 -5.98 6.19 -7.95
CA THR A 85 -6.31 6.88 -6.72
C THR A 85 -6.09 8.38 -6.85
N LYS A 86 -5.14 8.77 -7.68
CA LYS A 86 -4.84 10.17 -7.90
C LYS A 86 -6.10 11.02 -7.82
N SER A 87 -7.18 10.53 -8.42
CA SER A 87 -8.45 11.25 -8.41
C SER A 87 -9.20 11.01 -7.11
N GLN A 88 -9.30 9.75 -6.71
CA GLN A 88 -9.99 9.39 -5.47
C GLN A 88 -9.54 10.28 -4.32
N THR A 89 -10.49 10.96 -3.70
CA THR A 89 -10.19 11.85 -2.58
C THR A 89 -9.79 11.06 -1.33
N SER A 90 -9.77 9.73 -1.47
CA SER A 90 -9.41 8.86 -0.36
C SER A 90 -8.43 7.78 -0.82
N VAL A 91 -7.73 7.19 0.15
CA VAL A 91 -6.75 6.14 -0.15
C VAL A 91 -6.59 5.19 1.02
N THR A 92 -6.98 3.94 0.83
CA THR A 92 -6.88 2.93 1.87
C THR A 92 -5.77 1.94 1.58
N LEU A 93 -4.63 2.13 2.25
CA LEU A 93 -3.47 1.26 2.06
C LEU A 93 -3.53 0.08 3.01
N SER A 94 -3.17 -1.10 2.52
CA SER A 94 -3.19 -2.32 3.32
C SER A 94 -1.82 -3.00 3.31
N ILE A 95 -1.26 -3.24 4.50
CA ILE A 95 0.03 -3.88 4.61
C ILE A 95 0.02 -4.97 5.68
N VAL A 96 1.04 -5.81 5.67
CA VAL A 96 1.15 -6.90 6.63
C VAL A 96 1.97 -6.49 7.85
N HIS A 97 1.43 -6.72 9.04
CA HIS A 97 2.11 -6.37 10.28
C HIS A 97 2.65 -7.62 10.97
N CYS A 98 3.95 -7.85 10.85
CA CYS A 98 4.59 -9.00 11.46
C CYS A 98 4.97 -8.71 12.91
N PRO A 99 4.74 -9.69 13.80
CA PRO A 99 5.06 -9.55 15.22
C PRO A 99 6.55 -9.53 15.48
N PRO A 100 6.97 -8.81 16.53
CA PRO A 100 8.38 -8.69 16.91
C PRO A 100 8.93 -10.00 17.47
N VAL A 101 10.18 -10.29 17.15
CA VAL A 101 10.84 -11.52 17.63
C VAL A 101 12.21 -11.21 18.23
N GLY A 1 -4.13 -25.68 2.34
CA GLY A 1 -3.36 -24.48 2.13
C GLY A 1 -1.89 -24.68 2.42
N SER A 2 -1.56 -24.84 3.70
CA SER A 2 -0.17 -25.04 4.12
C SER A 2 -0.10 -25.38 5.60
N SER A 3 0.88 -26.21 5.96
CA SER A 3 1.06 -26.63 7.35
C SER A 3 1.76 -25.54 8.16
N GLY A 4 1.27 -25.30 9.37
CA GLY A 4 1.86 -24.29 10.22
C GLY A 4 1.90 -22.93 9.55
N SER A 5 0.89 -22.10 9.84
CA SER A 5 0.82 -20.77 9.26
C SER A 5 0.47 -19.73 10.33
N SER A 6 1.43 -18.85 10.61
CA SER A 6 1.24 -17.81 11.61
C SER A 6 0.22 -16.78 11.14
N GLY A 7 -0.90 -16.70 11.83
CA GLY A 7 -1.94 -15.75 11.46
C GLY A 7 -1.37 -14.44 10.96
N ASP A 8 -2.12 -13.76 10.09
CA ASP A 8 -1.68 -12.49 9.54
C ASP A 8 -2.29 -11.32 10.32
N ASN A 9 -1.53 -10.22 10.41
CA ASN A 9 -1.99 -9.04 11.13
C ASN A 9 -1.98 -7.82 10.22
N CYS A 10 -2.90 -7.79 9.26
CA CYS A 10 -2.99 -6.67 8.32
C CYS A 10 -3.47 -5.40 9.03
N ARG A 11 -3.29 -4.27 8.37
CA ARG A 11 -3.70 -2.99 8.94
C ARG A 11 -4.35 -2.10 7.87
N GLU A 12 -5.52 -1.57 8.20
CA GLU A 12 -6.25 -0.71 7.27
C GLU A 12 -5.98 0.76 7.57
N VAL A 13 -5.36 1.45 6.62
CA VAL A 13 -5.07 2.87 6.79
C VAL A 13 -5.75 3.71 5.72
N HIS A 14 -6.73 4.51 6.14
CA HIS A 14 -7.46 5.37 5.22
C HIS A 14 -6.80 6.73 5.10
N LEU A 15 -6.77 7.27 3.89
CA LEU A 15 -6.16 8.58 3.65
C LEU A 15 -7.15 9.52 2.97
N GLU A 16 -6.93 10.83 3.14
CA GLU A 16 -7.81 11.83 2.55
C GLU A 16 -7.02 12.77 1.64
N LYS A 17 -7.20 12.60 0.33
CA LYS A 17 -6.51 13.43 -0.65
C LYS A 17 -7.50 14.33 -1.39
N ARG A 18 -6.97 15.20 -2.24
CA ARG A 18 -7.80 16.11 -3.02
C ARG A 18 -7.90 15.65 -4.47
N ARG A 19 -9.11 15.70 -5.02
CA ARG A 19 -9.34 15.29 -6.41
C ARG A 19 -8.18 15.72 -7.30
N GLY A 20 -7.55 14.74 -7.94
CA GLY A 20 -6.43 15.02 -8.81
C GLY A 20 -5.14 15.26 -8.04
N GLU A 21 -5.02 14.63 -6.88
CA GLU A 21 -3.83 14.78 -6.05
C GLU A 21 -2.97 13.51 -6.09
N GLY A 22 -1.69 13.68 -6.42
CA GLY A 22 -0.80 12.54 -6.50
C GLY A 22 -0.67 11.82 -5.17
N LEU A 23 -1.17 10.59 -5.12
CA LEU A 23 -1.11 9.79 -3.91
C LEU A 23 0.20 10.00 -3.17
N GLY A 24 1.26 10.28 -3.93
CA GLY A 24 2.57 10.50 -3.34
C GLY A 24 3.12 9.26 -2.67
N VAL A 25 3.33 8.21 -3.47
CA VAL A 25 3.86 6.96 -2.94
C VAL A 25 4.70 6.23 -4.00
N ALA A 26 5.95 5.94 -3.64
CA ALA A 26 6.85 5.24 -4.56
C ALA A 26 6.96 3.76 -4.21
N LEU A 27 6.39 2.91 -5.05
CA LEU A 27 6.44 1.48 -4.82
C LEU A 27 7.37 0.79 -5.82
N VAL A 28 7.81 -0.42 -5.47
CA VAL A 28 8.71 -1.18 -6.34
C VAL A 28 8.48 -2.68 -6.18
N GLU A 29 9.05 -3.45 -7.10
CA GLU A 29 8.91 -4.91 -7.07
C GLU A 29 10.00 -5.55 -6.22
N SER A 30 9.59 -6.24 -5.16
CA SER A 30 10.54 -6.90 -4.27
C SER A 30 10.95 -8.27 -4.81
N GLY A 31 10.82 -8.43 -6.12
CA GLY A 31 11.18 -9.69 -6.75
C GLY A 31 10.22 -10.81 -6.40
N TRP A 32 10.10 -11.79 -7.27
CA TRP A 32 9.21 -12.92 -7.05
C TRP A 32 9.67 -13.75 -5.86
N GLY A 33 8.73 -14.07 -4.97
CA GLY A 33 9.05 -14.86 -3.80
C GLY A 33 8.89 -16.35 -4.03
N SER A 34 7.88 -16.93 -3.39
CA SER A 34 7.61 -18.35 -3.52
C SER A 34 6.75 -18.64 -4.75
N LEU A 35 5.81 -17.73 -5.03
CA LEU A 35 4.92 -17.87 -6.18
C LEU A 35 4.84 -16.58 -6.97
N LEU A 36 4.82 -15.45 -6.27
CA LEU A 36 4.75 -14.14 -6.91
C LEU A 36 5.48 -13.09 -6.07
N PRO A 37 5.89 -11.99 -6.73
CA PRO A 37 6.60 -10.90 -6.07
C PRO A 37 5.68 -10.10 -5.14
N THR A 38 6.27 -9.20 -4.37
CA THR A 38 5.51 -8.37 -3.44
C THR A 38 5.79 -6.89 -3.67
N ALA A 39 4.81 -6.05 -3.32
CA ALA A 39 4.96 -4.60 -3.48
C ALA A 39 5.54 -3.97 -2.22
N VAL A 40 6.66 -3.27 -2.39
CA VAL A 40 7.31 -2.60 -1.25
C VAL A 40 7.51 -1.12 -1.53
N ILE A 41 7.19 -0.28 -0.56
CA ILE A 41 7.34 1.16 -0.70
C ILE A 41 8.80 1.54 -0.90
N ALA A 42 9.15 1.86 -2.14
CA ALA A 42 10.52 2.25 -2.47
C ALA A 42 10.88 3.59 -1.82
N ASN A 43 9.91 4.50 -1.79
CA ASN A 43 10.13 5.82 -1.20
C ASN A 43 8.81 6.57 -1.06
N LEU A 44 8.78 7.52 -0.14
CA LEU A 44 7.58 8.32 0.10
C LEU A 44 7.89 9.80 0.07
N LEU A 45 6.91 10.61 -0.32
CA LEU A 45 7.08 12.05 -0.41
C LEU A 45 6.57 12.73 0.85
N HIS A 46 7.49 13.20 1.70
CA HIS A 46 7.13 13.87 2.94
C HIS A 46 6.18 15.03 2.67
N GLY A 47 4.88 14.75 2.63
CA GLY A 47 3.90 15.79 2.38
C GLY A 47 2.67 15.26 1.67
N GLY A 48 2.77 14.05 1.11
CA GLY A 48 1.67 13.46 0.40
C GLY A 48 0.54 13.05 1.33
N PRO A 49 -0.59 12.61 0.75
CA PRO A 49 -1.76 12.17 1.51
C PRO A 49 -1.52 10.86 2.24
N ALA A 50 -0.60 10.05 1.72
CA ALA A 50 -0.28 8.77 2.32
C ALA A 50 0.90 8.89 3.28
N GLU A 51 1.87 9.74 2.91
CA GLU A 51 3.06 9.95 3.74
C GLU A 51 2.70 10.71 5.02
N ARG A 52 1.77 11.66 4.89
CA ARG A 52 1.35 12.46 6.02
C ARG A 52 0.80 11.58 7.14
N SER A 53 0.35 10.38 6.78
CA SER A 53 -0.20 9.45 7.75
C SER A 53 0.77 9.21 8.90
N GLY A 54 2.05 9.09 8.56
CA GLY A 54 3.08 8.87 9.56
C GLY A 54 3.23 7.40 9.92
N ALA A 55 2.16 6.64 9.78
CA ALA A 55 2.18 5.22 10.08
C ALA A 55 2.78 4.42 8.92
N LEU A 56 2.83 5.04 7.75
CA LEU A 56 3.37 4.40 6.56
C LEU A 56 4.71 5.01 6.18
N SER A 57 5.73 4.16 6.06
CA SER A 57 7.07 4.62 5.70
C SER A 57 7.77 3.62 4.79
N ILE A 58 9.01 3.92 4.41
CA ILE A 58 9.78 3.04 3.55
C ILE A 58 9.93 1.65 4.16
N GLY A 59 9.43 0.64 3.46
CA GLY A 59 9.52 -0.72 3.94
C GLY A 59 8.17 -1.43 3.92
N ASP A 60 7.15 -0.78 4.47
CA ASP A 60 5.81 -1.35 4.51
C ASP A 60 5.47 -2.04 3.19
N ARG A 61 4.88 -3.22 3.28
CA ARG A 61 4.50 -3.97 2.10
C ARG A 61 3.00 -3.86 1.83
N LEU A 62 2.65 -3.27 0.69
CA LEU A 62 1.24 -3.10 0.33
C LEU A 62 0.65 -4.41 -0.19
N THR A 63 -0.60 -4.67 0.17
CA THR A 63 -1.28 -5.88 -0.25
C THR A 63 -2.42 -5.56 -1.22
N ALA A 64 -2.98 -4.37 -1.09
CA ALA A 64 -4.08 -3.95 -1.95
C ALA A 64 -4.29 -2.43 -1.86
N ILE A 65 -5.03 -1.89 -2.82
CA ILE A 65 -5.30 -0.46 -2.86
C ILE A 65 -6.80 -0.19 -2.95
N ASN A 66 -7.39 0.26 -1.85
CA ASN A 66 -8.82 0.55 -1.82
C ASN A 66 -9.63 -0.64 -2.29
N GLY A 67 -9.09 -1.84 -2.11
CA GLY A 67 -9.77 -3.04 -2.52
C GLY A 67 -9.07 -3.76 -3.65
N THR A 68 -8.23 -3.03 -4.38
CA THR A 68 -7.48 -3.59 -5.50
C THR A 68 -6.33 -4.46 -5.01
N SER A 69 -6.53 -5.78 -5.01
CA SER A 69 -5.50 -6.70 -4.56
C SER A 69 -4.28 -6.64 -5.47
N LEU A 70 -3.19 -6.11 -4.94
CA LEU A 70 -1.95 -5.98 -5.70
C LEU A 70 -1.00 -7.14 -5.38
N VAL A 71 -1.20 -7.76 -4.23
CA VAL A 71 -0.36 -8.88 -3.80
C VAL A 71 -0.34 -9.97 -4.87
N GLY A 72 0.71 -9.97 -5.69
CA GLY A 72 0.83 -10.96 -6.73
C GLY A 72 0.81 -10.35 -8.12
N LEU A 73 1.29 -9.12 -8.23
CA LEU A 73 1.31 -8.42 -9.51
C LEU A 73 2.63 -7.67 -9.70
N PRO A 74 2.97 -7.38 -10.96
CA PRO A 74 4.20 -6.65 -11.29
C PRO A 74 4.14 -5.18 -10.87
N LEU A 75 5.31 -4.56 -10.75
CA LEU A 75 5.40 -3.16 -10.36
C LEU A 75 4.45 -2.30 -11.19
N ALA A 76 4.40 -2.57 -12.49
CA ALA A 76 3.54 -1.84 -13.40
C ALA A 76 2.11 -1.76 -12.87
N ALA A 77 1.53 -2.93 -12.59
CA ALA A 77 0.17 -3.00 -12.06
C ALA A 77 -0.03 -2.01 -10.92
N CYS A 78 0.87 -2.05 -9.95
CA CYS A 78 0.80 -1.16 -8.79
C CYS A 78 0.97 0.29 -9.22
N GLN A 79 1.93 0.55 -10.10
CA GLN A 79 2.19 1.89 -10.58
C GLN A 79 1.00 2.44 -11.37
N ALA A 80 0.20 1.53 -11.91
CA ALA A 80 -0.98 1.92 -12.67
C ALA A 80 -2.21 2.06 -11.78
N ALA A 81 -2.24 1.27 -10.71
CA ALA A 81 -3.35 1.31 -9.77
C ALA A 81 -3.23 2.49 -8.82
N VAL A 82 -1.99 2.87 -8.50
CA VAL A 82 -1.74 3.98 -7.60
C VAL A 82 -1.96 5.32 -8.31
N ARG A 83 -1.59 5.37 -9.58
CA ARG A 83 -1.74 6.58 -10.37
C ARG A 83 -3.21 6.89 -10.62
N GLU A 84 -4.04 5.85 -10.61
CA GLU A 84 -5.47 6.00 -10.84
C GLU A 84 -6.15 6.65 -9.64
N THR A 85 -5.82 6.16 -8.44
CA THR A 85 -6.40 6.71 -7.22
C THR A 85 -6.26 8.22 -7.16
N LYS A 86 -5.36 8.75 -7.98
CA LYS A 86 -5.13 10.19 -8.03
C LYS A 86 -6.44 10.96 -8.22
N SER A 87 -7.28 10.43 -9.11
CA SER A 87 -8.56 11.06 -9.41
C SER A 87 -9.45 11.10 -8.16
N GLN A 88 -9.44 10.01 -7.41
CA GLN A 88 -10.24 9.91 -6.19
C GLN A 88 -9.68 10.82 -5.10
N THR A 89 -10.42 10.94 -4.00
CA THR A 89 -9.99 11.78 -2.89
C THR A 89 -9.76 10.95 -1.64
N SER A 90 -9.91 9.63 -1.77
CA SER A 90 -9.71 8.73 -0.64
C SER A 90 -8.87 7.53 -1.05
N VAL A 91 -7.90 7.17 -0.21
CA VAL A 91 -7.03 6.04 -0.48
C VAL A 91 -6.76 5.24 0.79
N THR A 92 -7.20 3.98 0.78
CA THR A 92 -7.01 3.10 1.93
C THR A 92 -5.94 2.06 1.65
N LEU A 93 -4.79 2.21 2.29
CA LEU A 93 -3.67 1.28 2.11
C LEU A 93 -3.78 0.12 3.09
N SER A 94 -3.35 -1.06 2.66
CA SER A 94 -3.40 -2.25 3.50
C SER A 94 -2.05 -2.95 3.53
N ILE A 95 -1.37 -2.87 4.67
CA ILE A 95 -0.06 -3.50 4.83
C ILE A 95 -0.07 -4.49 5.99
N VAL A 96 1.02 -5.25 6.12
CA VAL A 96 1.15 -6.23 7.18
C VAL A 96 2.01 -5.70 8.32
N HIS A 97 1.53 -5.89 9.55
CA HIS A 97 2.25 -5.43 10.73
C HIS A 97 2.90 -6.60 11.47
N CYS A 98 4.12 -6.93 11.09
CA CYS A 98 4.85 -8.03 11.71
C CYS A 98 6.22 -7.58 12.18
N PRO A 99 6.44 -7.60 13.51
CA PRO A 99 7.71 -7.19 14.11
C PRO A 99 8.83 -8.18 13.81
N PRO A 100 10.07 -7.67 13.80
CA PRO A 100 11.26 -8.49 13.54
C PRO A 100 11.55 -9.46 14.67
N VAL A 101 11.18 -10.72 14.49
CA VAL A 101 11.41 -11.75 15.49
C VAL A 101 12.00 -13.00 14.87
N GLY A 1 -4.41 -27.06 7.26
CA GLY A 1 -5.07 -26.65 6.03
C GLY A 1 -4.33 -25.51 5.34
N SER A 2 -3.23 -25.85 4.69
CA SER A 2 -2.42 -24.85 3.98
C SER A 2 -3.32 -23.86 3.26
N SER A 3 -3.23 -22.59 3.66
CA SER A 3 -4.03 -21.54 3.05
C SER A 3 -3.50 -21.17 1.67
N GLY A 4 -4.23 -20.31 0.96
CA GLY A 4 -3.81 -19.89 -0.37
C GLY A 4 -2.62 -18.96 -0.33
N SER A 5 -2.62 -18.04 0.64
CA SER A 5 -1.53 -17.09 0.78
C SER A 5 -1.46 -16.54 2.21
N SER A 6 -0.26 -16.14 2.62
CA SER A 6 -0.06 -15.61 3.96
C SER A 6 -0.49 -14.15 4.03
N GLY A 7 -0.84 -13.70 5.24
CA GLY A 7 -1.27 -12.32 5.43
C GLY A 7 -2.73 -12.22 5.82
N ASP A 8 -3.04 -12.67 7.03
CA ASP A 8 -4.41 -12.62 7.53
C ASP A 8 -4.66 -11.32 8.30
N ASN A 9 -3.74 -10.97 9.19
CA ASN A 9 -3.86 -9.76 9.99
C ASN A 9 -3.23 -8.58 9.28
N CYS A 10 -4.05 -7.82 8.56
CA CYS A 10 -3.58 -6.66 7.82
C CYS A 10 -4.14 -5.37 8.42
N ARG A 11 -3.39 -4.28 8.28
CA ARG A 11 -3.81 -2.99 8.81
C ARG A 11 -4.25 -2.06 7.69
N GLU A 12 -5.52 -1.66 7.72
CA GLU A 12 -6.06 -0.77 6.70
C GLU A 12 -5.93 0.69 7.13
N VAL A 13 -5.03 1.41 6.46
CA VAL A 13 -4.81 2.82 6.78
C VAL A 13 -5.47 3.73 5.75
N HIS A 14 -6.54 4.40 6.17
CA HIS A 14 -7.28 5.30 5.28
C HIS A 14 -6.53 6.62 5.12
N LEU A 15 -6.43 7.09 3.88
CA LEU A 15 -5.75 8.35 3.60
C LEU A 15 -6.70 9.37 2.99
N GLU A 16 -6.30 10.62 2.97
CA GLU A 16 -7.13 11.69 2.41
C GLU A 16 -6.32 12.55 1.44
N LYS A 17 -6.62 12.42 0.15
CA LYS A 17 -5.92 13.18 -0.88
C LYS A 17 -6.87 14.17 -1.54
N ARG A 18 -6.31 15.03 -2.40
CA ARG A 18 -7.10 16.03 -3.11
C ARG A 18 -7.34 15.61 -4.55
N ARG A 19 -8.61 15.58 -4.95
CA ARG A 19 -8.97 15.20 -6.31
C ARG A 19 -7.99 15.77 -7.33
N GLY A 20 -7.27 14.89 -8.01
CA GLY A 20 -6.31 15.32 -9.00
C GLY A 20 -4.94 15.61 -8.39
N GLU A 21 -4.63 14.91 -7.31
CA GLU A 21 -3.35 15.09 -6.63
C GLU A 21 -2.59 13.77 -6.53
N GLY A 22 -1.43 13.71 -7.17
CA GLY A 22 -0.61 12.50 -7.13
C GLY A 22 -0.54 11.90 -5.76
N LEU A 23 -0.85 10.60 -5.65
CA LEU A 23 -0.83 9.90 -4.38
C LEU A 23 0.46 10.20 -3.62
N GLY A 24 1.55 10.35 -4.36
CA GLY A 24 2.83 10.65 -3.74
C GLY A 24 3.41 9.46 -3.01
N VAL A 25 3.61 8.36 -3.74
CA VAL A 25 4.16 7.15 -3.14
C VAL A 25 5.03 6.39 -4.15
N ALA A 26 6.22 5.99 -3.72
CA ALA A 26 7.14 5.25 -4.57
C ALA A 26 7.26 3.80 -4.13
N LEU A 27 6.70 2.90 -4.92
CA LEU A 27 6.74 1.47 -4.62
C LEU A 27 7.74 0.75 -5.52
N VAL A 28 7.99 -0.52 -5.21
CA VAL A 28 8.92 -1.33 -6.01
C VAL A 28 8.61 -2.81 -5.88
N GLU A 29 9.45 -3.64 -6.48
CA GLU A 29 9.26 -5.09 -6.43
C GLU A 29 10.39 -5.76 -5.65
N SER A 30 10.05 -6.31 -4.49
CA SER A 30 11.03 -6.98 -3.65
C SER A 30 10.78 -8.48 -3.61
N GLY A 31 11.85 -9.26 -3.67
CA GLY A 31 11.72 -10.71 -3.65
C GLY A 31 13.04 -11.42 -3.88
N TRP A 32 13.27 -12.51 -3.16
CA TRP A 32 14.50 -13.27 -3.30
C TRP A 32 14.34 -14.38 -4.33
N GLY A 33 13.73 -14.04 -5.46
CA GLY A 33 13.53 -15.02 -6.52
C GLY A 33 12.27 -14.75 -7.31
N SER A 34 12.05 -15.55 -8.35
CA SER A 34 10.87 -15.40 -9.19
C SER A 34 9.71 -16.23 -8.67
N LEU A 35 9.39 -16.03 -7.39
CA LEU A 35 8.29 -16.77 -6.76
C LEU A 35 7.04 -15.89 -6.66
N LEU A 36 7.07 -14.93 -5.74
CA LEU A 36 5.94 -14.02 -5.55
C LEU A 36 6.42 -12.62 -5.21
N PRO A 37 6.32 -11.71 -6.19
CA PRO A 37 6.74 -10.31 -6.01
C PRO A 37 5.82 -9.55 -5.08
N THR A 38 6.40 -8.62 -4.32
CA THR A 38 5.62 -7.81 -3.38
C THR A 38 5.84 -6.32 -3.62
N ALA A 39 4.93 -5.50 -3.13
CA ALA A 39 5.02 -4.06 -3.28
C ALA A 39 5.57 -3.40 -2.02
N VAL A 40 6.82 -2.95 -2.07
CA VAL A 40 7.46 -2.31 -0.94
C VAL A 40 7.72 -0.83 -1.22
N ILE A 41 7.16 0.03 -0.37
CA ILE A 41 7.34 1.47 -0.53
C ILE A 41 8.82 1.84 -0.60
N ALA A 42 9.33 2.03 -1.82
CA ALA A 42 10.73 2.39 -2.01
C ALA A 42 11.03 3.76 -1.42
N ASN A 43 10.14 4.71 -1.65
CA ASN A 43 10.31 6.07 -1.15
C ASN A 43 8.97 6.80 -1.07
N LEU A 44 8.92 7.83 -0.23
CA LEU A 44 7.69 8.61 -0.06
C LEU A 44 7.99 10.10 -0.08
N LEU A 45 7.00 10.90 -0.45
CA LEU A 45 7.15 12.35 -0.50
C LEU A 45 6.67 13.00 0.79
N HIS A 46 7.62 13.50 1.58
CA HIS A 46 7.28 14.16 2.83
C HIS A 46 6.27 15.27 2.62
N GLY A 47 4.99 14.93 2.76
CA GLY A 47 3.94 15.92 2.59
C GLY A 47 2.75 15.36 1.83
N GLY A 48 2.96 14.28 1.10
CA GLY A 48 1.89 13.66 0.35
C GLY A 48 0.73 13.24 1.22
N PRO A 49 -0.38 12.83 0.58
CA PRO A 49 -1.59 12.40 1.29
C PRO A 49 -1.38 11.07 2.02
N ALA A 50 -0.48 10.25 1.50
CA ALA A 50 -0.20 8.96 2.10
C ALA A 50 0.89 9.07 3.17
N GLU A 51 1.80 10.02 2.99
CA GLU A 51 2.88 10.23 3.94
C GLU A 51 2.43 11.13 5.08
N ARG A 52 1.64 12.15 4.74
CA ARG A 52 1.15 13.09 5.74
C ARG A 52 0.70 12.35 7.00
N SER A 53 0.25 11.12 6.84
CA SER A 53 -0.20 10.31 7.97
C SER A 53 0.91 10.15 9.01
N GLY A 54 2.11 9.83 8.53
CA GLY A 54 3.24 9.65 9.44
C GLY A 54 3.44 8.20 9.83
N ALA A 55 2.36 7.43 9.81
CA ALA A 55 2.43 6.01 10.16
C ALA A 55 3.09 5.20 9.05
N LEU A 56 2.81 5.56 7.81
CA LEU A 56 3.37 4.87 6.67
C LEU A 56 4.72 5.47 6.27
N SER A 57 5.72 4.60 6.08
CA SER A 57 7.05 5.03 5.70
C SER A 57 7.79 3.93 4.95
N ILE A 58 8.79 4.34 4.16
CA ILE A 58 9.57 3.40 3.38
C ILE A 58 9.76 2.09 4.14
N GLY A 59 9.25 1.00 3.57
CA GLY A 59 9.37 -0.30 4.20
C GLY A 59 8.09 -1.11 4.13
N ASP A 60 7.01 -0.53 4.62
CA ASP A 60 5.72 -1.21 4.61
C ASP A 60 5.47 -1.91 3.28
N ARG A 61 4.76 -3.03 3.32
CA ARG A 61 4.46 -3.79 2.12
C ARG A 61 2.97 -3.80 1.83
N LEU A 62 2.57 -3.12 0.76
CA LEU A 62 1.17 -3.04 0.38
C LEU A 62 0.72 -4.32 -0.30
N THR A 63 -0.49 -4.77 0.03
CA THR A 63 -1.04 -6.00 -0.56
C THR A 63 -2.21 -5.68 -1.48
N ALA A 64 -3.02 -4.71 -1.09
CA ALA A 64 -4.18 -4.31 -1.88
C ALA A 64 -4.44 -2.82 -1.76
N ILE A 65 -5.26 -2.29 -2.67
CA ILE A 65 -5.58 -0.87 -2.66
C ILE A 65 -7.09 -0.65 -2.75
N ASN A 66 -7.71 -0.35 -1.62
CA ASN A 66 -9.15 -0.12 -1.57
C ASN A 66 -9.91 -1.30 -2.15
N GLY A 67 -9.39 -2.50 -1.93
CA GLY A 67 -10.04 -3.70 -2.43
C GLY A 67 -9.26 -4.34 -3.57
N THR A 68 -8.50 -3.52 -4.30
CA THR A 68 -7.72 -4.01 -5.42
C THR A 68 -6.51 -4.82 -4.94
N SER A 69 -6.65 -6.14 -4.92
CA SER A 69 -5.57 -7.01 -4.47
C SER A 69 -4.42 -7.01 -5.48
N LEU A 70 -3.37 -6.27 -5.14
CA LEU A 70 -2.20 -6.19 -6.01
C LEU A 70 -1.27 -7.38 -5.80
N VAL A 71 -1.19 -7.85 -4.56
CA VAL A 71 -0.35 -8.99 -4.23
C VAL A 71 -0.36 -10.03 -5.34
N GLY A 72 0.79 -10.22 -5.97
CA GLY A 72 0.89 -11.20 -7.05
C GLY A 72 0.71 -10.57 -8.42
N LEU A 73 1.22 -9.34 -8.57
CA LEU A 73 1.12 -8.63 -9.85
C LEU A 73 2.39 -7.83 -10.12
N PRO A 74 2.65 -7.56 -11.40
CA PRO A 74 3.82 -6.80 -11.83
C PRO A 74 3.73 -5.32 -11.44
N LEU A 75 4.86 -4.75 -11.03
CA LEU A 75 4.91 -3.35 -10.63
C LEU A 75 3.95 -2.51 -11.46
N ALA A 76 4.05 -2.65 -12.78
CA ALA A 76 3.19 -1.90 -13.69
C ALA A 76 1.76 -1.83 -13.16
N ALA A 77 1.23 -2.96 -12.72
CA ALA A 77 -0.12 -3.02 -12.20
C ALA A 77 -0.30 -2.03 -11.04
N CYS A 78 0.59 -2.11 -10.06
CA CYS A 78 0.53 -1.22 -8.90
C CYS A 78 0.72 0.23 -9.32
N GLN A 79 1.64 0.46 -10.24
CA GLN A 79 1.91 1.81 -10.73
C GLN A 79 0.70 2.39 -11.44
N ALA A 80 -0.07 1.52 -12.10
CA ALA A 80 -1.27 1.94 -12.82
C ALA A 80 -2.40 2.29 -11.85
N ALA A 81 -2.69 1.37 -10.93
CA ALA A 81 -3.74 1.57 -9.95
C ALA A 81 -3.41 2.74 -9.02
N VAL A 82 -2.20 2.73 -8.49
CA VAL A 82 -1.76 3.78 -7.58
C VAL A 82 -1.90 5.16 -8.23
N ARG A 83 -1.81 5.19 -9.56
CA ARG A 83 -1.93 6.44 -10.30
C ARG A 83 -3.38 6.88 -10.41
N GLU A 84 -4.25 5.93 -10.74
CA GLU A 84 -5.67 6.22 -10.87
C GLU A 84 -6.22 6.88 -9.62
N THR A 85 -5.77 6.40 -8.45
CA THR A 85 -6.23 6.95 -7.18
C THR A 85 -6.08 8.47 -7.16
N LYS A 86 -5.27 8.99 -8.06
CA LYS A 86 -5.05 10.43 -8.14
C LYS A 86 -6.37 11.19 -8.17
N SER A 87 -7.43 10.50 -8.54
CA SER A 87 -8.76 11.11 -8.61
C SER A 87 -9.45 11.05 -7.24
N GLN A 88 -9.66 9.83 -6.74
CA GLN A 88 -10.30 9.65 -5.46
C GLN A 88 -9.56 10.39 -4.34
N THR A 89 -10.31 11.06 -3.47
CA THR A 89 -9.72 11.81 -2.38
C THR A 89 -9.48 10.92 -1.16
N SER A 90 -9.74 9.63 -1.33
CA SER A 90 -9.55 8.67 -0.24
C SER A 90 -8.83 7.42 -0.74
N VAL A 91 -7.81 7.00 0.01
CA VAL A 91 -7.03 5.82 -0.34
C VAL A 91 -6.63 5.02 0.89
N THR A 92 -7.11 3.79 0.97
CA THR A 92 -6.81 2.92 2.10
C THR A 92 -5.75 1.90 1.74
N LEU A 93 -4.59 1.99 2.41
CA LEU A 93 -3.49 1.06 2.16
C LEU A 93 -3.58 -0.16 3.07
N SER A 94 -3.27 -1.33 2.52
CA SER A 94 -3.32 -2.57 3.28
C SER A 94 -1.93 -3.19 3.39
N ILE A 95 -1.48 -3.42 4.61
CA ILE A 95 -0.18 -4.03 4.85
C ILE A 95 -0.24 -5.04 5.99
N VAL A 96 0.83 -5.84 6.11
CA VAL A 96 0.89 -6.85 7.17
C VAL A 96 1.58 -6.30 8.41
N HIS A 97 0.82 -6.18 9.50
CA HIS A 97 1.37 -5.67 10.75
C HIS A 97 1.73 -6.82 11.70
N CYS A 98 3.03 -7.07 11.82
CA CYS A 98 3.51 -8.15 12.69
C CYS A 98 4.01 -7.59 14.02
N PRO A 99 3.74 -8.31 15.11
CA PRO A 99 4.15 -7.90 16.46
C PRO A 99 5.66 -8.00 16.64
N PRO A 100 6.17 -7.33 17.69
CA PRO A 100 7.60 -7.32 18.01
C PRO A 100 8.08 -8.68 18.52
N VAL A 101 9.34 -9.00 18.23
CA VAL A 101 9.92 -10.27 18.67
C VAL A 101 10.91 -10.05 19.82
N GLY A 1 -8.80 -25.89 12.68
CA GLY A 1 -9.89 -25.13 13.26
C GLY A 1 -9.97 -25.28 14.77
N SER A 2 -9.06 -24.59 15.46
CA SER A 2 -9.02 -24.66 16.92
C SER A 2 -8.97 -23.25 17.52
N SER A 3 -9.41 -23.13 18.76
CA SER A 3 -9.42 -21.84 19.46
C SER A 3 -8.01 -21.29 19.60
N GLY A 4 -7.86 -19.97 19.47
CA GLY A 4 -6.57 -19.35 19.59
C GLY A 4 -6.50 -18.02 18.88
N SER A 5 -5.67 -17.95 17.84
CA SER A 5 -5.51 -16.72 17.07
C SER A 5 -6.50 -16.67 15.91
N SER A 6 -7.69 -16.13 16.17
CA SER A 6 -8.72 -16.04 15.14
C SER A 6 -8.78 -14.63 14.57
N GLY A 7 -8.33 -14.49 13.33
CA GLY A 7 -8.34 -13.19 12.68
C GLY A 7 -7.38 -13.11 11.51
N ASP A 8 -7.33 -11.96 10.86
CA ASP A 8 -6.44 -11.76 9.72
C ASP A 8 -5.24 -10.91 10.11
N ASN A 9 -4.16 -11.02 9.33
CA ASN A 9 -2.95 -10.26 9.59
C ASN A 9 -2.80 -9.10 8.61
N CYS A 10 -3.48 -8.00 8.92
CA CYS A 10 -3.43 -6.81 8.06
C CYS A 10 -3.98 -5.59 8.79
N ARG A 11 -3.80 -4.42 8.19
CA ARG A 11 -4.27 -3.18 8.79
C ARG A 11 -4.79 -2.23 7.71
N GLU A 12 -5.98 -1.69 7.93
CA GLU A 12 -6.59 -0.76 6.98
C GLU A 12 -6.27 0.69 7.35
N VAL A 13 -5.64 1.40 6.42
CA VAL A 13 -5.26 2.80 6.64
C VAL A 13 -5.91 3.70 5.59
N HIS A 14 -6.95 4.41 5.99
CA HIS A 14 -7.65 5.32 5.08
C HIS A 14 -7.01 6.70 5.10
N LEU A 15 -6.98 7.35 3.94
CA LEU A 15 -6.40 8.68 3.82
C LEU A 15 -7.34 9.63 3.09
N GLU A 16 -7.08 10.93 3.22
CA GLU A 16 -7.91 11.94 2.58
C GLU A 16 -7.05 12.90 1.77
N LYS A 17 -7.11 12.78 0.44
CA LYS A 17 -6.35 13.63 -0.45
C LYS A 17 -7.27 14.51 -1.29
N ARG A 18 -6.68 15.41 -2.07
CA ARG A 18 -7.45 16.31 -2.91
C ARG A 18 -7.41 15.86 -4.36
N ARG A 19 -8.50 16.09 -5.08
CA ARG A 19 -8.60 15.71 -6.48
C ARG A 19 -7.38 16.19 -7.27
N GLY A 20 -6.62 15.25 -7.82
CA GLY A 20 -5.44 15.59 -8.58
C GLY A 20 -4.23 15.83 -7.71
N GLU A 21 -4.18 15.14 -6.57
CA GLU A 21 -3.07 15.28 -5.64
C GLU A 21 -2.21 14.02 -5.62
N GLY A 22 -0.96 14.15 -6.08
CA GLY A 22 -0.07 13.01 -6.11
C GLY A 22 -0.08 12.22 -4.81
N LEU A 23 -0.62 11.01 -4.87
CA LEU A 23 -0.69 10.16 -3.69
C LEU A 23 0.58 10.27 -2.85
N GLY A 24 1.70 10.47 -3.52
CA GLY A 24 2.97 10.59 -2.81
C GLY A 24 3.47 9.26 -2.27
N VAL A 25 3.69 8.31 -3.17
CA VAL A 25 4.17 6.99 -2.78
C VAL A 25 4.99 6.35 -3.90
N ALA A 26 6.27 6.11 -3.63
CA ALA A 26 7.15 5.50 -4.61
C ALA A 26 7.36 4.02 -4.32
N LEU A 27 6.78 3.16 -5.16
CA LEU A 27 6.89 1.72 -4.99
C LEU A 27 7.90 1.14 -5.98
N VAL A 28 8.29 -0.12 -5.75
CA VAL A 28 9.24 -0.80 -6.62
C VAL A 28 8.89 -2.27 -6.78
N GLU A 29 9.73 -3.00 -7.51
CA GLU A 29 9.50 -4.41 -7.75
C GLU A 29 10.50 -5.27 -6.97
N SER A 30 10.01 -5.98 -5.96
CA SER A 30 10.86 -6.83 -5.14
C SER A 30 10.63 -8.30 -5.47
N GLY A 31 11.67 -9.12 -5.25
CA GLY A 31 11.56 -10.54 -5.52
C GLY A 31 12.83 -11.30 -5.19
N TRP A 32 12.94 -11.75 -3.95
CA TRP A 32 14.12 -12.48 -3.50
C TRP A 32 13.83 -13.97 -3.41
N GLY A 33 12.78 -14.31 -2.66
CA GLY A 33 12.40 -15.70 -2.49
C GLY A 33 11.82 -16.30 -3.76
N SER A 34 10.97 -17.31 -3.60
CA SER A 34 10.35 -17.98 -4.73
C SER A 34 8.88 -17.58 -4.86
N LEU A 35 8.15 -17.69 -3.77
CA LEU A 35 6.73 -17.33 -3.75
C LEU A 35 6.50 -16.00 -4.45
N LEU A 36 5.26 -15.76 -4.87
CA LEU A 36 4.91 -14.52 -5.56
C LEU A 36 5.60 -13.34 -4.91
N PRO A 37 5.88 -12.30 -5.71
CA PRO A 37 6.53 -11.08 -5.25
C PRO A 37 5.64 -10.24 -4.33
N THR A 38 6.15 -9.12 -3.87
CA THR A 38 5.40 -8.24 -2.99
C THR A 38 5.66 -6.78 -3.31
N ALA A 39 4.68 -5.92 -3.00
CA ALA A 39 4.81 -4.50 -3.27
C ALA A 39 5.47 -3.77 -2.11
N VAL A 40 6.60 -3.14 -2.37
CA VAL A 40 7.34 -2.40 -1.34
C VAL A 40 7.45 -0.92 -1.69
N ILE A 41 7.56 -0.08 -0.67
CA ILE A 41 7.67 1.35 -0.86
C ILE A 41 9.13 1.77 -0.96
N ALA A 42 9.57 2.10 -2.18
CA ALA A 42 10.94 2.53 -2.40
C ALA A 42 11.23 3.86 -1.72
N ASN A 43 10.29 4.80 -1.85
CA ASN A 43 10.44 6.13 -1.24
C ASN A 43 9.09 6.81 -1.10
N LEU A 44 9.04 7.84 -0.26
CA LEU A 44 7.81 8.58 -0.02
C LEU A 44 8.07 10.09 -0.06
N LEU A 45 7.03 10.85 -0.40
CA LEU A 45 7.14 12.30 -0.48
C LEU A 45 6.75 12.94 0.86
N HIS A 46 7.76 13.31 1.64
CA HIS A 46 7.53 13.94 2.94
C HIS A 46 6.57 15.13 2.80
N GLY A 47 5.29 14.87 3.04
CA GLY A 47 4.30 15.93 2.93
C GLY A 47 3.04 15.48 2.22
N GLY A 48 3.11 14.31 1.59
CA GLY A 48 1.96 13.79 0.88
C GLY A 48 0.87 13.30 1.80
N PRO A 49 -0.27 12.90 1.23
CA PRO A 49 -1.42 12.40 1.99
C PRO A 49 -1.15 11.05 2.64
N ALA A 50 -0.31 10.24 1.98
CA ALA A 50 0.03 8.92 2.50
C ALA A 50 1.19 9.00 3.49
N GLU A 51 2.08 9.96 3.27
CA GLU A 51 3.23 10.14 4.14
C GLU A 51 2.84 10.89 5.42
N ARG A 52 1.98 11.89 5.27
CA ARG A 52 1.53 12.69 6.40
C ARG A 52 0.86 11.80 7.45
N SER A 53 0.24 10.72 6.99
CA SER A 53 -0.45 9.79 7.89
C SER A 53 0.41 9.49 9.11
N GLY A 54 1.72 9.45 8.91
CA GLY A 54 2.64 9.17 10.00
C GLY A 54 2.58 7.71 10.45
N ALA A 55 1.80 6.91 9.74
CA ALA A 55 1.66 5.50 10.06
C ALA A 55 2.32 4.62 8.99
N LEU A 56 2.86 5.26 7.96
CA LEU A 56 3.51 4.54 6.88
C LEU A 56 4.88 5.15 6.57
N SER A 57 5.84 4.30 6.23
CA SER A 57 7.18 4.75 5.92
C SER A 57 7.91 3.74 5.02
N ILE A 58 8.85 4.23 4.22
CA ILE A 58 9.60 3.37 3.32
C ILE A 58 9.84 2.00 3.94
N GLY A 59 9.29 0.97 3.30
CA GLY A 59 9.45 -0.39 3.80
C GLY A 59 8.14 -1.15 3.83
N ASP A 60 7.13 -0.54 4.43
CA ASP A 60 5.81 -1.18 4.53
C ASP A 60 5.46 -1.91 3.24
N ARG A 61 5.10 -3.19 3.38
CA ARG A 61 4.74 -4.01 2.24
C ARG A 61 3.25 -3.91 1.93
N LEU A 62 2.92 -3.25 0.82
CA LEU A 62 1.53 -3.08 0.42
C LEU A 62 0.94 -4.40 -0.07
N THR A 63 -0.34 -4.60 0.22
CA THR A 63 -1.03 -5.82 -0.19
C THR A 63 -2.14 -5.52 -1.18
N ALA A 64 -2.83 -4.40 -0.97
CA ALA A 64 -3.93 -3.99 -1.84
C ALA A 64 -4.22 -2.50 -1.70
N ILE A 65 -4.95 -1.96 -2.67
CA ILE A 65 -5.30 -0.54 -2.65
C ILE A 65 -6.76 -0.33 -3.03
N ASN A 66 -7.51 0.33 -2.15
CA ASN A 66 -8.92 0.60 -2.39
C ASN A 66 -9.67 -0.70 -2.70
N GLY A 67 -9.29 -1.78 -2.03
CA GLY A 67 -9.94 -3.05 -2.24
C GLY A 67 -9.42 -3.77 -3.48
N THR A 68 -8.45 -3.15 -4.14
CA THR A 68 -7.87 -3.73 -5.35
C THR A 68 -6.66 -4.60 -5.00
N SER A 69 -6.89 -5.90 -4.87
CA SER A 69 -5.83 -6.84 -4.54
C SER A 69 -4.60 -6.60 -5.42
N LEU A 70 -3.48 -6.27 -4.78
CA LEU A 70 -2.25 -6.00 -5.50
C LEU A 70 -1.18 -7.04 -5.15
N VAL A 71 -1.50 -7.91 -4.19
CA VAL A 71 -0.58 -8.96 -3.76
C VAL A 71 -0.54 -10.09 -4.78
N GLY A 72 0.47 -10.08 -5.65
CA GLY A 72 0.61 -11.11 -6.66
C GLY A 72 0.60 -10.55 -8.06
N LEU A 73 0.55 -9.22 -8.17
CA LEU A 73 0.54 -8.56 -9.47
C LEU A 73 1.88 -7.93 -9.77
N PRO A 74 2.18 -7.75 -11.07
CA PRO A 74 3.44 -7.14 -11.52
C PRO A 74 3.52 -5.66 -11.19
N LEU A 75 4.72 -5.19 -10.85
CA LEU A 75 4.94 -3.79 -10.52
C LEU A 75 4.03 -2.89 -11.35
N ALA A 76 3.91 -3.21 -12.64
CA ALA A 76 3.07 -2.42 -13.54
C ALA A 76 1.68 -2.21 -12.95
N ALA A 77 1.01 -3.30 -12.59
CA ALA A 77 -0.32 -3.23 -12.01
C ALA A 77 -0.37 -2.23 -10.87
N CYS A 78 0.47 -2.45 -9.87
CA CYS A 78 0.52 -1.56 -8.70
C CYS A 78 0.76 -0.12 -9.12
N GLN A 79 1.74 0.09 -10.00
CA GLN A 79 2.07 1.42 -10.48
C GLN A 79 0.86 2.06 -11.15
N ALA A 80 0.01 1.24 -11.76
CA ALA A 80 -1.18 1.72 -12.44
C ALA A 80 -2.35 1.86 -11.47
N ALA A 81 -2.27 1.14 -10.36
CA ALA A 81 -3.32 1.18 -9.35
C ALA A 81 -3.08 2.31 -8.35
N VAL A 82 -1.82 2.66 -8.15
CA VAL A 82 -1.45 3.73 -7.22
C VAL A 82 -1.63 5.10 -7.86
N ARG A 83 -1.69 5.12 -9.19
CA ARG A 83 -1.86 6.37 -9.92
C ARG A 83 -3.33 6.68 -10.14
N GLU A 84 -4.14 5.63 -10.33
CA GLU A 84 -5.57 5.79 -10.54
C GLU A 84 -6.23 6.44 -9.33
N THR A 85 -5.50 6.48 -8.22
CA THR A 85 -6.01 7.07 -6.99
C THR A 85 -5.83 8.58 -6.97
N LYS A 86 -4.81 9.06 -7.69
CA LYS A 86 -4.52 10.47 -7.76
C LYS A 86 -5.82 11.29 -7.79
N SER A 87 -6.70 10.96 -8.72
CA SER A 87 -7.98 11.66 -8.85
C SER A 87 -8.85 11.43 -7.61
N GLN A 88 -8.85 10.20 -7.12
CA GLN A 88 -9.64 9.85 -5.93
C GLN A 88 -9.20 10.68 -4.73
N THR A 89 -10.15 11.39 -4.12
CA THR A 89 -9.86 12.21 -2.96
C THR A 89 -9.63 11.34 -1.73
N SER A 90 -9.66 10.03 -1.91
CA SER A 90 -9.46 9.10 -0.81
C SER A 90 -8.50 7.98 -1.21
N VAL A 91 -7.83 7.39 -0.22
CA VAL A 91 -6.89 6.32 -0.47
C VAL A 91 -6.77 5.40 0.73
N THR A 92 -7.14 4.13 0.53
CA THR A 92 -7.09 3.14 1.61
C THR A 92 -5.97 2.12 1.37
N LEU A 93 -4.90 2.23 2.14
CA LEU A 93 -3.77 1.32 2.01
C LEU A 93 -3.90 0.15 2.98
N SER A 94 -3.42 -1.02 2.55
CA SER A 94 -3.49 -2.22 3.38
C SER A 94 -2.13 -2.93 3.41
N ILE A 95 -1.49 -2.91 4.57
CA ILE A 95 -0.19 -3.57 4.73
C ILE A 95 -0.27 -4.73 5.71
N VAL A 96 0.78 -5.54 5.75
CA VAL A 96 0.83 -6.69 6.65
C VAL A 96 1.54 -6.33 7.94
N HIS A 97 0.76 -6.08 8.99
CA HIS A 97 1.32 -5.74 10.29
C HIS A 97 0.86 -6.74 11.36
N CYS A 98 1.63 -7.81 11.53
CA CYS A 98 1.31 -8.83 12.51
C CYS A 98 1.03 -8.21 13.88
N PRO A 99 0.08 -8.80 14.61
CA PRO A 99 -0.30 -8.31 15.94
C PRO A 99 0.78 -8.56 16.98
N PRO A 100 0.67 -7.87 18.13
CA PRO A 100 1.64 -8.00 19.23
C PRO A 100 1.55 -9.36 19.92
N VAL A 101 2.50 -9.62 20.81
CA VAL A 101 2.53 -10.89 21.54
C VAL A 101 2.12 -10.69 22.99
N GLY A 1 10.91 -16.82 11.14
CA GLY A 1 9.81 -15.91 10.88
C GLY A 1 8.51 -16.39 11.52
N SER A 2 7.51 -15.53 11.51
CA SER A 2 6.21 -15.85 12.10
C SER A 2 5.08 -15.60 11.10
N SER A 3 3.88 -16.04 11.46
CA SER A 3 2.72 -15.88 10.60
C SER A 3 1.62 -15.10 11.32
N GLY A 4 1.38 -15.44 12.58
CA GLY A 4 0.35 -14.77 13.35
C GLY A 4 -0.55 -15.74 14.09
N SER A 5 -1.33 -15.22 15.03
CA SER A 5 -2.24 -16.05 15.80
C SER A 5 -3.67 -15.51 15.71
N SER A 6 -3.86 -14.27 16.14
CA SER A 6 -5.18 -13.64 16.11
C SER A 6 -5.97 -14.11 14.89
N GLY A 7 -5.42 -13.85 13.70
CA GLY A 7 -6.08 -14.25 12.48
C GLY A 7 -5.33 -13.81 11.24
N ASP A 8 -5.68 -12.64 10.72
CA ASP A 8 -5.03 -12.11 9.52
C ASP A 8 -3.94 -11.11 9.90
N ASN A 9 -2.96 -10.95 9.02
CA ASN A 9 -1.86 -10.04 9.26
C ASN A 9 -1.89 -8.87 8.27
N CYS A 10 -2.56 -7.79 8.66
CA CYS A 10 -2.67 -6.62 7.81
C CYS A 10 -3.02 -5.38 8.63
N ARG A 11 -3.04 -4.22 7.98
CA ARG A 11 -3.36 -2.97 8.65
C ARG A 11 -4.12 -2.02 7.72
N GLU A 12 -5.35 -1.70 8.10
CA GLU A 12 -6.18 -0.82 7.29
C GLU A 12 -5.91 0.65 7.65
N VAL A 13 -5.27 1.36 6.72
CA VAL A 13 -4.95 2.76 6.94
C VAL A 13 -5.60 3.64 5.87
N HIS A 14 -6.67 4.33 6.27
CA HIS A 14 -7.40 5.21 5.35
C HIS A 14 -6.66 6.53 5.18
N LEU A 15 -6.69 7.07 3.97
CA LEU A 15 -6.03 8.34 3.67
C LEU A 15 -6.99 9.31 2.96
N GLU A 16 -6.72 10.60 3.10
CA GLU A 16 -7.55 11.62 2.47
C GLU A 16 -6.72 12.49 1.53
N LYS A 17 -6.90 12.28 0.23
CA LYS A 17 -6.18 13.05 -0.77
C LYS A 17 -7.09 14.06 -1.45
N ARG A 18 -6.51 14.93 -2.27
CA ARG A 18 -7.28 15.94 -2.98
C ARG A 18 -7.52 15.52 -4.44
N ARG A 19 -8.74 15.74 -4.91
CA ARG A 19 -9.10 15.38 -6.29
C ARG A 19 -8.03 15.85 -7.27
N GLY A 20 -7.46 14.90 -8.01
CA GLY A 20 -6.43 15.23 -8.97
C GLY A 20 -5.09 15.47 -8.32
N GLU A 21 -4.84 14.81 -7.20
CA GLU A 21 -3.59 14.94 -6.48
C GLU A 21 -2.82 13.62 -6.47
N GLY A 22 -1.59 13.66 -7.00
CA GLY A 22 -0.77 12.46 -7.06
C GLY A 22 -0.65 11.79 -5.70
N LEU A 23 -1.13 10.56 -5.59
CA LEU A 23 -1.07 9.82 -4.35
C LEU A 23 0.24 10.09 -3.62
N GLY A 24 1.28 10.40 -4.37
CA GLY A 24 2.57 10.68 -3.78
C GLY A 24 3.16 9.48 -3.07
N VAL A 25 3.41 8.41 -3.83
CA VAL A 25 3.97 7.19 -3.27
C VAL A 25 4.83 6.46 -4.29
N ALA A 26 5.91 5.84 -3.81
CA ALA A 26 6.82 5.10 -4.68
C ALA A 26 6.95 3.65 -4.24
N LEU A 27 6.41 2.74 -5.05
CA LEU A 27 6.46 1.32 -4.73
C LEU A 27 7.44 0.59 -5.67
N VAL A 28 7.77 -0.64 -5.31
CA VAL A 28 8.69 -1.44 -6.11
C VAL A 28 8.41 -2.93 -5.95
N GLU A 29 9.22 -3.76 -6.60
CA GLU A 29 9.06 -5.21 -6.53
C GLU A 29 10.06 -5.82 -5.54
N SER A 30 9.59 -6.76 -4.75
CA SER A 30 10.43 -7.43 -3.76
C SER A 30 9.89 -8.82 -3.43
N GLY A 31 10.70 -9.61 -2.73
CA GLY A 31 10.30 -10.95 -2.37
C GLY A 31 11.07 -12.02 -3.12
N TRP A 32 12.38 -11.85 -3.19
CA TRP A 32 13.23 -12.81 -3.90
C TRP A 32 12.86 -14.25 -3.53
N GLY A 33 12.86 -15.12 -4.52
CA GLY A 33 12.52 -16.51 -4.29
C GLY A 33 11.44 -17.02 -5.22
N SER A 34 10.86 -18.17 -4.90
CA SER A 34 9.82 -18.76 -5.72
C SER A 34 8.46 -18.18 -5.36
N LEU A 35 8.16 -18.13 -4.07
CA LEU A 35 6.88 -17.61 -3.59
C LEU A 35 6.53 -16.31 -4.32
N LEU A 36 5.23 -16.03 -4.40
CA LEU A 36 4.76 -14.82 -5.07
C LEU A 36 5.37 -13.57 -4.43
N PRO A 37 5.75 -12.60 -5.28
CA PRO A 37 6.36 -11.35 -4.84
C PRO A 37 5.36 -10.45 -4.10
N THR A 38 5.87 -9.41 -3.47
CA THR A 38 5.03 -8.48 -2.73
C THR A 38 5.39 -7.03 -3.04
N ALA A 39 4.47 -6.12 -2.78
CA ALA A 39 4.69 -4.70 -3.03
C ALA A 39 5.30 -4.01 -1.82
N VAL A 40 6.43 -3.36 -2.02
CA VAL A 40 7.12 -2.66 -0.95
C VAL A 40 7.36 -1.19 -1.30
N ILE A 41 6.99 -0.30 -0.39
CA ILE A 41 7.17 1.13 -0.61
C ILE A 41 8.64 1.49 -0.75
N ALA A 42 9.04 1.85 -1.97
CA ALA A 42 10.43 2.21 -2.24
C ALA A 42 10.77 3.58 -1.64
N ASN A 43 9.84 4.52 -1.77
CA ASN A 43 10.04 5.87 -1.25
C ASN A 43 8.71 6.60 -1.13
N LEU A 44 8.66 7.58 -0.25
CA LEU A 44 7.45 8.38 -0.03
C LEU A 44 7.78 9.85 0.08
N LEU A 45 6.98 10.69 -0.58
CA LEU A 45 7.19 12.13 -0.55
C LEU A 45 6.73 12.72 0.77
N HIS A 46 7.67 12.89 1.70
CA HIS A 46 7.36 13.45 3.01
C HIS A 46 6.43 14.65 2.89
N GLY A 47 5.13 14.40 3.00
CA GLY A 47 4.16 15.47 2.89
C GLY A 47 2.94 15.07 2.08
N GLY A 48 3.00 13.90 1.47
CA GLY A 48 1.89 13.42 0.66
C GLY A 48 0.70 13.01 1.50
N PRO A 49 -0.40 12.64 0.84
CA PRO A 49 -1.63 12.21 1.51
C PRO A 49 -1.48 10.86 2.19
N ALA A 50 -0.62 10.01 1.64
CA ALA A 50 -0.38 8.69 2.19
C ALA A 50 0.81 8.69 3.14
N GLU A 51 1.68 9.69 2.98
CA GLU A 51 2.86 9.81 3.83
C GLU A 51 2.56 10.67 5.05
N ARG A 52 1.74 11.69 4.87
CA ARG A 52 1.38 12.59 5.96
C ARG A 52 0.90 11.81 7.18
N SER A 53 0.30 10.64 6.92
CA SER A 53 -0.21 9.80 8.00
C SER A 53 0.84 9.61 9.08
N GLY A 54 2.08 9.36 8.66
CA GLY A 54 3.17 9.16 9.60
C GLY A 54 3.37 7.70 9.95
N ALA A 55 2.32 6.89 9.78
CA ALA A 55 2.39 5.46 10.08
C ALA A 55 2.99 4.70 8.91
N LEU A 56 2.67 5.14 7.69
CA LEU A 56 3.19 4.49 6.49
C LEU A 56 4.46 5.15 6.01
N SER A 57 5.57 4.42 6.08
CA SER A 57 6.86 4.94 5.64
C SER A 57 7.64 3.89 4.87
N ILE A 58 8.63 4.33 4.10
CA ILE A 58 9.46 3.44 3.30
C ILE A 58 9.66 2.11 4.02
N GLY A 59 9.11 1.04 3.44
CA GLY A 59 9.24 -0.27 4.04
C GLY A 59 7.93 -1.04 4.06
N ASP A 60 6.89 -0.42 4.59
CA ASP A 60 5.57 -1.05 4.66
C ASP A 60 5.19 -1.66 3.32
N ARG A 61 4.86 -2.95 3.33
CA ARG A 61 4.47 -3.66 2.12
C ARG A 61 2.98 -3.52 1.86
N LEU A 62 2.62 -3.18 0.62
CA LEU A 62 1.23 -3.01 0.23
C LEU A 62 0.66 -4.31 -0.32
N THR A 63 -0.58 -4.61 0.06
CA THR A 63 -1.24 -5.83 -0.42
C THR A 63 -2.46 -5.49 -1.28
N ALA A 64 -3.05 -4.33 -1.03
CA ALA A 64 -4.22 -3.89 -1.79
C ALA A 64 -4.47 -2.40 -1.58
N ILE A 65 -5.13 -1.78 -2.56
CA ILE A 65 -5.44 -0.36 -2.48
C ILE A 65 -6.94 -0.11 -2.58
N ASN A 66 -7.54 0.29 -1.46
CA ASN A 66 -8.98 0.55 -1.42
C ASN A 66 -9.76 -0.62 -1.99
N GLY A 67 -9.18 -1.80 -1.92
CA GLY A 67 -9.84 -2.99 -2.44
C GLY A 67 -9.08 -3.63 -3.58
N THR A 68 -8.31 -2.82 -4.31
CA THR A 68 -7.54 -3.31 -5.44
C THR A 68 -6.44 -4.27 -4.97
N SER A 69 -6.75 -5.56 -4.95
CA SER A 69 -5.80 -6.57 -4.52
C SER A 69 -4.58 -6.59 -5.44
N LEU A 70 -3.57 -5.78 -5.10
CA LEU A 70 -2.36 -5.70 -5.89
C LEU A 70 -1.49 -6.93 -5.67
N VAL A 71 -1.55 -7.49 -4.46
CA VAL A 71 -0.76 -8.68 -4.13
C VAL A 71 -0.79 -9.69 -5.27
N GLY A 72 0.40 -10.05 -5.75
CA GLY A 72 0.49 -11.02 -6.83
C GLY A 72 0.34 -10.37 -8.19
N LEU A 73 0.99 -9.24 -8.38
CA LEU A 73 0.92 -8.52 -9.65
C LEU A 73 2.23 -7.78 -9.94
N PRO A 74 2.50 -7.54 -11.22
CA PRO A 74 3.71 -6.85 -11.66
C PRO A 74 3.70 -5.37 -11.28
N LEU A 75 4.86 -4.87 -10.87
CA LEU A 75 4.99 -3.46 -10.47
C LEU A 75 4.11 -2.57 -11.36
N ALA A 76 4.24 -2.74 -12.67
CA ALA A 76 3.45 -1.96 -13.61
C ALA A 76 2.02 -1.76 -13.12
N ALA A 77 1.38 -2.85 -12.72
CA ALA A 77 0.01 -2.80 -12.21
C ALA A 77 -0.12 -1.81 -11.07
N CYS A 78 0.83 -1.88 -10.12
CA CYS A 78 0.81 -0.99 -8.97
C CYS A 78 1.09 0.45 -9.39
N GLN A 79 2.07 0.63 -10.28
CA GLN A 79 2.43 1.95 -10.76
C GLN A 79 1.26 2.60 -11.50
N ALA A 80 0.44 1.77 -12.15
CA ALA A 80 -0.71 2.26 -12.89
C ALA A 80 -1.90 2.50 -11.98
N ALA A 81 -2.18 1.52 -11.11
CA ALA A 81 -3.30 1.61 -10.18
C ALA A 81 -3.08 2.75 -9.19
N VAL A 82 -1.84 2.90 -8.72
CA VAL A 82 -1.51 3.95 -7.77
C VAL A 82 -1.78 5.33 -8.36
N ARG A 83 -1.62 5.44 -9.67
CA ARG A 83 -1.83 6.70 -10.36
C ARG A 83 -3.32 6.99 -10.52
N GLU A 84 -4.08 5.96 -10.90
CA GLU A 84 -5.52 6.10 -11.08
C GLU A 84 -6.17 6.70 -9.84
N THR A 85 -5.69 6.29 -8.67
CA THR A 85 -6.22 6.78 -7.41
C THR A 85 -6.15 8.30 -7.33
N LYS A 86 -5.28 8.89 -8.13
CA LYS A 86 -5.12 10.34 -8.16
C LYS A 86 -6.47 11.03 -8.25
N SER A 87 -7.44 10.36 -8.86
CA SER A 87 -8.78 10.92 -9.02
C SER A 87 -9.52 10.92 -7.68
N GLN A 88 -9.66 9.74 -7.09
CA GLN A 88 -10.36 9.61 -5.81
C GLN A 88 -9.67 10.43 -4.73
N THR A 89 -10.45 10.90 -3.77
CA THR A 89 -9.91 11.71 -2.68
C THR A 89 -9.70 10.87 -1.42
N SER A 90 -9.99 9.57 -1.53
CA SER A 90 -9.83 8.66 -0.40
C SER A 90 -9.14 7.38 -0.84
N VAL A 91 -8.05 7.04 -0.14
CA VAL A 91 -7.29 5.83 -0.45
C VAL A 91 -6.95 5.06 0.81
N THR A 92 -7.32 3.78 0.84
CA THR A 92 -7.05 2.93 1.99
C THR A 92 -5.95 1.92 1.69
N LEU A 93 -4.81 2.08 2.34
CA LEU A 93 -3.68 1.18 2.14
C LEU A 93 -3.75 -0.01 3.10
N SER A 94 -3.34 -1.17 2.61
CA SER A 94 -3.36 -2.39 3.42
C SER A 94 -1.97 -3.03 3.47
N ILE A 95 -1.33 -2.93 4.62
CA ILE A 95 0.01 -3.51 4.80
C ILE A 95 0.06 -4.40 6.02
N VAL A 96 1.19 -5.07 6.21
CA VAL A 96 1.37 -5.97 7.36
C VAL A 96 1.96 -5.21 8.55
N HIS A 97 1.35 -5.39 9.71
CA HIS A 97 1.80 -4.73 10.93
C HIS A 97 2.40 -5.74 11.89
N CYS A 98 3.71 -5.94 11.80
CA CYS A 98 4.42 -6.88 12.66
C CYS A 98 5.81 -6.36 13.01
N PRO A 99 6.24 -6.61 14.25
CA PRO A 99 7.55 -6.18 14.74
C PRO A 99 8.70 -6.95 14.08
N PRO A 100 9.65 -6.20 13.49
CA PRO A 100 10.81 -6.79 12.82
C PRO A 100 11.79 -7.44 13.79
N VAL A 101 12.27 -8.62 13.44
CA VAL A 101 13.21 -9.35 14.28
C VAL A 101 14.51 -9.62 13.53
#